data_7IBH
# 
_entry.id   7IBH 
# 
_audit_conform.dict_name       mmcif_pdbx.dic 
_audit_conform.dict_version    5.408 
_audit_conform.dict_location   http://mmcif.pdb.org/dictionaries/ascii/mmcif_pdbx.dic 
# 
loop_
_database_2.database_id 
_database_2.database_code 
_database_2.pdbx_database_accession 
_database_2.pdbx_DOI 
PDB   7IBH         pdb_00007ibh 10.2210/pdb7ibh/pdb 
WWPDB D_1001408556 ?            ?                   
# 
loop_
_pdbx_audit_revision_history.ordinal 
_pdbx_audit_revision_history.data_content_type 
_pdbx_audit_revision_history.major_revision 
_pdbx_audit_revision_history.minor_revision 
_pdbx_audit_revision_history.revision_date 
_pdbx_audit_revision_history.part_number 
1 'Structure model' 1 0 2025-10-22 ? 
2 'Structure model' 1 1 2025-12-10 ? 
# 
_pdbx_audit_revision_details.ordinal             1 
_pdbx_audit_revision_details.revision_ordinal    1 
_pdbx_audit_revision_details.data_content_type   'Structure model' 
_pdbx_audit_revision_details.provider            repository 
_pdbx_audit_revision_details.type                'Initial release' 
_pdbx_audit_revision_details.description         ? 
_pdbx_audit_revision_details.details             ? 
# 
_pdbx_audit_revision_group.ordinal             1 
_pdbx_audit_revision_group.revision_ordinal    2 
_pdbx_audit_revision_group.data_content_type   'Structure model' 
_pdbx_audit_revision_group.group               'Database references' 
# 
_pdbx_audit_revision_category.ordinal             1 
_pdbx_audit_revision_category.revision_ordinal    2 
_pdbx_audit_revision_category.data_content_type   'Structure model' 
_pdbx_audit_revision_category.category            citation 
# 
loop_
_pdbx_audit_revision_item.ordinal 
_pdbx_audit_revision_item.revision_ordinal 
_pdbx_audit_revision_item.data_content_type 
_pdbx_audit_revision_item.item 
1 2 'Structure model' '_citation.journal_volume' 
2 2 'Structure model' '_citation.page_first'     
3 2 'Structure model' '_citation.page_last'      
# 
loop_
_database_PDB_caveat.id 
_database_PDB_caveat.text 
1 
'Residues LEU A 46 and LYS A 47 that are next to each other in the sample sequence are not properly linked in conformers C and D.' 
2 
'Residues LYS A 47 and ASP A 48 that are next to each other in the sample sequence are not properly linked in conformers C and D.' 
# 
_pdbx_database_status.entry_id                        7IBH 
_pdbx_database_status.status_code                     REL 
_pdbx_database_status.status_code_sf                  REL 
_pdbx_database_status.status_code_mr                  ? 
_pdbx_database_status.status_code_cs                  ? 
_pdbx_database_status.recvd_initial_deposition_date   2025-05-27 
_pdbx_database_status.status_code_nmr_data            ? 
_pdbx_database_status.deposit_site                    RCSB 
_pdbx_database_status.process_site                    RCSB 
_pdbx_database_status.SG_entry                        ? 
_pdbx_database_status.pdb_format_compatible           N 
_pdbx_database_status.methods_development_category    ? 
# 
_pdbx_contact_author.id                 2 
_pdbx_contact_author.name_last          Weiss 
_pdbx_contact_author.name_first         Manfred 
_pdbx_contact_author.name_mi            S. 
_pdbx_contact_author.email              manfred.weiss@helmholtz-berlin.de 
_pdbx_contact_author.identifier_ORCID   0000-0002-2362-7047 
_pdbx_contact_author.role               'principal investigator/group leader' 
# 
loop_
_audit_author.pdbx_ordinal 
_audit_author.name 
_audit_author.identifier_ORCID 
1 'Lennartz, F.' 0000-0001-5617-5502 
2 'Weiss, M.S.'  0000-0002-2362-7047 
# 
_citation.id                        primary 
_citation.title                     
;Crystallographic fragment screening against SARS-CoV-2 nonstructural protein 1 using the F2X-Entry Screen and a newly developed fragment library.
;
_citation.journal_abbrev            'Acta Crystallogr D Struct Biol' 
_citation.journal_volume            81 
_citation.page_first                630 
_citation.page_last                 645 
_citation.year                      2025 
_citation.journal_id_ASTM           ? 
_citation.country                   ? 
_citation.journal_id_ISSN           2059-7983 
_citation.journal_id_CSD            ? 
_citation.book_publisher            ? 
_citation.pdbx_database_id_PubMed   41081353 
_citation.pdbx_database_id_DOI      10.1107/S2059798325008563 
# 
loop_
_citation_author.ordinal 
_citation_author.citation_id 
_citation_author.name 
_citation_author.identifier_ORCID 
1  primary 'Lennartz, F.'    ?                   
2  primary 'Wollenhaupt, J.' 0000-0002-3418-5213 
3  primary 'Oelker, M.'      0000-0001-7301-8445 
4  primary 'Froling, P.'     ?                   
5  primary 'Mueller, U.'     0000-0002-7139-0718 
6  primary 'Deckers, A.'     ?                   
7  primary 'Grathwol, C.'    ?                   
8  primary 'Brase, S.'       ?                   
9  primary 'Jung, N.'        0000-0001-9513-2468 
10 primary 'Weiss, M.S.'     0000-0002-2362-7047 
# 
loop_
_entity.id 
_entity.type 
_entity.src_method 
_entity.pdbx_description 
_entity.formula_weight 
_entity.pdbx_number_of_molecules 
_entity.pdbx_ec 
_entity.pdbx_mutation 
_entity.pdbx_fragment 
_entity.details 
1 polymer     man 'Host translation inhibitor nsp1'                                  12863.854 1  ? ? ? ? 
2 non-polymer syn '(4-bromanyl-5-methyl-thiophen-2-yl)-oxidanyl-oxidanylidene-boron' 219.872   1  ? ? ? ? 
3 water       nat water                                                              18.015    81 ? ? ? ? 
# 
_entity_name_com.entity_id   1 
_entity_name_com.name        'Leader protein,Non-structural protein 1,nsp1' 
# 
_entity_poly.entity_id                      1 
_entity_poly.type                           'polypeptide(L)' 
_entity_poly.nstd_linkage                   no 
_entity_poly.nstd_monomer                   no 
_entity_poly.pdbx_seq_one_letter_code       
;EKTHVQLSLPVLQVRDVLVRGFGDSVEEVLSEARQHLKDGTCGLVEVEKGVLPQLEQPYVFIKRSDARTAPHGHVMVELV
AELEGIQYGRSGETLGVLVPHVGEIPVAYRKVLLRK
;
_entity_poly.pdbx_seq_one_letter_code_can   
;EKTHVQLSLPVLQVRDVLVRGFGDSVEEVLSEARQHLKDGTCGLVEVEKGVLPQLEQPYVFIKRSDARTAPHGHVMVELV
AELEGIQYGRSGETLGVLVPHVGEIPVAYRKVLLRK
;
_entity_poly.pdbx_strand_id                 A 
_entity_poly.pdbx_target_identifier         ? 
# 
loop_
_pdbx_entity_nonpoly.entity_id 
_pdbx_entity_nonpoly.name 
_pdbx_entity_nonpoly.comp_id 
2 '(4-bromanyl-5-methyl-thiophen-2-yl)-oxidanyl-oxidanylidene-boron' A1CS4 
3 water                                                              HOH   
# 
loop_
_entity_poly_seq.entity_id 
_entity_poly_seq.num 
_entity_poly_seq.mon_id 
_entity_poly_seq.hetero 
1 1   GLU n 
1 2   LYS n 
1 3   THR n 
1 4   HIS n 
1 5   VAL n 
1 6   GLN n 
1 7   LEU n 
1 8   SER n 
1 9   LEU n 
1 10  PRO n 
1 11  VAL n 
1 12  LEU n 
1 13  GLN n 
1 14  VAL n 
1 15  ARG n 
1 16  ASP n 
1 17  VAL n 
1 18  LEU n 
1 19  VAL n 
1 20  ARG n 
1 21  GLY n 
1 22  PHE n 
1 23  GLY n 
1 24  ASP n 
1 25  SER n 
1 26  VAL n 
1 27  GLU n 
1 28  GLU n 
1 29  VAL n 
1 30  LEU n 
1 31  SER n 
1 32  GLU n 
1 33  ALA n 
1 34  ARG n 
1 35  GLN n 
1 36  HIS n 
1 37  LEU n 
1 38  LYS n 
1 39  ASP n 
1 40  GLY n 
1 41  THR n 
1 42  CYS n 
1 43  GLY n 
1 44  LEU n 
1 45  VAL n 
1 46  GLU n 
1 47  VAL n 
1 48  GLU n 
1 49  LYS n 
1 50  GLY n 
1 51  VAL n 
1 52  LEU n 
1 53  PRO n 
1 54  GLN n 
1 55  LEU n 
1 56  GLU n 
1 57  GLN n 
1 58  PRO n 
1 59  TYR n 
1 60  VAL n 
1 61  PHE n 
1 62  ILE n 
1 63  LYS n 
1 64  ARG n 
1 65  SER n 
1 66  ASP n 
1 67  ALA n 
1 68  ARG n 
1 69  THR n 
1 70  ALA n 
1 71  PRO n 
1 72  HIS n 
1 73  GLY n 
1 74  HIS n 
1 75  VAL n 
1 76  MET n 
1 77  VAL n 
1 78  GLU n 
1 79  LEU n 
1 80  VAL n 
1 81  ALA n 
1 82  GLU n 
1 83  LEU n 
1 84  GLU n 
1 85  GLY n 
1 86  ILE n 
1 87  GLN n 
1 88  TYR n 
1 89  GLY n 
1 90  ARG n 
1 91  SER n 
1 92  GLY n 
1 93  GLU n 
1 94  THR n 
1 95  LEU n 
1 96  GLY n 
1 97  VAL n 
1 98  LEU n 
1 99  VAL n 
1 100 PRO n 
1 101 HIS n 
1 102 VAL n 
1 103 GLY n 
1 104 GLU n 
1 105 ILE n 
1 106 PRO n 
1 107 VAL n 
1 108 ALA n 
1 109 TYR n 
1 110 ARG n 
1 111 LYS n 
1 112 VAL n 
1 113 LEU n 
1 114 LEU n 
1 115 ARG n 
1 116 LYS n 
# 
_entity_src_gen.entity_id                          1 
_entity_src_gen.pdbx_src_id                        1 
_entity_src_gen.pdbx_alt_source_flag               sample 
_entity_src_gen.pdbx_seq_type                      'Biological sequence' 
_entity_src_gen.pdbx_beg_seq_num                   1 
_entity_src_gen.pdbx_end_seq_num                   116 
_entity_src_gen.gene_src_common_name               ? 
_entity_src_gen.gene_src_genus                     ? 
_entity_src_gen.pdbx_gene_src_gene                 'rep, 1a-1b' 
_entity_src_gen.gene_src_species                   ? 
_entity_src_gen.gene_src_strain                    ? 
_entity_src_gen.gene_src_tissue                    ? 
_entity_src_gen.gene_src_tissue_fraction           ? 
_entity_src_gen.gene_src_details                   ? 
_entity_src_gen.pdbx_gene_src_fragment             ? 
_entity_src_gen.pdbx_gene_src_scientific_name      'Severe acute respiratory syndrome coronavirus 2' 
_entity_src_gen.pdbx_gene_src_ncbi_taxonomy_id     2697049 
_entity_src_gen.pdbx_gene_src_variant              ? 
_entity_src_gen.pdbx_gene_src_cell_line            ? 
_entity_src_gen.pdbx_gene_src_atcc                 ? 
_entity_src_gen.pdbx_gene_src_organ                ? 
_entity_src_gen.pdbx_gene_src_organelle            ? 
_entity_src_gen.pdbx_gene_src_cell                 ? 
_entity_src_gen.pdbx_gene_src_cellular_location    ? 
_entity_src_gen.host_org_common_name               ? 
_entity_src_gen.pdbx_host_org_scientific_name      'Escherichia coli BL21(DE3)' 
_entity_src_gen.pdbx_host_org_ncbi_taxonomy_id     469008 
_entity_src_gen.host_org_genus                     ? 
_entity_src_gen.pdbx_host_org_gene                 ? 
_entity_src_gen.pdbx_host_org_organ                ? 
_entity_src_gen.host_org_species                   ? 
_entity_src_gen.pdbx_host_org_tissue               ? 
_entity_src_gen.pdbx_host_org_tissue_fraction      ? 
_entity_src_gen.pdbx_host_org_strain               ? 
_entity_src_gen.pdbx_host_org_variant              ? 
_entity_src_gen.pdbx_host_org_cell_line            ? 
_entity_src_gen.pdbx_host_org_atcc                 ? 
_entity_src_gen.pdbx_host_org_culture_collection   ? 
_entity_src_gen.pdbx_host_org_cell                 ? 
_entity_src_gen.pdbx_host_org_organelle            ? 
_entity_src_gen.pdbx_host_org_cellular_location    ? 
_entity_src_gen.pdbx_host_org_vector_type          plasmid 
_entity_src_gen.pdbx_host_org_vector               ? 
_entity_src_gen.host_org_details                   ? 
_entity_src_gen.expression_system_id               ? 
_entity_src_gen.plasmid_name                       pET15b 
_entity_src_gen.plasmid_details                    ? 
_entity_src_gen.pdbx_description                   ? 
# 
loop_
_chem_comp.id 
_chem_comp.type 
_chem_comp.mon_nstd_flag 
_chem_comp.name 
_chem_comp.pdbx_synonyms 
_chem_comp.formula 
_chem_comp.formula_weight 
A1CS4 non-polymer         . '(4-bromanyl-5-methyl-thiophen-2-yl)-oxidanyl-oxidanylidene-boron' ? 'C5 H5 B Br O2 S' 219.872 
ALA   'L-peptide linking' y ALANINE                                                            ? 'C3 H7 N O2'      89.093  
ARG   'L-peptide linking' y ARGININE                                                           ? 'C6 H15 N4 O2 1'  175.209 
ASP   'L-peptide linking' y 'ASPARTIC ACID'                                                    ? 'C4 H7 N O4'      133.103 
CYS   'L-peptide linking' y CYSTEINE                                                           ? 'C3 H7 N O2 S'    121.158 
GLN   'L-peptide linking' y GLUTAMINE                                                          ? 'C5 H10 N2 O3'    146.144 
GLU   'L-peptide linking' y 'GLUTAMIC ACID'                                                    ? 'C5 H9 N O4'      147.129 
GLY   'peptide linking'   y GLYCINE                                                            ? 'C2 H5 N O2'      75.067  
HIS   'L-peptide linking' y HISTIDINE                                                          ? 'C6 H10 N3 O2 1'  156.162 
HOH   non-polymer         . WATER                                                              ? 'H2 O'            18.015  
ILE   'L-peptide linking' y ISOLEUCINE                                                         ? 'C6 H13 N O2'     131.173 
LEU   'L-peptide linking' y LEUCINE                                                            ? 'C6 H13 N O2'     131.173 
LYS   'L-peptide linking' y LYSINE                                                             ? 'C6 H15 N2 O2 1'  147.195 
MET   'L-peptide linking' y METHIONINE                                                         ? 'C5 H11 N O2 S'   149.211 
PHE   'L-peptide linking' y PHENYLALANINE                                                      ? 'C9 H11 N O2'     165.189 
PRO   'L-peptide linking' y PROLINE                                                            ? 'C5 H9 N O2'      115.130 
SER   'L-peptide linking' y SERINE                                                             ? 'C3 H7 N O3'      105.093 
THR   'L-peptide linking' y THREONINE                                                          ? 'C4 H9 N O3'      119.119 
TYR   'L-peptide linking' y TYROSINE                                                           ? 'C9 H11 N O3'     181.189 
VAL   'L-peptide linking' y VALINE                                                             ? 'C5 H11 N O2'     117.146 
# 
loop_
_pdbx_poly_seq_scheme.asym_id 
_pdbx_poly_seq_scheme.entity_id 
_pdbx_poly_seq_scheme.seq_id 
_pdbx_poly_seq_scheme.mon_id 
_pdbx_poly_seq_scheme.ndb_seq_num 
_pdbx_poly_seq_scheme.pdb_seq_num 
_pdbx_poly_seq_scheme.auth_seq_num 
_pdbx_poly_seq_scheme.pdb_mon_id 
_pdbx_poly_seq_scheme.auth_mon_id 
_pdbx_poly_seq_scheme.pdb_strand_id 
_pdbx_poly_seq_scheme.pdb_ins_code 
_pdbx_poly_seq_scheme.hetero 
A 1 1   GLU 1   10  ?   ?   ?   A . n 
A 1 2   LYS 2   11  11  LYS LYS A . n 
A 1 3   THR 3   12  12  THR THR A . n 
A 1 4   HIS 4   13  13  HIS HIS A . n 
A 1 5   VAL 5   14  14  VAL VAL A . n 
A 1 6   GLN 6   15  15  GLN GLN A . n 
A 1 7   LEU 7   16  16  LEU LEU A . n 
A 1 8   SER 8   17  17  SER SER A . n 
A 1 9   LEU 9   18  18  LEU LEU A . n 
A 1 10  PRO 10  19  19  PRO PRO A . n 
A 1 11  VAL 11  20  20  VAL VAL A . n 
A 1 12  LEU 12  21  21  LEU LEU A . n 
A 1 13  GLN 13  22  22  GLN GLN A . n 
A 1 14  VAL 14  23  23  VAL VAL A . n 
A 1 15  ARG 15  24  24  ARG ARG A . n 
A 1 16  ASP 16  25  25  ASP ASP A . n 
A 1 17  VAL 17  26  26  VAL VAL A . n 
A 1 18  LEU 18  27  27  LEU LEU A . n 
A 1 19  VAL 19  28  28  VAL VAL A . n 
A 1 20  ARG 20  29  29  ARG ARG A . n 
A 1 21  GLY 21  30  30  GLY GLY A . n 
A 1 22  PHE 22  31  31  PHE PHE A . n 
A 1 23  GLY 23  32  32  GLY GLY A . n 
A 1 24  ASP 24  33  33  ASP ASP A . n 
A 1 25  SER 25  34  34  SER SER A . n 
A 1 26  VAL 26  35  35  VAL VAL A . n 
A 1 27  GLU 27  36  36  GLU GLU A . n 
A 1 28  GLU 28  37  37  GLU GLU A . n 
A 1 29  VAL 29  38  38  VAL VAL A . n 
A 1 30  LEU 30  39  39  LEU LEU A . n 
A 1 31  SER 31  40  40  SER SER A . n 
A 1 32  GLU 32  41  41  GLU GLU A . n 
A 1 33  ALA 33  42  42  ALA ALA A . n 
A 1 34  ARG 34  43  43  ARG ARG A . n 
A 1 35  GLN 35  44  44  GLN GLN A . n 
A 1 36  HIS 36  45  45  HIS HIS A . n 
A 1 37  LEU 37  46  46  LEU LEU A . n 
A 1 38  LYS 38  47  47  LYS LYS A . n 
A 1 39  ASP 39  48  48  ASP ASP A . n 
A 1 40  GLY 40  49  49  GLY GLY A . n 
A 1 41  THR 41  50  50  THR THR A . n 
A 1 42  CYS 42  51  51  CYS CYS A . n 
A 1 43  GLY 43  52  52  GLY GLY A . n 
A 1 44  LEU 44  53  53  LEU LEU A . n 
A 1 45  VAL 45  54  54  VAL VAL A . n 
A 1 46  GLU 46  55  55  GLU GLU A . n 
A 1 47  VAL 47  56  56  VAL VAL A . n 
A 1 48  GLU 48  57  57  GLU GLU A . n 
A 1 49  LYS 49  58  58  LYS LYS A . n 
A 1 50  GLY 50  59  59  GLY GLY A . n 
A 1 51  VAL 51  60  60  VAL VAL A . n 
A 1 52  LEU 52  61  61  LEU LEU A . n 
A 1 53  PRO 53  62  62  PRO PRO A . n 
A 1 54  GLN 54  63  63  GLN GLN A . n 
A 1 55  LEU 55  64  64  LEU LEU A . n 
A 1 56  GLU 56  65  65  GLU GLU A . n 
A 1 57  GLN 57  66  66  GLN GLN A . n 
A 1 58  PRO 58  67  67  PRO PRO A . n 
A 1 59  TYR 59  68  68  TYR TYR A . n 
A 1 60  VAL 60  69  69  VAL VAL A . n 
A 1 61  PHE 61  70  70  PHE PHE A . n 
A 1 62  ILE 62  71  71  ILE ILE A . n 
A 1 63  LYS 63  72  72  LYS LYS A . n 
A 1 64  ARG 64  73  73  ARG ARG A . n 
A 1 65  SER 65  74  74  SER SER A . n 
A 1 66  ASP 66  75  75  ASP ASP A . n 
A 1 67  ALA 67  76  76  ALA ALA A . n 
A 1 68  ARG 68  77  ?   ?   ?   A . n 
A 1 69  THR 69  78  ?   ?   ?   A . n 
A 1 70  ALA 70  79  79  ALA ALA A . n 
A 1 71  PRO 71  80  80  PRO PRO A . n 
A 1 72  HIS 72  81  81  HIS HIS A . n 
A 1 73  GLY 73  82  82  GLY GLY A . n 
A 1 74  HIS 74  83  83  HIS HIS A . n 
A 1 75  VAL 75  84  84  VAL VAL A . n 
A 1 76  MET 76  85  85  MET MET A . n 
A 1 77  VAL 77  86  86  VAL VAL A . n 
A 1 78  GLU 78  87  87  GLU GLU A . n 
A 1 79  LEU 79  88  88  LEU LEU A . n 
A 1 80  VAL 80  89  89  VAL VAL A . n 
A 1 81  ALA 81  90  90  ALA ALA A . n 
A 1 82  GLU 82  91  91  GLU GLU A . n 
A 1 83  LEU 83  92  92  LEU LEU A . n 
A 1 84  GLU 84  93  93  GLU GLU A . n 
A 1 85  GLY 85  94  94  GLY GLY A . n 
A 1 86  ILE 86  95  95  ILE ILE A . n 
A 1 87  GLN 87  96  96  GLN GLN A . n 
A 1 88  TYR 88  97  97  TYR TYR A . n 
A 1 89  GLY 89  98  98  GLY GLY A . n 
A 1 90  ARG 90  99  99  ARG ARG A . n 
A 1 91  SER 91  100 100 SER SER A . n 
A 1 92  GLY 92  101 101 GLY GLY A . n 
A 1 93  GLU 93  102 102 GLU GLU A . n 
A 1 94  THR 94  103 103 THR THR A . n 
A 1 95  LEU 95  104 104 LEU LEU A . n 
A 1 96  GLY 96  105 105 GLY GLY A . n 
A 1 97  VAL 97  106 106 VAL VAL A . n 
A 1 98  LEU 98  107 107 LEU LEU A . n 
A 1 99  VAL 99  108 108 VAL VAL A . n 
A 1 100 PRO 100 109 109 PRO PRO A . n 
A 1 101 HIS 101 110 110 HIS HIS A . n 
A 1 102 VAL 102 111 111 VAL VAL A . n 
A 1 103 GLY 103 112 112 GLY GLY A . n 
A 1 104 GLU 104 113 113 GLU GLU A . n 
A 1 105 ILE 105 114 114 ILE ILE A . n 
A 1 106 PRO 106 115 115 PRO PRO A . n 
A 1 107 VAL 107 116 116 VAL VAL A . n 
A 1 108 ALA 108 117 117 ALA ALA A . n 
A 1 109 TYR 109 118 118 TYR TYR A . n 
A 1 110 ARG 110 119 119 ARG ARG A . n 
A 1 111 LYS 111 120 120 LYS LYS A . n 
A 1 112 VAL 112 121 121 VAL VAL A . n 
A 1 113 LEU 113 122 122 LEU LEU A . n 
A 1 114 LEU 114 123 123 LEU LEU A . n 
A 1 115 ARG 115 124 124 ARG ARG A . n 
A 1 116 LYS 116 125 125 LYS LYS A . n 
# 
loop_
_pdbx_nonpoly_scheme.asym_id 
_pdbx_nonpoly_scheme.entity_id 
_pdbx_nonpoly_scheme.mon_id 
_pdbx_nonpoly_scheme.ndb_seq_num 
_pdbx_nonpoly_scheme.pdb_seq_num 
_pdbx_nonpoly_scheme.auth_seq_num 
_pdbx_nonpoly_scheme.pdb_mon_id 
_pdbx_nonpoly_scheme.auth_mon_id 
_pdbx_nonpoly_scheme.pdb_strand_id 
_pdbx_nonpoly_scheme.pdb_ins_code 
B 2 A1CS4 1  201 210 A1CS4 LIG A . 
C 3 HOH   1  301 26  HOH   HOH A . 
C 3 HOH   2  302 28  HOH   HOH A . 
C 3 HOH   3  303 68  HOH   HOH A . 
C 3 HOH   4  304 21  HOH   HOH A . 
C 3 HOH   5  305 14  HOH   HOH A . 
C 3 HOH   6  306 19  HOH   HOH A . 
C 3 HOH   7  307 23  HOH   HOH A . 
C 3 HOH   8  308 71  HOH   HOH A . 
C 3 HOH   9  309 80  HOH   HOH A . 
C 3 HOH   10 310 44  HOH   HOH A . 
C 3 HOH   11 311 42  HOH   HOH A . 
C 3 HOH   12 312 37  HOH   HOH A . 
C 3 HOH   13 313 81  HOH   HOH A . 
C 3 HOH   14 314 72  HOH   HOH A . 
C 3 HOH   15 315 74  HOH   HOH A . 
C 3 HOH   16 316 73  HOH   HOH A . 
C 3 HOH   17 317 43  HOH   HOH A . 
C 3 HOH   18 318 64  HOH   HOH A . 
C 3 HOH   19 319 9   HOH   HOH A . 
C 3 HOH   20 320 40  HOH   HOH A . 
C 3 HOH   21 321 77  HOH   HOH A . 
C 3 HOH   22 322 12  HOH   HOH A . 
C 3 HOH   23 323 16  HOH   HOH A . 
C 3 HOH   24 324 2   HOH   HOH A . 
C 3 HOH   25 325 46  HOH   HOH A . 
C 3 HOH   26 326 79  HOH   HOH A . 
C 3 HOH   27 327 7   HOH   HOH A . 
C 3 HOH   28 328 66  HOH   HOH A . 
C 3 HOH   29 329 8   HOH   HOH A . 
C 3 HOH   30 330 3   HOH   HOH A . 
C 3 HOH   31 331 35  HOH   HOH A . 
C 3 HOH   32 332 22  HOH   HOH A . 
C 3 HOH   33 333 45  HOH   HOH A . 
C 3 HOH   34 334 15  HOH   HOH A . 
C 3 HOH   35 335 6   HOH   HOH A . 
C 3 HOH   36 336 36  HOH   HOH A . 
C 3 HOH   37 337 4   HOH   HOH A . 
C 3 HOH   38 338 39  HOH   HOH A . 
C 3 HOH   39 339 78  HOH   HOH A . 
C 3 HOH   40 340 25  HOH   HOH A . 
C 3 HOH   41 341 69  HOH   HOH A . 
C 3 HOH   42 342 17  HOH   HOH A . 
C 3 HOH   43 343 27  HOH   HOH A . 
C 3 HOH   44 344 58  HOH   HOH A . 
C 3 HOH   45 345 51  HOH   HOH A . 
C 3 HOH   46 346 24  HOH   HOH A . 
C 3 HOH   47 347 60  HOH   HOH A . 
C 3 HOH   48 348 13  HOH   HOH A . 
C 3 HOH   49 349 10  HOH   HOH A . 
C 3 HOH   50 350 49  HOH   HOH A . 
C 3 HOH   51 351 20  HOH   HOH A . 
C 3 HOH   52 352 55  HOH   HOH A . 
C 3 HOH   53 353 30  HOH   HOH A . 
C 3 HOH   54 354 48  HOH   HOH A . 
C 3 HOH   55 355 18  HOH   HOH A . 
C 3 HOH   56 356 1   HOH   HOH A . 
C 3 HOH   57 357 29  HOH   HOH A . 
C 3 HOH   58 358 31  HOH   HOH A . 
C 3 HOH   59 359 63  HOH   HOH A . 
C 3 HOH   60 360 56  HOH   HOH A . 
C 3 HOH   61 361 50  HOH   HOH A . 
C 3 HOH   62 362 47  HOH   HOH A . 
C 3 HOH   63 363 41  HOH   HOH A . 
C 3 HOH   64 364 34  HOH   HOH A . 
C 3 HOH   65 365 5   HOH   HOH A . 
C 3 HOH   66 366 57  HOH   HOH A . 
C 3 HOH   67 367 61  HOH   HOH A . 
C 3 HOH   68 368 11  HOH   HOH A . 
C 3 HOH   69 369 33  HOH   HOH A . 
C 3 HOH   70 370 32  HOH   HOH A . 
C 3 HOH   71 371 38  HOH   HOH A . 
C 3 HOH   72 372 76  HOH   HOH A . 
C 3 HOH   73 373 62  HOH   HOH A . 
C 3 HOH   74 374 54  HOH   HOH A . 
C 3 HOH   75 375 52  HOH   HOH A . 
C 3 HOH   76 376 53  HOH   HOH A . 
C 3 HOH   77 377 65  HOH   HOH A . 
C 3 HOH   78 378 59  HOH   HOH A . 
C 3 HOH   79 379 70  HOH   HOH A . 
C 3 HOH   80 380 67  HOH   HOH A . 
C 3 HOH   81 381 75  HOH   HOH A . 
# 
loop_
_pdbx_unobs_or_zero_occ_atoms.id 
_pdbx_unobs_or_zero_occ_atoms.PDB_model_num 
_pdbx_unobs_or_zero_occ_atoms.polymer_flag 
_pdbx_unobs_or_zero_occ_atoms.occupancy_flag 
_pdbx_unobs_or_zero_occ_atoms.auth_asym_id 
_pdbx_unobs_or_zero_occ_atoms.auth_comp_id 
_pdbx_unobs_or_zero_occ_atoms.auth_seq_id 
_pdbx_unobs_or_zero_occ_atoms.PDB_ins_code 
_pdbx_unobs_or_zero_occ_atoms.auth_atom_id 
_pdbx_unobs_or_zero_occ_atoms.label_alt_id 
_pdbx_unobs_or_zero_occ_atoms.label_asym_id 
_pdbx_unobs_or_zero_occ_atoms.label_comp_id 
_pdbx_unobs_or_zero_occ_atoms.label_seq_id 
_pdbx_unobs_or_zero_occ_atoms.label_atom_id 
1 1 Y 1 A LYS 125 ? CG ? A LYS 116 CG 
2 1 Y 1 A LYS 125 ? CD ? A LYS 116 CD 
3 1 Y 1 A LYS 125 ? CE ? A LYS 116 CE 
4 1 Y 1 A LYS 125 ? NZ ? A LYS 116 NZ 
# 
loop_
_software.classification 
_software.name 
_software.version 
_software.citation_id 
_software.pdbx_ordinal 
refinement       REFMAC 5.8.0267 ? 1 
phasing          PHASER .        ? 2 
'data scaling'   XDS    .        ? 3 
'data reduction' XDS    .        ? 4 
# 
_cell.entry_id           7IBH 
_cell.length_a           36.420 
_cell.length_b           36.420 
_cell.length_c           140.880 
_cell.angle_alpha        90.00 
_cell.angle_beta         90.00 
_cell.angle_gamma        90.00 
_cell.Z_PDB              8 
_cell.pdbx_unique_axis   ? 
# 
_symmetry.entry_id                         7IBH 
_symmetry.space_group_name_H-M             'P 43 21 2' 
_symmetry.pdbx_full_space_group_name_H-M   ? 
_symmetry.cell_setting                     ? 
_symmetry.Int_Tables_number                96 
# 
_exptl.entry_id          7IBH 
_exptl.method            'X-RAY DIFFRACTION' 
_exptl.crystals_number   1 
# 
_exptl_crystal.id                    1 
_exptl_crystal.density_Matthews      1.82 
_exptl_crystal.density_percent_sol   32.41 
_exptl_crystal.density_meas          ? 
_exptl_crystal.description           ? 
# 
_exptl_crystal_grow.crystal_id      1 
_exptl_crystal_grow.method          'VAPOR DIFFUSION, SITTING DROP' 
_exptl_crystal_grow.pdbx_details    '0.1 M HEPES pH 7.5 and 25% (w/v) PEG 3350. Reproducibility was improved by seeding.' 
_exptl_crystal_grow.temp            293 
_exptl_crystal_grow.pH              7.5 
_exptl_crystal_grow.temp_details    ? 
_exptl_crystal_grow.pdbx_pH_range   ? 
# 
_diffrn.id                     1 
_diffrn.ambient_temp           100 
_diffrn.crystal_id             1 
_diffrn.ambient_temp_details   ? 
# 
_diffrn_detector.diffrn_id              1 
_diffrn_detector.detector               PIXEL 
_diffrn_detector.pdbx_collection_date   2023-05-02 
_diffrn_detector.type                   'DECTRIS PILATUS3 6M' 
_diffrn_detector.id                     1 
_diffrn_detector.details                ? 
# 
_diffrn_radiation.diffrn_id                        1 
_diffrn_radiation.pdbx_diffrn_protocol             'SINGLE WAVELENGTH' 
_diffrn_radiation.pdbx_monochromatic_or_laue_m_l   M 
_diffrn_radiation.pdbx_scattering_type             x-ray 
_diffrn_radiation.wavelength_id                    1 
_diffrn_radiation.monochromator                    ? 
# 
_diffrn_radiation_wavelength.id           1 
_diffrn_radiation_wavelength.wavelength   0.9184 
_diffrn_radiation_wavelength.wt           1.0 
# 
_diffrn_source.diffrn_id                   1 
_diffrn_source.pdbx_wavelength_list        0.9184 
_diffrn_source.source                      SYNCHROTRON 
_diffrn_source.type                        'BESSY BEAMLINE 14.1' 
_diffrn_source.pdbx_synchrotron_site       BESSY 
_diffrn_source.pdbx_synchrotron_beamline   14.1 
_diffrn_source.pdbx_wavelength             ? 
# 
_reflns.entry_id                     7IBH 
_reflns.pdbx_diffrn_id               1 
_reflns.pdbx_ordinal                 1 
_reflns.d_resolution_low             35.26 
_reflns.d_resolution_high            2.03 
_reflns.number_obs                   6699 
_reflns.percent_possible_obs         100.0 
_reflns.pdbx_Rmerge_I_obs            0.134 
_reflns.pdbx_netI_over_sigmaI        12.17 
_reflns.pdbx_Rrim_I_all              0.14 
_reflns.pdbx_CC_half                 0.9990000000000001 
_reflns.pdbx_number_measured_all     81543 
_reflns.observed_criterion_sigma_I   ? 
_reflns.observed_criterion_sigma_F   ? 
_reflns.number_all                   ? 
_reflns.pdbx_Rsym_value              ? 
_reflns.B_iso_Wilson_estimate        ? 
_reflns.pdbx_redundancy              ? 
# 
loop_
_reflns_shell.pdbx_diffrn_id 
_reflns_shell.pdbx_ordinal 
_reflns_shell.d_res_high 
_reflns_shell.d_res_low 
_reflns_shell.number_measured_obs 
_reflns_shell.number_unique_obs 
_reflns_shell.Rmerge_I_obs 
_reflns_shell.percent_possible_obs 
_reflns_shell.pdbx_netI_over_sigmaI_obs 
_reflns_shell.pdbx_Rrim_I_all 
_reflns_shell.pdbx_CC_half 
_reflns_shell.percent_possible_all 
_reflns_shell.pdbx_Rsym_value 
_reflns_shell.meanI_over_sigI_obs 
_reflns_shell.pdbx_redundancy 
1 1 2.03 2.15 13379 1042 2.556              100.0 0.96  2.661 0.415              ? ? ? ? 
1 2 2.15 2.3  12231 973  1.4169999999999998 99.9  1.77  1.476 0.679              ? ? ? ? 
1 3 2.30 2.48 10720 911  0.991              99.9  2.48  1.036 0.8079999999999999 ? ? ? ? 
1 4 2.48 2.72 11287 863  0.5820000000000001 100.0 4.47  0.606 0.948              ? ? ? ? 
1 5 2.72 3.04 10026 797  0.322              100.0 7.93  0.336 0.983              ? ? ? ? 
1 6 3.04 3.51 7798  689  0.138              100.0 16.32 0.145 0.996              ? ? ? ? 
1 7 3.51 4.28 7473  614  0.067              99.8  32.61 0.07  0.9990000000000001 ? ? ? ? 
1 8 4.28 6.01 5589  494  0.048              100.0 40.73 0.05  0.9990000000000001 ? ? ? ? 
1 9 6.01 ?    3029  315  0.038              99.7  47.48 0.04  1.0                ? ? ? ? 
# 
_refine.pdbx_refine_id                           'X-RAY DIFFRACTION' 
_refine.entry_id                                 7IBH 
_refine.pdbx_diffrn_id                           1 
_refine.pdbx_TLS_residual_ADP_flag               ? 
_refine.ls_number_reflns_obs                     6364 
_refine.ls_number_reflns_all                     ? 
_refine.pdbx_ls_sigma_I                          ? 
_refine.pdbx_ls_sigma_F                          ? 
_refine.pdbx_data_cutoff_high_absF               ? 
_refine.pdbx_data_cutoff_low_absF                ? 
_refine.pdbx_data_cutoff_high_rms_absF           ? 
_refine.ls_d_res_low                             35.26 
_refine.ls_d_res_high                            2.03 
_refine.ls_percent_reflns_obs                    99.94 
_refine.ls_R_factor_obs                          0.20923 
_refine.ls_R_factor_all                          ? 
_refine.ls_R_factor_R_work                       0.20479 
_refine.ls_R_factor_R_free                       0.29404 
_refine.ls_R_factor_R_free_error                 ? 
_refine.ls_R_factor_R_free_error_details         ? 
_refine.ls_percent_reflns_R_free                 5.0 
_refine.ls_number_reflns_R_free                  335 
_refine.ls_number_parameters                     ? 
_refine.ls_number_restraints                     ? 
_refine.occupancy_min                            ? 
_refine.occupancy_max                            ? 
_refine.correlation_coeff_Fo_to_Fc               0.957 
_refine.correlation_coeff_Fo_to_Fc_free          0.902 
_refine.B_iso_mean                               50.496 
_refine.aniso_B[1][1]                            0.51 
_refine.aniso_B[2][2]                            0.51 
_refine.aniso_B[3][3]                            -1.02 
_refine.aniso_B[1][2]                            -0.00 
_refine.aniso_B[1][3]                            -0.00 
_refine.aniso_B[2][3]                            -0.00 
_refine.solvent_model_details                    MASK 
_refine.solvent_model_param_ksol                 ? 
_refine.solvent_model_param_bsol                 ? 
_refine.pdbx_solvent_vdw_probe_radii             1.20 
_refine.pdbx_solvent_ion_probe_radii             0.80 
_refine.pdbx_solvent_shrinkage_radii             0.80 
_refine.pdbx_ls_cross_valid_method               THROUGHOUT 
_refine.details                                  'HYDROGENS HAVE BEEN ADDED IN THE RIDING POSITIONS' 
_refine.pdbx_starting_model                      ? 
_refine.pdbx_method_to_determine_struct          'MOLECULAR REPLACEMENT' 
_refine.pdbx_isotropic_thermal_model             ? 
_refine.pdbx_stereochemistry_target_values       'MAXIMUM LIKELIHOOD' 
_refine.pdbx_stereochem_target_val_spec_case     ? 
_refine.pdbx_R_Free_selection_details            RANDOM 
_refine.pdbx_overall_ESU_R                       0.502 
_refine.pdbx_overall_ESU_R_Free                  0.280 
_refine.overall_SU_ML                            0.229 
_refine.pdbx_overall_phase_error                 ? 
_refine.overall_SU_B                             8.953 
_refine.overall_SU_R_Cruickshank_DPI             ? 
_refine.pdbx_overall_SU_R_free_Cruickshank_DPI   ? 
_refine.pdbx_overall_SU_R_Blow_DPI               ? 
_refine.pdbx_overall_SU_R_free_Blow_DPI          ? 
# 
_refine_hist.pdbx_refine_id                   'X-RAY DIFFRACTION' 
_refine_hist.cycle_id                         1 
_refine_hist.pdbx_number_atoms_protein        873 
_refine_hist.pdbx_number_atoms_nucleic_acid   0 
_refine_hist.pdbx_number_atoms_ligand         10 
_refine_hist.number_atoms_solvent             81 
_refine_hist.number_atoms_total               964 
_refine_hist.d_res_high                       2.03 
_refine_hist.d_res_low                        35.26 
# 
loop_
_refine_ls_restr.type 
_refine_ls_restr.dev_ideal 
_refine_ls_restr.dev_ideal_target 
_refine_ls_restr.weight 
_refine_ls_restr.number 
_refine_ls_restr.pdbx_refine_id 
_refine_ls_restr.pdbx_restraint_function 
r_bond_refined_d             0.007  0.014  ? 1558 'X-RAY DIFFRACTION' ? 
r_bond_other_d               0.001  0.017  ? 1282 'X-RAY DIFFRACTION' ? 
r_angle_refined_deg          1.398  1.651  ? 1764 'X-RAY DIFFRACTION' ? 
r_angle_other_deg            1.168  1.603  ? 2952 'X-RAY DIFFRACTION' ? 
r_dihedral_angle_1_deg       7.496  5.000  ? 170  'X-RAY DIFFRACTION' ? 
r_dihedral_angle_2_deg       26.904 20.580 ? 69   'X-RAY DIFFRACTION' ? 
r_dihedral_angle_3_deg       16.652 15.000 ? 232  'X-RAY DIFFRACTION' ? 
r_dihedral_angle_4_deg       18.350 15.000 ? 13   'X-RAY DIFFRACTION' ? 
r_chiral_restr               0.060  0.200  ? 156  'X-RAY DIFFRACTION' ? 
r_gen_planes_refined         0.006  0.020  ? 1507 'X-RAY DIFFRACTION' ? 
r_gen_planes_other           0.002  0.020  ? 293  'X-RAY DIFFRACTION' ? 
r_nbd_refined                ?      ?      ? ?    'X-RAY DIFFRACTION' ? 
r_nbd_other                  ?      ?      ? ?    'X-RAY DIFFRACTION' ? 
r_nbtor_refined              ?      ?      ? ?    'X-RAY DIFFRACTION' ? 
r_nbtor_other                ?      ?      ? ?    'X-RAY DIFFRACTION' ? 
r_xyhbond_nbd_refined        ?      ?      ? ?    'X-RAY DIFFRACTION' ? 
r_xyhbond_nbd_other          ?      ?      ? ?    'X-RAY DIFFRACTION' ? 
r_metal_ion_refined          ?      ?      ? ?    'X-RAY DIFFRACTION' ? 
r_metal_ion_other            ?      ?      ? ?    'X-RAY DIFFRACTION' ? 
r_symmetry_vdw_refined       ?      ?      ? ?    'X-RAY DIFFRACTION' ? 
r_symmetry_vdw_other         ?      ?      ? ?    'X-RAY DIFFRACTION' ? 
r_symmetry_hbond_refined     ?      ?      ? ?    'X-RAY DIFFRACTION' ? 
r_symmetry_hbond_other       ?      ?      ? ?    'X-RAY DIFFRACTION' ? 
r_symmetry_metal_ion_refined ?      ?      ? ?    'X-RAY DIFFRACTION' ? 
r_symmetry_metal_ion_other   ?      ?      ? ?    'X-RAY DIFFRACTION' ? 
r_mcbond_it                  3.525  4.974  ? 785  'X-RAY DIFFRACTION' ? 
r_mcbond_other               3.534  4.992  ? 781  'X-RAY DIFFRACTION' ? 
r_mcangle_it                 5.455  7.404  ? 832  'X-RAY DIFFRACTION' ? 
r_mcangle_other              5.452  7.398  ? 833  'X-RAY DIFFRACTION' ? 
r_scbond_it                  3.749  5.475  ? 773  'X-RAY DIFFRACTION' ? 
r_scbond_other               3.746  5.470  ? 774  'X-RAY DIFFRACTION' ? 
r_scangle_it                 ?      ?      ? ?    'X-RAY DIFFRACTION' ? 
r_scangle_other              6.409  7.989  ? 933  'X-RAY DIFFRACTION' ? 
r_long_range_B_refined       11.211 57.745 ? 1346 'X-RAY DIFFRACTION' ? 
r_long_range_B_other         11.207 57.714 ? 1347 'X-RAY DIFFRACTION' ? 
r_rigid_bond_restr           ?      ?      ? ?    'X-RAY DIFFRACTION' ? 
r_sphericity_free            ?      ?      ? ?    'X-RAY DIFFRACTION' ? 
r_sphericity_bonded          ?      ?      ? ?    'X-RAY DIFFRACTION' ? 
# 
_refine_ls_shell.pdbx_refine_id                   'X-RAY DIFFRACTION' 
_refine_ls_shell.pdbx_total_number_of_bins_used   20 
_refine_ls_shell.d_res_high                       2.031 
_refine_ls_shell.d_res_low                        2.083 
_refine_ls_shell.number_reflns_R_work             440 
_refine_ls_shell.R_factor_R_work                  0.340 
_refine_ls_shell.percent_reflns_obs               100.00 
_refine_ls_shell.R_factor_R_free                  0.382 
_refine_ls_shell.R_factor_R_free_error            ? 
_refine_ls_shell.percent_reflns_R_free            ? 
_refine_ls_shell.number_reflns_R_free             23 
_refine_ls_shell.number_reflns_all                ? 
_refine_ls_shell.R_factor_all                     ? 
# 
_struct.entry_id                  7IBH 
_struct.title                     
'PanDDA analysis group deposition -- SARS-CoV-2 Nsp1 in complex with fragment X6553 (well G10) from the KIT library' 
_struct.pdbx_CASP_flag            N 
_struct.pdbx_model_details        ? 
_struct.pdbx_model_type_details   ? 
# 
_struct_keywords.entry_id        7IBH 
_struct_keywords.pdbx_keywords   'VIRAL PROTEIN' 
_struct_keywords.text            'SARS-CoV-2, fragment screen, Nsp1, KIT library, VIRAL PROTEIN' 
# 
loop_
_struct_asym.id 
_struct_asym.pdbx_blank_PDB_chainid_flag 
_struct_asym.pdbx_modified 
_struct_asym.entity_id 
_struct_asym.details 
A N N 1 ? 
B N N 2 ? 
C N N 3 ? 
# 
_struct_ref.id                         1 
_struct_ref.db_name                    UNP 
_struct_ref.db_code                    R1AB_SARS2 
_struct_ref.pdbx_db_accession          P0DTD1 
_struct_ref.pdbx_db_isoform            ? 
_struct_ref.entity_id                  1 
_struct_ref.pdbx_seq_one_letter_code   
;EKTHVQLSLPVLQVRDVLVRGFGDSVEEVLSEARQHLKDGTCGLVEVEKGVLPQLEQPYVFIKRSDARTAPHGHVMVELV
AELEGIQYGRSGETLGVLVPHVGEIPVAYRKVLLRK
;
_struct_ref.pdbx_align_begin           10 
# 
_struct_ref_seq.align_id                      1 
_struct_ref_seq.ref_id                        1 
_struct_ref_seq.pdbx_PDB_id_code              7IBH 
_struct_ref_seq.pdbx_strand_id                A 
_struct_ref_seq.seq_align_beg                 1 
_struct_ref_seq.pdbx_seq_align_beg_ins_code   ? 
_struct_ref_seq.seq_align_end                 116 
_struct_ref_seq.pdbx_seq_align_end_ins_code   ? 
_struct_ref_seq.pdbx_db_accession             P0DTD1 
_struct_ref_seq.db_align_beg                  10 
_struct_ref_seq.pdbx_db_align_beg_ins_code    ? 
_struct_ref_seq.db_align_end                  125 
_struct_ref_seq.pdbx_db_align_end_ins_code    ? 
_struct_ref_seq.pdbx_auth_seq_align_beg       10 
_struct_ref_seq.pdbx_auth_seq_align_end       125 
# 
_pdbx_struct_assembly.id                   1 
_pdbx_struct_assembly.details              author_and_software_defined_assembly 
_pdbx_struct_assembly.method_details       PISA 
_pdbx_struct_assembly.oligomeric_details   monomeric 
_pdbx_struct_assembly.oligomeric_count     1 
# 
loop_
_pdbx_struct_assembly_prop.biol_id 
_pdbx_struct_assembly_prop.type 
_pdbx_struct_assembly_prop.value 
_pdbx_struct_assembly_prop.details 
1 'ABSA (A^2)' 0    ? 
1 MORE         0    ? 
1 'SSA (A^2)'  6390 ? 
# 
_pdbx_struct_assembly_gen.assembly_id       1 
_pdbx_struct_assembly_gen.oper_expression   1 
_pdbx_struct_assembly_gen.asym_id_list      A,B,C 
# 
_pdbx_struct_oper_list.id                   1 
_pdbx_struct_oper_list.type                 'identity operation' 
_pdbx_struct_oper_list.name                 1_555 
_pdbx_struct_oper_list.symmetry_operation   x,y,z 
_pdbx_struct_oper_list.matrix[1][1]         1.0000000000 
_pdbx_struct_oper_list.matrix[1][2]         0.0000000000 
_pdbx_struct_oper_list.matrix[1][3]         0.0000000000 
_pdbx_struct_oper_list.vector[1]            0.0000000000 
_pdbx_struct_oper_list.matrix[2][1]         0.0000000000 
_pdbx_struct_oper_list.matrix[2][2]         1.0000000000 
_pdbx_struct_oper_list.matrix[2][3]         0.0000000000 
_pdbx_struct_oper_list.vector[2]            0.0000000000 
_pdbx_struct_oper_list.matrix[3][1]         0.0000000000 
_pdbx_struct_oper_list.matrix[3][2]         0.0000000000 
_pdbx_struct_oper_list.matrix[3][3]         1.0000000000 
_pdbx_struct_oper_list.vector[3]            0.0000000000 
# 
loop_
_struct_conf.conf_type_id 
_struct_conf.id 
_struct_conf.pdbx_PDB_helix_id 
_struct_conf.beg_label_comp_id 
_struct_conf.beg_label_asym_id 
_struct_conf.beg_label_seq_id 
_struct_conf.pdbx_beg_PDB_ins_code 
_struct_conf.end_label_comp_id 
_struct_conf.end_label_asym_id 
_struct_conf.end_label_seq_id 
_struct_conf.pdbx_end_PDB_ins_code 
_struct_conf.beg_auth_comp_id 
_struct_conf.beg_auth_asym_id 
_struct_conf.beg_auth_seq_id 
_struct_conf.end_auth_comp_id 
_struct_conf.end_auth_asym_id 
_struct_conf.end_auth_seq_id 
_struct_conf.pdbx_PDB_helix_class 
_struct_conf.details 
_struct_conf.pdbx_PDB_helix_length 
HELX_P HELX_P1 AA1 GLN A 13 ? VAL A 17 ? GLN A 22 VAL A 26 5 ? 5  
HELX_P HELX_P2 AA2 SER A 25 ? GLY A 40 ? SER A 34 GLY A 49 1 ? 16 
HELX_P HELX_P3 AA3 VAL A 51 ? LEU A 55 ? VAL A 60 LEU A 64 5 ? 5  
HELX_P HELX_P4 AA4 ALA A 70 ? HIS A 74 ? ALA A 79 HIS A 83 5 ? 5  
# 
_struct_conf_type.id          HELX_P 
_struct_conf_type.criteria    ? 
_struct_conf_type.reference   ? 
# 
_struct_mon_prot_cis.pdbx_id                1 
_struct_mon_prot_cis.label_comp_id          GLN 
_struct_mon_prot_cis.label_seq_id           57 
_struct_mon_prot_cis.label_asym_id          A 
_struct_mon_prot_cis.label_alt_id           . 
_struct_mon_prot_cis.pdbx_PDB_ins_code      ? 
_struct_mon_prot_cis.auth_comp_id           GLN 
_struct_mon_prot_cis.auth_seq_id            66 
_struct_mon_prot_cis.auth_asym_id           A 
_struct_mon_prot_cis.pdbx_label_comp_id_2   PRO 
_struct_mon_prot_cis.pdbx_label_seq_id_2    58 
_struct_mon_prot_cis.pdbx_label_asym_id_2   A 
_struct_mon_prot_cis.pdbx_PDB_ins_code_2    ? 
_struct_mon_prot_cis.pdbx_auth_comp_id_2    PRO 
_struct_mon_prot_cis.pdbx_auth_seq_id_2     67 
_struct_mon_prot_cis.pdbx_auth_asym_id_2    A 
_struct_mon_prot_cis.pdbx_PDB_model_num     1 
_struct_mon_prot_cis.pdbx_omega_angle       -8.33 
# 
_struct_sheet.id               AA1 
_struct_sheet.type             ? 
_struct_sheet.number_strands   8 
_struct_sheet.details          ? 
# 
loop_
_struct_sheet_order.sheet_id 
_struct_sheet_order.range_id_1 
_struct_sheet_order.range_id_2 
_struct_sheet_order.offset 
_struct_sheet_order.sense 
AA1 1 2 ? anti-parallel 
AA1 2 3 ? parallel      
AA1 3 4 ? anti-parallel 
AA1 4 5 ? parallel      
AA1 5 6 ? anti-parallel 
AA1 6 7 ? anti-parallel 
AA1 7 8 ? anti-parallel 
# 
loop_
_struct_sheet_range.sheet_id 
_struct_sheet_range.id 
_struct_sheet_range.beg_label_comp_id 
_struct_sheet_range.beg_label_asym_id 
_struct_sheet_range.beg_label_seq_id 
_struct_sheet_range.pdbx_beg_PDB_ins_code 
_struct_sheet_range.end_label_comp_id 
_struct_sheet_range.end_label_asym_id 
_struct_sheet_range.end_label_seq_id 
_struct_sheet_range.pdbx_end_PDB_ins_code 
_struct_sheet_range.beg_auth_comp_id 
_struct_sheet_range.beg_auth_asym_id 
_struct_sheet_range.beg_auth_seq_id 
_struct_sheet_range.end_auth_comp_id 
_struct_sheet_range.end_auth_asym_id 
_struct_sheet_range.end_auth_seq_id 
AA1 1 ILE A 86  ? TYR A 88  ? ILE A 95  TYR A 97  
AA1 2 VAL A 75  ? LEU A 83  ? VAL A 84  LEU A 92  
AA1 3 ALA A 108 ? ARG A 115 ? ALA A 117 ARG A 124 
AA1 4 HIS A 4   ? VAL A 11  ? HIS A 13  VAL A 20  
AA1 5 CYS A 42  ? VAL A 45  ? CYS A 51  VAL A 54  
AA1 6 THR A 94  ? PRO A 100 ? THR A 103 PRO A 109 
AA1 7 TYR A 59  ? ARG A 64  ? TYR A 68  ARG A 73  
AA1 8 VAL A 75  ? LEU A 83  ? VAL A 84  LEU A 92  
# 
loop_
_pdbx_struct_sheet_hbond.sheet_id 
_pdbx_struct_sheet_hbond.range_id_1 
_pdbx_struct_sheet_hbond.range_id_2 
_pdbx_struct_sheet_hbond.range_1_label_atom_id 
_pdbx_struct_sheet_hbond.range_1_label_comp_id 
_pdbx_struct_sheet_hbond.range_1_label_asym_id 
_pdbx_struct_sheet_hbond.range_1_label_seq_id 
_pdbx_struct_sheet_hbond.range_1_PDB_ins_code 
_pdbx_struct_sheet_hbond.range_1_auth_atom_id 
_pdbx_struct_sheet_hbond.range_1_auth_comp_id 
_pdbx_struct_sheet_hbond.range_1_auth_asym_id 
_pdbx_struct_sheet_hbond.range_1_auth_seq_id 
_pdbx_struct_sheet_hbond.range_2_label_atom_id 
_pdbx_struct_sheet_hbond.range_2_label_comp_id 
_pdbx_struct_sheet_hbond.range_2_label_asym_id 
_pdbx_struct_sheet_hbond.range_2_label_seq_id 
_pdbx_struct_sheet_hbond.range_2_PDB_ins_code 
_pdbx_struct_sheet_hbond.range_2_auth_atom_id 
_pdbx_struct_sheet_hbond.range_2_auth_comp_id 
_pdbx_struct_sheet_hbond.range_2_auth_asym_id 
_pdbx_struct_sheet_hbond.range_2_auth_seq_id 
AA1 1 2 O TYR A 88  ? O TYR A 97  N ALA A 81  ? N ALA A 90  
AA1 2 3 N VAL A 77  ? N VAL A 86  O LEU A 113 ? O LEU A 122 
AA1 3 4 O ALA A 108 ? O ALA A 117 N VAL A 11  ? N VAL A 20  
AA1 4 5 N PRO A 10  ? N PRO A 19  O LEU A 44  ? O LEU A 53  
AA1 5 6 N GLY A 43  ? N GLY A 52  O VAL A 99  ? O VAL A 108 
AA1 6 7 O LEU A 98  ? O LEU A 107 N VAL A 60  ? N VAL A 69  
AA1 7 8 N PHE A 61  ? N PHE A 70  O VAL A 80  ? O VAL A 89  
# 
_pdbx_entry_details.entry_id                   7IBH 
_pdbx_entry_details.has_ligand_of_interest     Y 
_pdbx_entry_details.compound_details           ? 
_pdbx_entry_details.source_details             ? 
_pdbx_entry_details.nonpolymer_details         ? 
_pdbx_entry_details.sequence_details           ? 
_pdbx_entry_details.has_protein_modification   N 
# 
_pdbx_validate_torsion.id              1 
_pdbx_validate_torsion.PDB_model_num   1 
_pdbx_validate_torsion.auth_comp_id    ALA 
_pdbx_validate_torsion.auth_asym_id    A 
_pdbx_validate_torsion.auth_seq_id     117 
_pdbx_validate_torsion.PDB_ins_code    ? 
_pdbx_validate_torsion.label_alt_id    ? 
_pdbx_validate_torsion.phi             -170.05 
_pdbx_validate_torsion.psi             -179.21 
# 
loop_
_pdbx_validate_polymer_linkage.id 
_pdbx_validate_polymer_linkage.PDB_model_num 
_pdbx_validate_polymer_linkage.auth_atom_id_1 
_pdbx_validate_polymer_linkage.auth_asym_id_1 
_pdbx_validate_polymer_linkage.auth_comp_id_1 
_pdbx_validate_polymer_linkage.auth_seq_id_1 
_pdbx_validate_polymer_linkage.PDB_ins_code_1 
_pdbx_validate_polymer_linkage.label_alt_id_1 
_pdbx_validate_polymer_linkage.auth_atom_id_2 
_pdbx_validate_polymer_linkage.auth_asym_id_2 
_pdbx_validate_polymer_linkage.auth_comp_id_2 
_pdbx_validate_polymer_linkage.auth_seq_id_2 
_pdbx_validate_polymer_linkage.PDB_ins_code_2 
_pdbx_validate_polymer_linkage.label_alt_id_2 
_pdbx_validate_polymer_linkage.dist 
1 1 C A LEU 46 ? C N A LYS 47 ? C 2.10 
2 1 C A LEU 46 ? D N A LYS 47 ? D 2.11 
3 1 C A LYS 47 ? C N A ASP 48 ? C 1.91 
4 1 C A LYS 47 ? D N A ASP 48 ? D 1.91 
# 
loop_
_pdbx_struct_special_symmetry.id 
_pdbx_struct_special_symmetry.PDB_model_num 
_pdbx_struct_special_symmetry.auth_asym_id 
_pdbx_struct_special_symmetry.auth_comp_id 
_pdbx_struct_special_symmetry.auth_seq_id 
_pdbx_struct_special_symmetry.PDB_ins_code 
_pdbx_struct_special_symmetry.label_asym_id 
_pdbx_struct_special_symmetry.label_comp_id 
_pdbx_struct_special_symmetry.label_seq_id 
1 1 A HOH 310 ? C HOH . 
2 1 A HOH 311 ? C HOH . 
3 1 A HOH 380 ? C HOH . 
# 
loop_
_pdbx_unobs_or_zero_occ_residues.id 
_pdbx_unobs_or_zero_occ_residues.PDB_model_num 
_pdbx_unobs_or_zero_occ_residues.polymer_flag 
_pdbx_unobs_or_zero_occ_residues.occupancy_flag 
_pdbx_unobs_or_zero_occ_residues.auth_asym_id 
_pdbx_unobs_or_zero_occ_residues.auth_comp_id 
_pdbx_unobs_or_zero_occ_residues.auth_seq_id 
_pdbx_unobs_or_zero_occ_residues.PDB_ins_code 
_pdbx_unobs_or_zero_occ_residues.label_asym_id 
_pdbx_unobs_or_zero_occ_residues.label_comp_id 
_pdbx_unobs_or_zero_occ_residues.label_seq_id 
1 1 Y 1 A GLU 10 ? A GLU 1  
2 1 Y 1 A ARG 77 ? A ARG 68 
3 1 Y 1 A THR 78 ? A THR 69 
# 
loop_
_chem_comp_atom.comp_id 
_chem_comp_atom.atom_id 
_chem_comp_atom.type_symbol 
_chem_comp_atom.pdbx_aromatic_flag 
_chem_comp_atom.pdbx_stereo_config 
_chem_comp_atom.pdbx_ordinal 
A1CS4 O01  O  N N 1   
A1CS4 B02  B  N N 2   
A1CS4 C03  C  Y N 3   
A1CS4 C04  C  Y N 4   
A1CS4 C05  C  Y N 5   
A1CS4 C06  C  Y N 6   
A1CS4 S07  S  Y N 7   
A1CS4 C08  C  N N 8   
A1CS4 BR9  BR N N 9   
A1CS4 O10  O  N N 10  
A1CS4 H1   H  N N 11  
A1CS4 H2   H  N N 12  
A1CS4 H3   H  N N 13  
A1CS4 H4   H  N N 14  
A1CS4 H5   H  N N 15  
ALA   N    N  N N 16  
ALA   CA   C  N S 17  
ALA   C    C  N N 18  
ALA   O    O  N N 19  
ALA   CB   C  N N 20  
ALA   OXT  O  N N 21  
ALA   H    H  N N 22  
ALA   H2   H  N N 23  
ALA   HA   H  N N 24  
ALA   HB1  H  N N 25  
ALA   HB2  H  N N 26  
ALA   HB3  H  N N 27  
ALA   HXT  H  N N 28  
ARG   N    N  N N 29  
ARG   CA   C  N S 30  
ARG   C    C  N N 31  
ARG   O    O  N N 32  
ARG   CB   C  N N 33  
ARG   CG   C  N N 34  
ARG   CD   C  N N 35  
ARG   NE   N  N N 36  
ARG   CZ   C  N N 37  
ARG   NH1  N  N N 38  
ARG   NH2  N  N N 39  
ARG   OXT  O  N N 40  
ARG   H    H  N N 41  
ARG   H2   H  N N 42  
ARG   HA   H  N N 43  
ARG   HB2  H  N N 44  
ARG   HB3  H  N N 45  
ARG   HG2  H  N N 46  
ARG   HG3  H  N N 47  
ARG   HD2  H  N N 48  
ARG   HD3  H  N N 49  
ARG   HE   H  N N 50  
ARG   HH11 H  N N 51  
ARG   HH12 H  N N 52  
ARG   HH21 H  N N 53  
ARG   HH22 H  N N 54  
ARG   HXT  H  N N 55  
ASP   N    N  N N 56  
ASP   CA   C  N S 57  
ASP   C    C  N N 58  
ASP   O    O  N N 59  
ASP   CB   C  N N 60  
ASP   CG   C  N N 61  
ASP   OD1  O  N N 62  
ASP   OD2  O  N N 63  
ASP   OXT  O  N N 64  
ASP   H    H  N N 65  
ASP   H2   H  N N 66  
ASP   HA   H  N N 67  
ASP   HB2  H  N N 68  
ASP   HB3  H  N N 69  
ASP   HD2  H  N N 70  
ASP   HXT  H  N N 71  
CYS   N    N  N N 72  
CYS   CA   C  N R 73  
CYS   C    C  N N 74  
CYS   O    O  N N 75  
CYS   CB   C  N N 76  
CYS   SG   S  N N 77  
CYS   OXT  O  N N 78  
CYS   H    H  N N 79  
CYS   H2   H  N N 80  
CYS   HA   H  N N 81  
CYS   HB2  H  N N 82  
CYS   HB3  H  N N 83  
CYS   HG   H  N N 84  
CYS   HXT  H  N N 85  
GLN   N    N  N N 86  
GLN   CA   C  N S 87  
GLN   C    C  N N 88  
GLN   O    O  N N 89  
GLN   CB   C  N N 90  
GLN   CG   C  N N 91  
GLN   CD   C  N N 92  
GLN   OE1  O  N N 93  
GLN   NE2  N  N N 94  
GLN   OXT  O  N N 95  
GLN   H    H  N N 96  
GLN   H2   H  N N 97  
GLN   HA   H  N N 98  
GLN   HB2  H  N N 99  
GLN   HB3  H  N N 100 
GLN   HG2  H  N N 101 
GLN   HG3  H  N N 102 
GLN   HE21 H  N N 103 
GLN   HE22 H  N N 104 
GLN   HXT  H  N N 105 
GLU   N    N  N N 106 
GLU   CA   C  N S 107 
GLU   C    C  N N 108 
GLU   O    O  N N 109 
GLU   CB   C  N N 110 
GLU   CG   C  N N 111 
GLU   CD   C  N N 112 
GLU   OE1  O  N N 113 
GLU   OE2  O  N N 114 
GLU   OXT  O  N N 115 
GLU   H    H  N N 116 
GLU   H2   H  N N 117 
GLU   HA   H  N N 118 
GLU   HB2  H  N N 119 
GLU   HB3  H  N N 120 
GLU   HG2  H  N N 121 
GLU   HG3  H  N N 122 
GLU   HE2  H  N N 123 
GLU   HXT  H  N N 124 
GLY   N    N  N N 125 
GLY   CA   C  N N 126 
GLY   C    C  N N 127 
GLY   O    O  N N 128 
GLY   OXT  O  N N 129 
GLY   H    H  N N 130 
GLY   H2   H  N N 131 
GLY   HA2  H  N N 132 
GLY   HA3  H  N N 133 
GLY   HXT  H  N N 134 
HIS   N    N  N N 135 
HIS   CA   C  N S 136 
HIS   C    C  N N 137 
HIS   O    O  N N 138 
HIS   CB   C  N N 139 
HIS   CG   C  Y N 140 
HIS   ND1  N  Y N 141 
HIS   CD2  C  Y N 142 
HIS   CE1  C  Y N 143 
HIS   NE2  N  Y N 144 
HIS   OXT  O  N N 145 
HIS   H    H  N N 146 
HIS   H2   H  N N 147 
HIS   HA   H  N N 148 
HIS   HB2  H  N N 149 
HIS   HB3  H  N N 150 
HIS   HD1  H  N N 151 
HIS   HD2  H  N N 152 
HIS   HE1  H  N N 153 
HIS   HE2  H  N N 154 
HIS   HXT  H  N N 155 
HOH   O    O  N N 156 
HOH   H1   H  N N 157 
HOH   H2   H  N N 158 
ILE   N    N  N N 159 
ILE   CA   C  N S 160 
ILE   C    C  N N 161 
ILE   O    O  N N 162 
ILE   CB   C  N S 163 
ILE   CG1  C  N N 164 
ILE   CG2  C  N N 165 
ILE   CD1  C  N N 166 
ILE   OXT  O  N N 167 
ILE   H    H  N N 168 
ILE   H2   H  N N 169 
ILE   HA   H  N N 170 
ILE   HB   H  N N 171 
ILE   HG12 H  N N 172 
ILE   HG13 H  N N 173 
ILE   HG21 H  N N 174 
ILE   HG22 H  N N 175 
ILE   HG23 H  N N 176 
ILE   HD11 H  N N 177 
ILE   HD12 H  N N 178 
ILE   HD13 H  N N 179 
ILE   HXT  H  N N 180 
LEU   N    N  N N 181 
LEU   CA   C  N S 182 
LEU   C    C  N N 183 
LEU   O    O  N N 184 
LEU   CB   C  N N 185 
LEU   CG   C  N N 186 
LEU   CD1  C  N N 187 
LEU   CD2  C  N N 188 
LEU   OXT  O  N N 189 
LEU   H    H  N N 190 
LEU   H2   H  N N 191 
LEU   HA   H  N N 192 
LEU   HB2  H  N N 193 
LEU   HB3  H  N N 194 
LEU   HG   H  N N 195 
LEU   HD11 H  N N 196 
LEU   HD12 H  N N 197 
LEU   HD13 H  N N 198 
LEU   HD21 H  N N 199 
LEU   HD22 H  N N 200 
LEU   HD23 H  N N 201 
LEU   HXT  H  N N 202 
LYS   N    N  N N 203 
LYS   CA   C  N S 204 
LYS   C    C  N N 205 
LYS   O    O  N N 206 
LYS   CB   C  N N 207 
LYS   CG   C  N N 208 
LYS   CD   C  N N 209 
LYS   CE   C  N N 210 
LYS   NZ   N  N N 211 
LYS   OXT  O  N N 212 
LYS   H    H  N N 213 
LYS   H2   H  N N 214 
LYS   HA   H  N N 215 
LYS   HB2  H  N N 216 
LYS   HB3  H  N N 217 
LYS   HG2  H  N N 218 
LYS   HG3  H  N N 219 
LYS   HD2  H  N N 220 
LYS   HD3  H  N N 221 
LYS   HE2  H  N N 222 
LYS   HE3  H  N N 223 
LYS   HZ1  H  N N 224 
LYS   HZ2  H  N N 225 
LYS   HZ3  H  N N 226 
LYS   HXT  H  N N 227 
MET   N    N  N N 228 
MET   CA   C  N S 229 
MET   C    C  N N 230 
MET   O    O  N N 231 
MET   CB   C  N N 232 
MET   CG   C  N N 233 
MET   SD   S  N N 234 
MET   CE   C  N N 235 
MET   OXT  O  N N 236 
MET   H    H  N N 237 
MET   H2   H  N N 238 
MET   HA   H  N N 239 
MET   HB2  H  N N 240 
MET   HB3  H  N N 241 
MET   HG2  H  N N 242 
MET   HG3  H  N N 243 
MET   HE1  H  N N 244 
MET   HE2  H  N N 245 
MET   HE3  H  N N 246 
MET   HXT  H  N N 247 
PHE   N    N  N N 248 
PHE   CA   C  N S 249 
PHE   C    C  N N 250 
PHE   O    O  N N 251 
PHE   CB   C  N N 252 
PHE   CG   C  Y N 253 
PHE   CD1  C  Y N 254 
PHE   CD2  C  Y N 255 
PHE   CE1  C  Y N 256 
PHE   CE2  C  Y N 257 
PHE   CZ   C  Y N 258 
PHE   OXT  O  N N 259 
PHE   H    H  N N 260 
PHE   H2   H  N N 261 
PHE   HA   H  N N 262 
PHE   HB2  H  N N 263 
PHE   HB3  H  N N 264 
PHE   HD1  H  N N 265 
PHE   HD2  H  N N 266 
PHE   HE1  H  N N 267 
PHE   HE2  H  N N 268 
PHE   HZ   H  N N 269 
PHE   HXT  H  N N 270 
PRO   N    N  N N 271 
PRO   CA   C  N S 272 
PRO   C    C  N N 273 
PRO   O    O  N N 274 
PRO   CB   C  N N 275 
PRO   CG   C  N N 276 
PRO   CD   C  N N 277 
PRO   OXT  O  N N 278 
PRO   H    H  N N 279 
PRO   HA   H  N N 280 
PRO   HB2  H  N N 281 
PRO   HB3  H  N N 282 
PRO   HG2  H  N N 283 
PRO   HG3  H  N N 284 
PRO   HD2  H  N N 285 
PRO   HD3  H  N N 286 
PRO   HXT  H  N N 287 
SER   N    N  N N 288 
SER   CA   C  N S 289 
SER   C    C  N N 290 
SER   O    O  N N 291 
SER   CB   C  N N 292 
SER   OG   O  N N 293 
SER   OXT  O  N N 294 
SER   H    H  N N 295 
SER   H2   H  N N 296 
SER   HA   H  N N 297 
SER   HB2  H  N N 298 
SER   HB3  H  N N 299 
SER   HG   H  N N 300 
SER   HXT  H  N N 301 
THR   N    N  N N 302 
THR   CA   C  N S 303 
THR   C    C  N N 304 
THR   O    O  N N 305 
THR   CB   C  N R 306 
THR   OG1  O  N N 307 
THR   CG2  C  N N 308 
THR   OXT  O  N N 309 
THR   H    H  N N 310 
THR   H2   H  N N 311 
THR   HA   H  N N 312 
THR   HB   H  N N 313 
THR   HG1  H  N N 314 
THR   HG21 H  N N 315 
THR   HG22 H  N N 316 
THR   HG23 H  N N 317 
THR   HXT  H  N N 318 
TYR   N    N  N N 319 
TYR   CA   C  N S 320 
TYR   C    C  N N 321 
TYR   O    O  N N 322 
TYR   CB   C  N N 323 
TYR   CG   C  Y N 324 
TYR   CD1  C  Y N 325 
TYR   CD2  C  Y N 326 
TYR   CE1  C  Y N 327 
TYR   CE2  C  Y N 328 
TYR   CZ   C  Y N 329 
TYR   OH   O  N N 330 
TYR   OXT  O  N N 331 
TYR   H    H  N N 332 
TYR   H2   H  N N 333 
TYR   HA   H  N N 334 
TYR   HB2  H  N N 335 
TYR   HB3  H  N N 336 
TYR   HD1  H  N N 337 
TYR   HD2  H  N N 338 
TYR   HE1  H  N N 339 
TYR   HE2  H  N N 340 
TYR   HH   H  N N 341 
TYR   HXT  H  N N 342 
VAL   N    N  N N 343 
VAL   CA   C  N S 344 
VAL   C    C  N N 345 
VAL   O    O  N N 346 
VAL   CB   C  N N 347 
VAL   CG1  C  N N 348 
VAL   CG2  C  N N 349 
VAL   OXT  O  N N 350 
VAL   H    H  N N 351 
VAL   H2   H  N N 352 
VAL   HA   H  N N 353 
VAL   HB   H  N N 354 
VAL   HG11 H  N N 355 
VAL   HG12 H  N N 356 
VAL   HG13 H  N N 357 
VAL   HG21 H  N N 358 
VAL   HG22 H  N N 359 
VAL   HG23 H  N N 360 
VAL   HXT  H  N N 361 
# 
loop_
_chem_comp_bond.comp_id 
_chem_comp_bond.atom_id_1 
_chem_comp_bond.atom_id_2 
_chem_comp_bond.value_order 
_chem_comp_bond.pdbx_aromatic_flag 
_chem_comp_bond.pdbx_stereo_config 
_chem_comp_bond.pdbx_ordinal 
A1CS4 BR9 C05  sing N N 1   
A1CS4 O01 B02  doub N N 2   
A1CS4 C04 C05  sing Y N 3   
A1CS4 C04 C03  doub Y N 4   
A1CS4 B02 O10  sing N N 5   
A1CS4 B02 C03  sing N N 6   
A1CS4 C05 C06  doub Y N 7   
A1CS4 C03 S07  sing Y N 8   
A1CS4 C06 S07  sing Y N 9   
A1CS4 C06 C08  sing N N 10  
A1CS4 C04 H1   sing N N 11  
A1CS4 C08 H2   sing N N 12  
A1CS4 C08 H3   sing N N 13  
A1CS4 C08 H4   sing N N 14  
A1CS4 O10 H5   sing N N 15  
ALA   N   CA   sing N N 16  
ALA   N   H    sing N N 17  
ALA   N   H2   sing N N 18  
ALA   CA  C    sing N N 19  
ALA   CA  CB   sing N N 20  
ALA   CA  HA   sing N N 21  
ALA   C   O    doub N N 22  
ALA   C   OXT  sing N N 23  
ALA   CB  HB1  sing N N 24  
ALA   CB  HB2  sing N N 25  
ALA   CB  HB3  sing N N 26  
ALA   OXT HXT  sing N N 27  
ARG   N   CA   sing N N 28  
ARG   N   H    sing N N 29  
ARG   N   H2   sing N N 30  
ARG   CA  C    sing N N 31  
ARG   CA  CB   sing N N 32  
ARG   CA  HA   sing N N 33  
ARG   C   O    doub N N 34  
ARG   C   OXT  sing N N 35  
ARG   CB  CG   sing N N 36  
ARG   CB  HB2  sing N N 37  
ARG   CB  HB3  sing N N 38  
ARG   CG  CD   sing N N 39  
ARG   CG  HG2  sing N N 40  
ARG   CG  HG3  sing N N 41  
ARG   CD  NE   sing N N 42  
ARG   CD  HD2  sing N N 43  
ARG   CD  HD3  sing N N 44  
ARG   NE  CZ   sing N N 45  
ARG   NE  HE   sing N N 46  
ARG   CZ  NH1  sing N N 47  
ARG   CZ  NH2  doub N N 48  
ARG   NH1 HH11 sing N N 49  
ARG   NH1 HH12 sing N N 50  
ARG   NH2 HH21 sing N N 51  
ARG   NH2 HH22 sing N N 52  
ARG   OXT HXT  sing N N 53  
ASP   N   CA   sing N N 54  
ASP   N   H    sing N N 55  
ASP   N   H2   sing N N 56  
ASP   CA  C    sing N N 57  
ASP   CA  CB   sing N N 58  
ASP   CA  HA   sing N N 59  
ASP   C   O    doub N N 60  
ASP   C   OXT  sing N N 61  
ASP   CB  CG   sing N N 62  
ASP   CB  HB2  sing N N 63  
ASP   CB  HB3  sing N N 64  
ASP   CG  OD1  doub N N 65  
ASP   CG  OD2  sing N N 66  
ASP   OD2 HD2  sing N N 67  
ASP   OXT HXT  sing N N 68  
CYS   N   CA   sing N N 69  
CYS   N   H    sing N N 70  
CYS   N   H2   sing N N 71  
CYS   CA  C    sing N N 72  
CYS   CA  CB   sing N N 73  
CYS   CA  HA   sing N N 74  
CYS   C   O    doub N N 75  
CYS   C   OXT  sing N N 76  
CYS   CB  SG   sing N N 77  
CYS   CB  HB2  sing N N 78  
CYS   CB  HB3  sing N N 79  
CYS   SG  HG   sing N N 80  
CYS   OXT HXT  sing N N 81  
GLN   N   CA   sing N N 82  
GLN   N   H    sing N N 83  
GLN   N   H2   sing N N 84  
GLN   CA  C    sing N N 85  
GLN   CA  CB   sing N N 86  
GLN   CA  HA   sing N N 87  
GLN   C   O    doub N N 88  
GLN   C   OXT  sing N N 89  
GLN   CB  CG   sing N N 90  
GLN   CB  HB2  sing N N 91  
GLN   CB  HB3  sing N N 92  
GLN   CG  CD   sing N N 93  
GLN   CG  HG2  sing N N 94  
GLN   CG  HG3  sing N N 95  
GLN   CD  OE1  doub N N 96  
GLN   CD  NE2  sing N N 97  
GLN   NE2 HE21 sing N N 98  
GLN   NE2 HE22 sing N N 99  
GLN   OXT HXT  sing N N 100 
GLU   N   CA   sing N N 101 
GLU   N   H    sing N N 102 
GLU   N   H2   sing N N 103 
GLU   CA  C    sing N N 104 
GLU   CA  CB   sing N N 105 
GLU   CA  HA   sing N N 106 
GLU   C   O    doub N N 107 
GLU   C   OXT  sing N N 108 
GLU   CB  CG   sing N N 109 
GLU   CB  HB2  sing N N 110 
GLU   CB  HB3  sing N N 111 
GLU   CG  CD   sing N N 112 
GLU   CG  HG2  sing N N 113 
GLU   CG  HG3  sing N N 114 
GLU   CD  OE1  doub N N 115 
GLU   CD  OE2  sing N N 116 
GLU   OE2 HE2  sing N N 117 
GLU   OXT HXT  sing N N 118 
GLY   N   CA   sing N N 119 
GLY   N   H    sing N N 120 
GLY   N   H2   sing N N 121 
GLY   CA  C    sing N N 122 
GLY   CA  HA2  sing N N 123 
GLY   CA  HA3  sing N N 124 
GLY   C   O    doub N N 125 
GLY   C   OXT  sing N N 126 
GLY   OXT HXT  sing N N 127 
HIS   N   CA   sing N N 128 
HIS   N   H    sing N N 129 
HIS   N   H2   sing N N 130 
HIS   CA  C    sing N N 131 
HIS   CA  CB   sing N N 132 
HIS   CA  HA   sing N N 133 
HIS   C   O    doub N N 134 
HIS   C   OXT  sing N N 135 
HIS   CB  CG   sing N N 136 
HIS   CB  HB2  sing N N 137 
HIS   CB  HB3  sing N N 138 
HIS   CG  ND1  sing Y N 139 
HIS   CG  CD2  doub Y N 140 
HIS   ND1 CE1  doub Y N 141 
HIS   ND1 HD1  sing N N 142 
HIS   CD2 NE2  sing Y N 143 
HIS   CD2 HD2  sing N N 144 
HIS   CE1 NE2  sing Y N 145 
HIS   CE1 HE1  sing N N 146 
HIS   NE2 HE2  sing N N 147 
HIS   OXT HXT  sing N N 148 
HOH   O   H1   sing N N 149 
HOH   O   H2   sing N N 150 
ILE   N   CA   sing N N 151 
ILE   N   H    sing N N 152 
ILE   N   H2   sing N N 153 
ILE   CA  C    sing N N 154 
ILE   CA  CB   sing N N 155 
ILE   CA  HA   sing N N 156 
ILE   C   O    doub N N 157 
ILE   C   OXT  sing N N 158 
ILE   CB  CG1  sing N N 159 
ILE   CB  CG2  sing N N 160 
ILE   CB  HB   sing N N 161 
ILE   CG1 CD1  sing N N 162 
ILE   CG1 HG12 sing N N 163 
ILE   CG1 HG13 sing N N 164 
ILE   CG2 HG21 sing N N 165 
ILE   CG2 HG22 sing N N 166 
ILE   CG2 HG23 sing N N 167 
ILE   CD1 HD11 sing N N 168 
ILE   CD1 HD12 sing N N 169 
ILE   CD1 HD13 sing N N 170 
ILE   OXT HXT  sing N N 171 
LEU   N   CA   sing N N 172 
LEU   N   H    sing N N 173 
LEU   N   H2   sing N N 174 
LEU   CA  C    sing N N 175 
LEU   CA  CB   sing N N 176 
LEU   CA  HA   sing N N 177 
LEU   C   O    doub N N 178 
LEU   C   OXT  sing N N 179 
LEU   CB  CG   sing N N 180 
LEU   CB  HB2  sing N N 181 
LEU   CB  HB3  sing N N 182 
LEU   CG  CD1  sing N N 183 
LEU   CG  CD2  sing N N 184 
LEU   CG  HG   sing N N 185 
LEU   CD1 HD11 sing N N 186 
LEU   CD1 HD12 sing N N 187 
LEU   CD1 HD13 sing N N 188 
LEU   CD2 HD21 sing N N 189 
LEU   CD2 HD22 sing N N 190 
LEU   CD2 HD23 sing N N 191 
LEU   OXT HXT  sing N N 192 
LYS   N   CA   sing N N 193 
LYS   N   H    sing N N 194 
LYS   N   H2   sing N N 195 
LYS   CA  C    sing N N 196 
LYS   CA  CB   sing N N 197 
LYS   CA  HA   sing N N 198 
LYS   C   O    doub N N 199 
LYS   C   OXT  sing N N 200 
LYS   CB  CG   sing N N 201 
LYS   CB  HB2  sing N N 202 
LYS   CB  HB3  sing N N 203 
LYS   CG  CD   sing N N 204 
LYS   CG  HG2  sing N N 205 
LYS   CG  HG3  sing N N 206 
LYS   CD  CE   sing N N 207 
LYS   CD  HD2  sing N N 208 
LYS   CD  HD3  sing N N 209 
LYS   CE  NZ   sing N N 210 
LYS   CE  HE2  sing N N 211 
LYS   CE  HE3  sing N N 212 
LYS   NZ  HZ1  sing N N 213 
LYS   NZ  HZ2  sing N N 214 
LYS   NZ  HZ3  sing N N 215 
LYS   OXT HXT  sing N N 216 
MET   N   CA   sing N N 217 
MET   N   H    sing N N 218 
MET   N   H2   sing N N 219 
MET   CA  C    sing N N 220 
MET   CA  CB   sing N N 221 
MET   CA  HA   sing N N 222 
MET   C   O    doub N N 223 
MET   C   OXT  sing N N 224 
MET   CB  CG   sing N N 225 
MET   CB  HB2  sing N N 226 
MET   CB  HB3  sing N N 227 
MET   CG  SD   sing N N 228 
MET   CG  HG2  sing N N 229 
MET   CG  HG3  sing N N 230 
MET   SD  CE   sing N N 231 
MET   CE  HE1  sing N N 232 
MET   CE  HE2  sing N N 233 
MET   CE  HE3  sing N N 234 
MET   OXT HXT  sing N N 235 
PHE   N   CA   sing N N 236 
PHE   N   H    sing N N 237 
PHE   N   H2   sing N N 238 
PHE   CA  C    sing N N 239 
PHE   CA  CB   sing N N 240 
PHE   CA  HA   sing N N 241 
PHE   C   O    doub N N 242 
PHE   C   OXT  sing N N 243 
PHE   CB  CG   sing N N 244 
PHE   CB  HB2  sing N N 245 
PHE   CB  HB3  sing N N 246 
PHE   CG  CD1  doub Y N 247 
PHE   CG  CD2  sing Y N 248 
PHE   CD1 CE1  sing Y N 249 
PHE   CD1 HD1  sing N N 250 
PHE   CD2 CE2  doub Y N 251 
PHE   CD2 HD2  sing N N 252 
PHE   CE1 CZ   doub Y N 253 
PHE   CE1 HE1  sing N N 254 
PHE   CE2 CZ   sing Y N 255 
PHE   CE2 HE2  sing N N 256 
PHE   CZ  HZ   sing N N 257 
PHE   OXT HXT  sing N N 258 
PRO   N   CA   sing N N 259 
PRO   N   CD   sing N N 260 
PRO   N   H    sing N N 261 
PRO   CA  C    sing N N 262 
PRO   CA  CB   sing N N 263 
PRO   CA  HA   sing N N 264 
PRO   C   O    doub N N 265 
PRO   C   OXT  sing N N 266 
PRO   CB  CG   sing N N 267 
PRO   CB  HB2  sing N N 268 
PRO   CB  HB3  sing N N 269 
PRO   CG  CD   sing N N 270 
PRO   CG  HG2  sing N N 271 
PRO   CG  HG3  sing N N 272 
PRO   CD  HD2  sing N N 273 
PRO   CD  HD3  sing N N 274 
PRO   OXT HXT  sing N N 275 
SER   N   CA   sing N N 276 
SER   N   H    sing N N 277 
SER   N   H2   sing N N 278 
SER   CA  C    sing N N 279 
SER   CA  CB   sing N N 280 
SER   CA  HA   sing N N 281 
SER   C   O    doub N N 282 
SER   C   OXT  sing N N 283 
SER   CB  OG   sing N N 284 
SER   CB  HB2  sing N N 285 
SER   CB  HB3  sing N N 286 
SER   OG  HG   sing N N 287 
SER   OXT HXT  sing N N 288 
THR   N   CA   sing N N 289 
THR   N   H    sing N N 290 
THR   N   H2   sing N N 291 
THR   CA  C    sing N N 292 
THR   CA  CB   sing N N 293 
THR   CA  HA   sing N N 294 
THR   C   O    doub N N 295 
THR   C   OXT  sing N N 296 
THR   CB  OG1  sing N N 297 
THR   CB  CG2  sing N N 298 
THR   CB  HB   sing N N 299 
THR   OG1 HG1  sing N N 300 
THR   CG2 HG21 sing N N 301 
THR   CG2 HG22 sing N N 302 
THR   CG2 HG23 sing N N 303 
THR   OXT HXT  sing N N 304 
TYR   N   CA   sing N N 305 
TYR   N   H    sing N N 306 
TYR   N   H2   sing N N 307 
TYR   CA  C    sing N N 308 
TYR   CA  CB   sing N N 309 
TYR   CA  HA   sing N N 310 
TYR   C   O    doub N N 311 
TYR   C   OXT  sing N N 312 
TYR   CB  CG   sing N N 313 
TYR   CB  HB2  sing N N 314 
TYR   CB  HB3  sing N N 315 
TYR   CG  CD1  doub Y N 316 
TYR   CG  CD2  sing Y N 317 
TYR   CD1 CE1  sing Y N 318 
TYR   CD1 HD1  sing N N 319 
TYR   CD2 CE2  doub Y N 320 
TYR   CD2 HD2  sing N N 321 
TYR   CE1 CZ   doub Y N 322 
TYR   CE1 HE1  sing N N 323 
TYR   CE2 CZ   sing Y N 324 
TYR   CE2 HE2  sing N N 325 
TYR   CZ  OH   sing N N 326 
TYR   OH  HH   sing N N 327 
TYR   OXT HXT  sing N N 328 
VAL   N   CA   sing N N 329 
VAL   N   H    sing N N 330 
VAL   N   H2   sing N N 331 
VAL   CA  C    sing N N 332 
VAL   CA  CB   sing N N 333 
VAL   CA  HA   sing N N 334 
VAL   C   O    doub N N 335 
VAL   C   OXT  sing N N 336 
VAL   CB  CG1  sing N N 337 
VAL   CB  CG2  sing N N 338 
VAL   CB  HB   sing N N 339 
VAL   CG1 HG11 sing N N 340 
VAL   CG1 HG12 sing N N 341 
VAL   CG1 HG13 sing N N 342 
VAL   CG2 HG21 sing N N 343 
VAL   CG2 HG22 sing N N 344 
VAL   CG2 HG23 sing N N 345 
VAL   OXT HXT  sing N N 346 
# 
_pdbx_audit_support.ordinal                1 
_pdbx_audit_support.funding_organization   'Helmholtz Association' 
_pdbx_audit_support.country                Germany 
# 
_pdbx_deposit_group.group_id            G_1002337 
_pdbx_deposit_group.group_title         
'PanDDA analysis group deposition of SARS-CoV-2 Nsp1 soaked with fragments from the KIT library' 
_pdbx_deposit_group.group_description   
;SARS-CoV-2 Nsp1 soaked with Fragments from the KIT library. Includes refined models for hit compounds with ligands placed into the PanDDA event-map, which is the primary evidence for ligand placement. The event-, average and Z-maps and the 2Fo-Fc and Fo-Fc maps are included in the mmcif file. 2Fo-Fc and Fo-Fc maps are not useful to consider as evidence for ligand placement.
;
_pdbx_deposit_group.group_type          'changed state' 
# 
_pdbx_initial_refinement_model.id               1 
_pdbx_initial_refinement_model.type             'experimental model' 
_pdbx_initial_refinement_model.accession_code   7EQ4 
_pdbx_initial_refinement_model.source_name      PDB 
# 
_atom_sites.entry_id                    7IBH 
_atom_sites.fract_transf_matrix[1][1]   -0.00041683 
_atom_sites.fract_transf_matrix[1][2]   -0.02742478 
_atom_sites.fract_transf_matrix[1][3]   -0.00126284 
_atom_sites.fract_transf_matrix[2][1]   -0.02495417 
_atom_sites.fract_transf_matrix[2][2]   -0.00014807 
_atom_sites.fract_transf_matrix[2][3]   0.01145226 
_atom_sites.fract_transf_matrix[3][1]   -0.00295885 
_atom_sites.fract_transf_matrix[3][2]   0.00034165 
_atom_sites.fract_transf_matrix[3][3]   -0.00644283 
_atom_sites.fract_transf_vector[1]      0.191716 
_atom_sites.fract_transf_vector[2]      -0.449898 
_atom_sites.fract_transf_vector[3]      0.053685 
# 
loop_
_atom_type.symbol 
B  
BR 
C  
N  
O  
S  
# 
loop_
_atom_site.group_PDB 
_atom_site.id 
_atom_site.type_symbol 
_atom_site.label_atom_id 
_atom_site.label_alt_id 
_atom_site.label_comp_id 
_atom_site.label_asym_id 
_atom_site.label_entity_id 
_atom_site.label_seq_id 
_atom_site.pdbx_PDB_ins_code 
_atom_site.Cartn_x 
_atom_site.Cartn_y 
_atom_site.Cartn_z 
_atom_site.occupancy 
_atom_site.B_iso_or_equiv 
_atom_site.pdbx_formal_charge 
_atom_site.auth_seq_id 
_atom_site.auth_comp_id 
_atom_site.auth_asym_id 
_atom_site.auth_atom_id 
_atom_site.pdbx_PDB_model_num 
ATOM   1    N  N   A LYS   A 1 2   ? -5.550  -12.113 11.693  0.36 59.68  ?  11  LYS   A N   1 
ATOM   2    N  N   B LYS   A 1 2   ? -5.550  -12.113 11.692  0.34 59.71  ?  11  LYS   A N   1 
ATOM   3    N  N   C LYS   A 1 2   ? -6.190  -12.279 12.054  0.15 61.16  ?  11  LYS   A N   1 
ATOM   4    N  N   D LYS   A 1 2   ? -6.191  -12.278 12.054  0.14 61.11  ?  11  LYS   A N   1 
ATOM   5    C  CA  A LYS   A 1 2   ? -5.512  -10.677 12.122  0.36 59.55  ?  11  LYS   A CA  1 
ATOM   6    C  CA  B LYS   A 1 2   ? -5.513  -10.677 12.121  0.34 59.59  ?  11  LYS   A CA  1 
ATOM   7    C  CA  C LYS   A 1 2   ? -5.720  -10.882 12.318  0.15 60.11  ?  11  LYS   A CA  1 
ATOM   8    C  CA  D LYS   A 1 2   ? -5.721  -10.882 12.317  0.14 60.11  ?  11  LYS   A CA  1 
ATOM   9    C  C   A LYS   A 1 2   ? -6.179  -9.779  11.075  0.36 53.80  ?  11  LYS   A C   1 
ATOM   10   C  C   B LYS   A 1 2   ? -6.179  -9.779  11.074  0.34 53.92  ?  11  LYS   A C   1 
ATOM   11   C  C   C LYS   A 1 2   ? -6.198  -9.950  11.197  0.15 56.83  ?  11  LYS   A C   1 
ATOM   12   C  C   D LYS   A 1 2   ? -6.197  -9.950  11.195  0.14 56.88  ?  11  LYS   A C   1 
ATOM   13   O  O   A LYS   A 1 2   ? -5.819  -9.875  9.896   0.36 56.10  ?  11  LYS   A O   1 
ATOM   14   O  O   B LYS   A 1 2   ? -5.819  -9.876  9.895   0.34 56.13  ?  11  LYS   A O   1 
ATOM   15   O  O   C LYS   A 1 2   ? -5.768  -10.146 10.047  0.15 58.67  ?  11  LYS   A O   1 
ATOM   16   O  O   D LYS   A 1 2   ? -5.769  -10.147 10.046  0.14 58.63  ?  11  LYS   A O   1 
ATOM   17   C  CB  A LYS   A 1 2   ? -4.070  -10.203 12.316  0.36 64.83  ?  11  LYS   A CB  1 
ATOM   18   C  CB  B LYS   A 1 2   ? -4.070  -10.203 12.316  0.34 64.83  ?  11  LYS   A CB  1 
ATOM   19   C  CB  C LYS   A 1 2   ? -4.194  -10.840 12.434  0.15 62.59  ?  11  LYS   A CB  1 
ATOM   20   C  CB  D LYS   A 1 2   ? -4.193  -10.840 12.433  0.14 62.56  ?  11  LYS   A CB  1 
ATOM   21   C  CG  A LYS   A 1 2   ? -3.415  -10.647 13.613  0.36 70.17  ?  11  LYS   A CG  1 
ATOM   22   C  CG  B LYS   A 1 2   ? -3.416  -10.648 13.614  0.34 70.11  ?  11  LYS   A CG  1 
ATOM   23   C  CG  C LYS   A 1 2   ? -3.651  -10.575 13.830  0.15 64.65  ?  11  LYS   A CG  1 
ATOM   24   C  CG  D LYS   A 1 2   ? -3.651  -10.575 13.829  0.14 64.60  ?  11  LYS   A CG  1 
ATOM   25   C  CD  A LYS   A 1 2   ? -1.982  -10.193 13.738  0.36 74.87  ?  11  LYS   A CD  1 
ATOM   26   C  CD  B LYS   A 1 2   ? -1.982  -10.193 13.739  0.34 74.77  ?  11  LYS   A CD  1 
ATOM   27   C  CD  C LYS   A 1 2   ? -2.142  -10.597 13.865  0.15 66.84  ?  11  LYS   A CD  1 
ATOM   28   C  CD  D LYS   A 1 2   ? -2.142  -10.597 13.865  0.14 66.75  ?  11  LYS   A CD  1 
ATOM   29   C  CE  A LYS   A 1 2   ? -1.211  -11.006 14.756  0.36 80.57  ?  11  LYS   A CE  1 
ATOM   30   C  CE  B LYS   A 1 2   ? -1.212  -11.006 14.757  0.34 80.37  ?  11  LYS   A CE  1 
ATOM   31   C  CE  C LYS   A 1 2   ? -1.597  -11.504 14.944  0.15 68.13  ?  11  LYS   A CE  1 
ATOM   32   C  CE  D LYS   A 1 2   ? -1.596  -11.504 14.944  0.14 68.04  ?  11  LYS   A CE  1 
ATOM   33   N  NZ  A LYS   A 1 2   ? -1.942  -11.098 16.043  0.36 85.06  ?  11  LYS   A NZ  1 
ATOM   34   N  NZ  B LYS   A 1 2   ? -1.942  -11.098 16.044  0.34 84.76  ?  11  LYS   A NZ  1 
ATOM   35   N  NZ  C LYS   A 1 2   ? -1.932  -10.997 16.294  0.15 70.63  1  11  LYS   A NZ  1 
ATOM   36   N  NZ  D LYS   A 1 2   ? -1.931  -10.997 16.293  0.14 70.44  1  11  LYS   A NZ  1 
ATOM   37   N  N   A THR   A 1 3   ? -7.073  -8.894  11.509  0.36 49.70  ?  12  THR   A N   1 
ATOM   38   N  N   B THR   A 1 3   ? -7.073  -8.894  11.509  0.34 49.84  ?  12  THR   A N   1 
ATOM   39   N  N   C THR   A 1 3   ? -7.033  -8.963  11.531  0.15 53.53  ?  12  THR   A N   1 
ATOM   40   N  N   D THR   A 1 3   ? -7.033  -8.963  11.531  0.14 53.61  ?  12  THR   A N   1 
ATOM   41   C  CA  A THR   A 1 3   ? -7.713  -7.843  10.675  0.36 49.37  ?  12  THR   A CA  1 
ATOM   42   C  CA  B THR   A 1 3   ? -7.713  -7.843  10.675  0.34 49.46  ?  12  THR   A CA  1 
ATOM   43   C  CA  C THR   A 1 3   ? -7.615  -7.967  10.589  0.15 52.34  ?  12  THR   A CA  1 
ATOM   44   C  CA  D THR   A 1 3   ? -7.616  -7.967  10.589  0.14 52.39  ?  12  THR   A CA  1 
ATOM   45   C  C   A THR   A 1 3   ? -6.694  -6.753  10.316  0.36 50.66  ?  12  THR   A C   1 
ATOM   46   C  C   B THR   A 1 3   ? -6.694  -6.753  10.316  0.34 50.64  ?  12  THR   A C   1 
ATOM   47   C  C   C THR   A 1 3   ? -6.590  -6.887  10.226  0.15 51.84  ?  12  THR   A C   1 
ATOM   48   C  C   D THR   A 1 3   ? -6.589  -6.887  10.225  0.14 51.82  ?  12  THR   A C   1 
ATOM   49   O  O   A THR   A 1 3   ? -6.937  -6.013  9.331   0.36 48.75  ?  12  THR   A O   1 
ATOM   50   O  O   B THR   A 1 3   ? -6.938  -6.014  9.332   0.34 48.80  ?  12  THR   A O   1 
ATOM   51   O  O   C THR   A 1 3   ? -6.725  -6.303  9.129   0.15 52.39  ?  12  THR   A O   1 
ATOM   52   O  O   D THR   A 1 3   ? -6.723  -6.306  9.127   0.14 52.35  ?  12  THR   A O   1 
ATOM   53   C  CB  A THR   A 1 3   ? -8.892  -7.200  11.414  0.36 52.53  ?  12  THR   A CB  1 
ATOM   54   C  CB  B THR   A 1 3   ? -8.892  -7.200  11.414  0.34 52.49  ?  12  THR   A CB  1 
ATOM   55   C  CB  C THR   A 1 3   ? -8.850  -7.283  11.188  0.15 53.56  ?  12  THR   A CB  1 
ATOM   56   C  CB  D THR   A 1 3   ? -8.851  -7.283  11.188  0.14 53.54  ?  12  THR   A CB  1 
ATOM   57   O  OG1 A THR   A 1 3   ? -8.373  -6.533  12.569  0.36 49.31  ?  12  THR   A OG1 1 
ATOM   58   O  OG1 B THR   A 1 3   ? -8.374  -6.534  12.570  0.34 49.39  ?  12  THR   A OG1 1 
ATOM   59   O  OG1 C THR   A 1 3   ? -8.448  -6.590  12.372  0.15 53.48  ?  12  THR   A OG1 1 
ATOM   60   O  OG1 D THR   A 1 3   ? -8.448  -6.591  12.372  0.14 53.48  ?  12  THR   A OG1 1 
ATOM   61   C  CG2 A THR   A 1 3   ? -9.952  -8.201  11.815  0.36 51.80  ?  12  THR   A CG2 1 
ATOM   62   C  CG2 B THR   A 1 3   ? -9.953  -8.200  11.814  0.34 51.80  ?  12  THR   A CG2 1 
ATOM   63   C  CG2 C THR   A 1 3   ? -9.963  -8.255  11.513  0.15 53.33  ?  12  THR   A CG2 1 
ATOM   64   C  CG2 D THR   A 1 3   ? -9.964  -8.255  11.512  0.14 53.33  ?  12  THR   A CG2 1 
ATOM   65   N  N   . HIS   A 1 4   ? -5.630  -6.607  11.115  1.00 47.86  ?  13  HIS   A N   1 
ATOM   66   C  CA  . HIS   A 1 4   ? -4.613  -5.545  10.896  1.00 50.21  ?  13  HIS   A CA  1 
ATOM   67   C  C   . HIS   A 1 4   ? -3.213  -6.132  10.952  1.00 54.93  ?  13  HIS   A C   1 
ATOM   68   O  O   . HIS   A 1 4   ? -2.977  -7.088  11.722  1.00 53.68  ?  13  HIS   A O   1 
ATOM   69   C  CB  . HIS   A 1 4   ? -4.737  -4.401  11.880  1.00 48.67  ?  13  HIS   A CB  1 
ATOM   70   C  CG  . HIS   A 1 4   ? -5.875  -3.492  11.586  1.00 52.21  ?  13  HIS   A CG  1 
ATOM   71   N  ND1 . HIS   A 1 4   ? -7.178  -3.838  11.893  1.00 54.41  ?  13  HIS   A ND1 1 
ATOM   72   C  CD2 . HIS   A 1 4   ? -5.910  -2.228  11.099  1.00 55.22  ?  13  HIS   A CD2 1 
ATOM   73   C  CE1 . HIS   A 1 4   ? -7.968  -2.820  11.598  1.00 60.63  ?  13  HIS   A CE1 1 
ATOM   74   N  NE2 . HIS   A 1 4   ? -7.222  -1.819  11.108  1.00 53.57  ?  13  HIS   A NE2 1 
ATOM   75   N  N   A VAL   A 1 5   ? -2.304  -5.597  10.127  0.36 51.67  ?  14  VAL   A N   1 
ATOM   76   N  N   B VAL   A 1 5   ? -2.304  -5.598  10.127  0.34 51.79  ?  14  VAL   A N   1 
ATOM   77   N  N   C VAL   A 1 5   ? -2.308  -5.524  10.183  0.15 53.86  ?  14  VAL   A N   1 
ATOM   78   N  N   D VAL   A 1 5   ? -2.308  -5.524  10.183  0.14 53.93  ?  14  VAL   A N   1 
ATOM   79   C  CA  A VAL   A 1 5   ? -0.894  -6.077  10.030  0.36 56.65  ?  14  VAL   A CA  1 
ATOM   80   C  CA  B VAL   A 1 5   ? -0.894  -6.077  10.030  0.34 56.62  ?  14  VAL   A CA  1 
ATOM   81   C  CA  C VAL   A 1 5   ? -0.917  -6.003  9.945   0.15 56.61  ?  14  VAL   A CA  1 
ATOM   82   C  CA  D VAL   A 1 5   ? -0.917  -6.003  9.945   0.14 56.59  ?  14  VAL   A CA  1 
ATOM   83   C  C   A VAL   A 1 5   ? 0.059   -4.878  10.073  0.36 55.05  ?  14  VAL   A C   1 
ATOM   84   C  C   B VAL   A 1 5   ? 0.058   -4.878  10.073  0.34 55.11  ?  14  VAL   A C   1 
ATOM   85   C  C   C VAL   A 1 5   ? 0.035   -4.814  10.113  0.15 56.41  ?  14  VAL   A C   1 
ATOM   86   C  C   D VAL   A 1 5   ? 0.035   -4.814  10.113  0.14 56.43  ?  14  VAL   A C   1 
ATOM   87   O  O   A VAL   A 1 5   ? -0.178  -3.893  9.347   0.36 54.57  ?  14  VAL   A O   1 
ATOM   88   O  O   B VAL   A 1 5   ? -0.178  -3.893  9.347   0.34 54.61  ?  14  VAL   A O   1 
ATOM   89   O  O   C VAL   A 1 5   ? -0.232  -3.757  9.505   0.15 56.59  ?  14  VAL   A O   1 
ATOM   90   O  O   D VAL   A 1 5   ? -0.232  -3.757  9.505   0.14 56.59  ?  14  VAL   A O   1 
ATOM   91   C  CB  A VAL   A 1 5   ? -0.660  -6.962  8.790   0.36 57.64  ?  14  VAL   A CB  1 
ATOM   92   C  CB  B VAL   A 1 5   ? -0.660  -6.962  8.789   0.34 57.61  ?  14  VAL   A CB  1 
ATOM   93   C  CB  C VAL   A 1 5   ? -0.785  -6.659  8.555   0.15 57.46  ?  14  VAL   A CB  1 
ATOM   94   C  CB  D VAL   A 1 5   ? -0.785  -6.660  8.555   0.14 57.43  ?  14  VAL   A CB  1 
ATOM   95   C  CG1 A VAL   A 1 5   ? -1.006  -6.256  7.487   0.36 57.29  ?  14  VAL   A CG1 1 
ATOM   96   C  CG1 B VAL   A 1 5   ? -1.006  -6.255  7.487   0.34 57.29  ?  14  VAL   A CG1 1 
ATOM   97   C  CG1 C VAL   A 1 5   ? -1.946  -6.316  7.633   0.15 58.88  ?  14  VAL   A CG1 1 
ATOM   98   C  CG1 D VAL   A 1 5   ? -1.946  -6.316  7.633   0.14 58.79  ?  14  VAL   A CG1 1 
ATOM   99   C  CG2 A VAL   A 1 5   ? 0.765   -7.494  8.756   0.36 59.28  ?  14  VAL   A CG2 1 
ATOM   100  C  CG2 B VAL   A 1 5   ? 0.765   -7.494  8.755   0.34 59.20  ?  14  VAL   A CG2 1 
ATOM   101  C  CG2 C VAL   A 1 5   ? 0.528   -6.306  7.887   0.15 57.82  ?  14  VAL   A CG2 1 
ATOM   102  C  CG2 D VAL   A 1 5   ? 0.528   -6.307  7.887   0.14 57.78  ?  14  VAL   A CG2 1 
ATOM   103  N  N   . GLN   A 1 6   ? 1.091   -4.982  10.914  1.00 56.22  ?  15  GLN   A N   1 
ATOM   104  C  CA  . GLN   A 1 6   ? 2.165   -3.967  11.053  1.00 62.79  ?  15  GLN   A CA  1 
ATOM   105  C  C   . GLN   A 1 6   ? 3.102   -4.153  9.864   1.00 58.02  ?  15  GLN   A C   1 
ATOM   106  O  O   . GLN   A 1 6   ? 3.563   -5.308  9.629   1.00 54.54  ?  15  GLN   A O   1 
ATOM   107  C  CB  . GLN   A 1 6   ? 2.901   -4.113  12.384  1.00 64.27  ?  15  GLN   A CB  1 
ATOM   108  C  CG  . GLN   A 1 6   ? 2.181   -3.420  13.532  1.00 67.16  ?  15  GLN   A CG  1 
ATOM   109  C  CD  . GLN   A 1 6   ? 2.842   -3.693  14.865  1.00 80.07  ?  15  GLN   A CD  1 
ATOM   110  O  OE1 . GLN   A 1 6   ? 3.561   -4.677  15.049  1.00 79.04  ?  15  GLN   A OE1 1 
ATOM   111  N  NE2 . GLN   A 1 6   ? 2.605   -2.812  15.821  1.00 85.20  ?  15  GLN   A NE2 1 
ATOM   112  N  N   . LEU   A 1 7   ? 3.310   -3.085  9.100   1.00 54.76  ?  16  LEU   A N   1 
ATOM   113  C  CA  . LEU   A 1 7   ? 4.197   -3.139  7.920   1.00 47.93  ?  16  LEU   A CA  1 
ATOM   114  C  C   . LEU   A 1 7   ? 5.138   -1.957  7.968   1.00 48.94  ?  16  LEU   A C   1 
ATOM   115  O  O   . LEU   A 1 7   ? 4.751   -0.870  8.475   1.00 50.83  ?  16  LEU   A O   1 
ATOM   116  C  CB  . LEU   A 1 7   ? 3.368   -3.107  6.640   1.00 50.80  ?  16  LEU   A CB  1 
ATOM   117  C  CG  . LEU   A 1 7   ? 2.419   -4.290  6.468   1.00 52.12  ?  16  LEU   A CG  1 
ATOM   118  C  CD1 . LEU   A 1 7   ? 1.481   -4.074  5.299   1.00 55.71  ?  16  LEU   A CD1 1 
ATOM   119  C  CD2 . LEU   A 1 7   ? 3.173   -5.605  6.306   1.00 50.11  ?  16  LEU   A CD2 1 
ATOM   120  N  N   A SER   A 1 8   ? 6.356   -2.169  7.467   0.33 47.75  ?  17  SER   A N   1 
ATOM   121  N  N   B SER   A 1 8   ? 6.355   -2.160  7.452   0.17 48.16  ?  17  SER   A N   1 
ATOM   122  N  N   C SER   A 1 8   ? 6.356   -2.169  7.467   0.33 47.75  ?  17  SER   A N   1 
ATOM   123  N  N   D SER   A 1 8   ? 6.355   -2.160  7.452   0.17 48.16  ?  17  SER   A N   1 
ATOM   124  C  CA  A SER   A 1 8   ? 7.356   -1.112  7.176   0.33 48.94  ?  17  SER   A CA  1 
ATOM   125  C  CA  B SER   A 1 8   ? 7.372   -1.112  7.181   0.17 48.57  ?  17  SER   A CA  1 
ATOM   126  C  CA  C SER   A 1 8   ? 7.356   -1.112  7.176   0.33 48.94  ?  17  SER   A CA  1 
ATOM   127  C  CA  D SER   A 1 8   ? 7.372   -1.112  7.181   0.17 48.57  ?  17  SER   A CA  1 
ATOM   128  C  C   A SER   A 1 8   ? 7.503   -0.994  5.655   0.33 44.20  ?  17  SER   A C   1 
ATOM   129  C  C   B SER   A 1 8   ? 7.536   -0.976  5.661   0.17 45.29  ?  17  SER   A C   1 
ATOM   130  C  C   C SER   A 1 8   ? 7.503   -0.994  5.655   0.33 44.20  ?  17  SER   A C   1 
ATOM   131  C  C   D SER   A 1 8   ? 7.536   -0.976  5.661   0.17 45.29  ?  17  SER   A C   1 
ATOM   132  O  O   A SER   A 1 8   ? 8.096   -1.907  5.055   0.33 43.63  ?  17  SER   A O   1 
ATOM   133  O  O   B SER   A 1 8   ? 8.177   -1.862  5.064   0.17 44.97  ?  17  SER   A O   1 
ATOM   134  O  O   C SER   A 1 8   ? 8.096   -1.907  5.055   0.33 43.63  ?  17  SER   A O   1 
ATOM   135  O  O   D SER   A 1 8   ? 8.177   -1.862  5.064   0.17 44.97  ?  17  SER   A O   1 
ATOM   136  C  CB  A SER   A 1 8   ? 8.664   -1.429  7.846   0.33 51.41  ?  17  SER   A CB  1 
ATOM   137  C  CB  B SER   A 1 8   ? 8.678   -1.451  7.863   0.17 50.35  ?  17  SER   A CB  1 
ATOM   138  C  CB  C SER   A 1 8   ? 8.664   -1.429  7.846   0.33 51.41  ?  17  SER   A CB  1 
ATOM   139  C  CB  D SER   A 1 8   ? 8.678   -1.451  7.863   0.17 50.35  ?  17  SER   A CB  1 
ATOM   140  O  OG  A SER   A 1 8   ? 8.518   -1.375  9.255   0.33 54.22  ?  17  SER   A OG  1 
ATOM   141  O  OG  B SER   A 1 8   ? 9.684   -0.495  7.557   0.17 53.20  ?  17  SER   A OG  1 
ATOM   142  O  OG  C SER   A 1 8   ? 8.518   -1.375  9.255   0.33 54.22  ?  17  SER   A OG  1 
ATOM   143  O  OG  D SER   A 1 8   ? 9.684   -0.495  7.557   0.17 53.20  ?  17  SER   A OG  1 
ATOM   144  N  N   . LEU   A 1 9   ? 6.963   0.077   5.063   1.00 44.28  ?  18  LEU   A N   1 
ATOM   145  C  CA  . LEU   A 1 9   ? 6.933   0.261   3.578   1.00 42.79  ?  18  LEU   A CA  1 
ATOM   146  C  C   . LEU   A 1 9   ? 8.093   1.133   3.106   1.00 44.90  ?  18  LEU   A C   1 
ATOM   147  O  O   . LEU   A 1 9   ? 8.281   2.242   3.612   1.00 41.60  ?  18  LEU   A O   1 
ATOM   148  C  CB  . LEU   A 1 9   ? 5.608   0.911   3.200   1.00 43.66  ?  18  LEU   A CB  1 
ATOM   149  C  CG  . LEU   A 1 9   ? 4.359   0.107   3.553   1.00 40.89  ?  18  LEU   A CG  1 
ATOM   150  C  CD1 . LEU   A 1 9   ? 3.139   0.802   3.027   1.00 41.06  ?  18  LEU   A CD1 1 
ATOM   151  C  CD2 . LEU   A 1 9   ? 4.433   -1.286  2.995   1.00 43.21  ?  18  LEU   A CD2 1 
ATOM   152  N  N   . PRO   A 1 10  ? 8.894   0.654   2.125   1.00 38.65  ?  19  PRO   A N   1 
ATOM   153  C  CA  . PRO   A 1 10  ? 9.979   1.446   1.546   1.00 38.00  ?  19  PRO   A CA  1 
ATOM   154  C  C   . PRO   A 1 10  ? 9.375   2.639   0.787   1.00 38.31  ?  19  PRO   A C   1 
ATOM   155  O  O   . PRO   A 1 10  ? 8.522   2.438   -0.050  1.00 39.30  ?  19  PRO   A O   1 
ATOM   156  C  CB  . PRO   A 1 10  ? 10.700  0.497   0.589   1.00 39.32  ?  19  PRO   A CB  1 
ATOM   157  C  CG  . PRO   A 1 10  ? 9.676   -0.573  0.278   1.00 42.76  ?  19  PRO   A CG  1 
ATOM   158  C  CD  . PRO   A 1 10  ? 8.813   -0.685  1.533   1.00 43.14  ?  19  PRO   A CD  1 
ATOM   159  N  N   . VAL   A 1 11  ? 9.757   3.853   1.166   1.00 34.93  ?  20  VAL   A N   1 
ATOM   160  C  CA  . VAL   A 1 11  ? 9.259   5.097   0.525   1.00 38.16  ?  20  VAL   A CA  1 
ATOM   161  C  C   . VAL   A 1 11  ? 10.175  5.368   -0.674  1.00 38.42  ?  20  VAL   A C   1 
ATOM   162  O  O   . VAL   A 1 11  ? 11.377  5.577   -0.460  1.00 38.11  ?  20  VAL   A O   1 
ATOM   163  C  CB  . VAL   A 1 11  ? 9.221   6.277   1.519   1.00 41.60  ?  20  VAL   A CB  1 
ATOM   164  C  CG1 . VAL   A 1 11  ? 8.826   7.591   0.859   1.00 39.15  ?  20  VAL   A CG1 1 
ATOM   165  C  CG2 . VAL   A 1 11  ? 8.266   6.004   2.668   1.00 43.45  ?  20  VAL   A CG2 1 
ATOM   166  N  N   . LEU   A 1 12  ? 9.608   5.455   -1.871  1.00 40.25  ?  21  LEU   A N   1 
ATOM   167  C  CA  . LEU   A 1 12  ? 10.367  5.570   -3.140  1.00 40.74  ?  21  LEU   A CA  1 
ATOM   168  C  C   . LEU   A 1 12  ? 10.151  6.958   -3.738  1.00 43.73  ?  21  LEU   A C   1 
ATOM   169  O  O   . LEU   A 1 12  ? 9.031   7.513   -3.649  1.00 41.11  ?  21  LEU   A O   1 
ATOM   170  C  CB  . LEU   A 1 12  ? 9.857   4.490   -4.100  1.00 39.67  ?  21  LEU   A CB  1 
ATOM   171  C  CG  . LEU   A 1 12  ? 9.887   3.054   -3.571  1.00 38.67  ?  21  LEU   A CG  1 
ATOM   172  C  CD1 . LEU   A 1 12  ? 9.395   2.057   -4.615  1.00 38.62  ?  21  LEU   A CD1 1 
ATOM   173  C  CD2 . LEU   A 1 12  ? 11.285  2.663   -3.140  1.00 41.88  ?  21  LEU   A CD2 1 
ATOM   174  N  N   A GLN   A 1 13  ? 11.193  7.517   -4.356  0.21 41.18  ?  22  GLN   A N   1 
ATOM   175  N  N   B GLN   A 1 13  ? 11.203  7.514   -4.349  0.28 43.46  ?  22  GLN   A N   1 
ATOM   176  N  N   C GLN   A 1 13  ? 11.193  7.517   -4.356  0.21 41.18  ?  22  GLN   A N   1 
ATOM   177  N  N   D GLN   A 1 13  ? 11.203  7.514   -4.349  0.28 43.46  ?  22  GLN   A N   1 
ATOM   178  C  CA  A GLN   A 1 13  ? 11.060  8.726   -5.208  0.21 39.42  ?  22  GLN   A CA  1 
ATOM   179  C  CA  B GLN   A 1 13  ? 11.100  8.701   -5.239  0.28 42.75  ?  22  GLN   A CA  1 
ATOM   180  C  CA  C GLN   A 1 13  ? 11.060  8.726   -5.208  0.21 39.42  ?  22  GLN   A CA  1 
ATOM   181  C  CA  D GLN   A 1 13  ? 11.100  8.701   -5.239  0.28 42.75  ?  22  GLN   A CA  1 
ATOM   182  C  C   A GLN   A 1 13  ? 10.412  8.296   -6.528  0.21 38.95  ?  22  GLN   A C   1 
ATOM   183  C  C   B GLN   A 1 13  ? 10.388  8.268   -6.523  0.28 40.71  ?  22  GLN   A C   1 
ATOM   184  C  C   C GLN   A 1 13  ? 10.412  8.296   -6.528  0.21 38.95  ?  22  GLN   A C   1 
ATOM   185  C  C   D GLN   A 1 13  ? 10.388  8.268   -6.523  0.28 40.71  ?  22  GLN   A C   1 
ATOM   186  O  O   A GLN   A 1 13  ? 10.826  7.248   -7.078  0.21 38.11  ?  22  GLN   A O   1 
ATOM   187  O  O   B GLN   A 1 13  ? 10.754  7.197   -7.063  0.28 39.23  ?  22  GLN   A O   1 
ATOM   188  O  O   C GLN   A 1 13  ? 10.826  7.248   -7.078  0.21 38.11  ?  22  GLN   A O   1 
ATOM   189  O  O   D GLN   A 1 13  ? 10.754  7.197   -7.063  0.28 39.23  ?  22  GLN   A O   1 
ATOM   190  C  CB  A GLN   A 1 13  ? 12.419  9.397   -5.392  0.21 39.75  ?  22  GLN   A CB  1 
ATOM   191  C  CB  B GLN   A 1 13  ? 12.484  9.259   -5.563  0.28 46.39  ?  22  GLN   A CB  1 
ATOM   192  C  CB  C GLN   A 1 13  ? 12.419  9.397   -5.392  0.21 39.75  ?  22  GLN   A CB  1 
ATOM   193  C  CB  D GLN   A 1 13  ? 12.484  9.259   -5.563  0.28 46.39  ?  22  GLN   A CB  1 
ATOM   194  C  CG  A GLN   A 1 13  ? 12.818  10.248  -4.198  0.21 41.02  ?  22  GLN   A CG  1 
ATOM   195  C  CG  B GLN   A 1 13  ? 13.255  9.730   -4.346  0.28 51.01  ?  22  GLN   A CG  1 
ATOM   196  C  CG  C GLN   A 1 13  ? 12.818  10.248  -4.198  0.21 41.02  ?  22  GLN   A CG  1 
ATOM   197  C  CG  D GLN   A 1 13  ? 13.255  9.730   -4.346  0.28 51.01  ?  22  GLN   A CG  1 
ATOM   198  C  CD  A GLN   A 1 13  ? 11.861  11.392  -3.963  0.21 41.41  ?  22  GLN   A CD  1 
ATOM   199  C  CD  B GLN   A 1 13  ? 14.452  10.568  -4.732  0.28 55.33  ?  22  GLN   A CD  1 
ATOM   200  C  CD  C GLN   A 1 13  ? 11.861  11.392  -3.963  0.21 41.41  ?  22  GLN   A CD  1 
ATOM   201  C  CD  D GLN   A 1 13  ? 14.452  10.568  -4.732  0.28 55.33  ?  22  GLN   A CD  1 
ATOM   202  O  OE1 A GLN   A 1 13  ? 11.315  11.975  -4.899  0.21 40.34  ?  22  GLN   A OE1 1 
ATOM   203  O  OE1 B GLN   A 1 13  ? 14.993  10.460  -5.835  0.28 52.60  ?  22  GLN   A OE1 1 
ATOM   204  O  OE1 C GLN   A 1 13  ? 11.315  11.975  -4.899  0.21 40.34  ?  22  GLN   A OE1 1 
ATOM   205  O  OE1 D GLN   A 1 13  ? 14.993  10.460  -5.835  0.28 52.60  ?  22  GLN   A OE1 1 
ATOM   206  N  NE2 A GLN   A 1 13  ? 11.655  11.725  -2.699  0.21 41.99  ?  22  GLN   A NE2 1 
ATOM   207  N  NE2 B GLN   A 1 13  ? 14.874  11.419  -3.813  0.28 59.26  ?  22  GLN   A NE2 1 
ATOM   208  N  NE2 C GLN   A 1 13  ? 11.655  11.725  -2.699  0.21 41.99  ?  22  GLN   A NE2 1 
ATOM   209  N  NE2 D GLN   A 1 13  ? 14.874  11.419  -3.813  0.28 59.26  ?  22  GLN   A NE2 1 
ATOM   210  N  N   . VAL   A 1 14  ? 9.427   9.068   -6.994  1.00 38.27  ?  23  VAL   A N   1 
ATOM   211  C  CA  . VAL   A 1 14  ? 8.598   8.732   -8.181  1.00 37.84  ?  23  VAL   A CA  1 
ATOM   212  C  C   . VAL   A 1 14  ? 9.487   8.415   -9.395  1.00 40.70  ?  23  VAL   A C   1 
ATOM   213  O  O   . VAL   A 1 14  ? 9.184   7.427   -10.076 1.00 37.16  ?  23  VAL   A O   1 
ATOM   214  C  CB  . VAL   A 1 14  ? 7.547   9.823   -8.454  1.00 40.94  ?  23  VAL   A CB  1 
ATOM   215  C  CG1 . VAL   A 1 14  ? 8.173   11.139  -8.889  1.00 47.70  ?  23  VAL   A CG1 1 
ATOM   216  C  CG2 . VAL   A 1 14  ? 6.520   9.341   -9.460  1.00 43.32  ?  23  VAL   A CG2 1 
ATOM   217  N  N   . ARG   A 1 15  ? 10.577  9.159   -9.638  1.00 40.00  ?  24  ARG   A N   1 
ATOM   218  C  CA  . ARG   A 1 15  ? 11.418  8.943   -10.850 1.00 43.36  ?  24  ARG   A CA  1 
ATOM   219  C  C   . ARG   A 1 15  ? 12.207  7.628   -10.774 1.00 39.75  ?  24  ARG   A C   1 
ATOM   220  O  O   . ARG   A 1 15  ? 12.681  7.198   -11.816 1.00 39.73  ?  24  ARG   A O   1 
ATOM   221  C  CB  . ARG   A 1 15  ? 12.323  10.148  -11.103 1.00 44.36  ?  24  ARG   A CB  1 
ATOM   222  C  CG  . ARG   A 1 15  ? 11.506  11.377  -11.456 1.00 50.66  ?  24  ARG   A CG  1 
ATOM   223  C  CD  . ARG   A 1 15  ? 12.346  12.602  -11.687 1.00 54.91  ?  24  ARG   A CD  1 
ATOM   224  N  NE  . ARG   A 1 15  ? 11.571  13.825  -11.887 1.00 53.66  ?  24  ARG   A NE  1 
ATOM   225  C  CZ  . ARG   A 1 15  ? 10.879  14.123  -12.981 1.00 63.42  ?  24  ARG   A CZ  1 
ATOM   226  N  NH1 . ARG   A 1 15  ? 10.820  13.273  -14.005 1.00 67.61  ?  24  ARG   A NH1 1 
ATOM   227  N  NH2 . ARG   A 1 15  ? 10.250  15.286  -13.051 1.00 61.17  ?  24  ARG   A NH2 1 
ATOM   228  N  N   . ASP   A 1 16  ? 12.324  7.001   -9.601  1.00 44.16  ?  25  ASP   A N   1 
ATOM   229  C  CA  . ASP   A 1 16  ? 13.055  5.721   -9.417  1.00 41.03  ?  25  ASP   A CA  1 
ATOM   230  C  C   . ASP   A 1 16  ? 12.132  4.549   -9.739  1.00 41.37  ?  25  ASP   A C   1 
ATOM   231  O  O   . ASP   A 1 16  ? 12.649  3.478   -10.021 1.00 43.89  ?  25  ASP   A O   1 
ATOM   232  C  CB  . ASP   A 1 16  ? 13.624  5.567   -8.014  1.00 43.39  ?  25  ASP   A CB  1 
ATOM   233  C  CG  . ASP   A 1 16  ? 14.847  6.437   -7.750  1.00 42.76  ?  25  ASP   A CG  1 
ATOM   234  O  OD1 . ASP   A 1 16  ? 15.579  6.728   -8.719  1.00 38.67  ?  25  ASP   A OD1 1 
ATOM   235  O  OD2 . ASP   A 1 16  ? 15.055  6.805   -6.584  1.00 43.10  ?  25  ASP   A OD2 1 
ATOM   236  N  N   . VAL   A 1 17  ? 10.815  4.752   -9.696  1.00 41.24  ?  26  VAL   A N   1 
ATOM   237  C  CA  . VAL   A 1 17  ? 9.830   3.639   -9.772  1.00 39.07  ?  26  VAL   A CA  1 
ATOM   238  C  C   . VAL   A 1 17  ? 9.851   3.028   -11.182 1.00 36.74  ?  26  VAL   A C   1 
ATOM   239  O  O   . VAL   A 1 17  ? 9.586   3.741   -12.153 1.00 36.92  ?  26  VAL   A O   1 
ATOM   240  C  CB  . VAL   A 1 17  ? 8.421   4.107   -9.337  1.00 40.29  ?  26  VAL   A CB  1 
ATOM   241  C  CG1 . VAL   A 1 17  ? 7.399   3.000   -9.512  1.00 36.96  ?  26  VAL   A CG1 1 
ATOM   242  C  CG2 . VAL   A 1 17  ? 8.432   4.610   -7.902  1.00 38.84  ?  26  VAL   A CG2 1 
ATOM   243  N  N   . LEU   A 1 18  ? 10.149  1.729   -11.267 1.00 38.20  ?  27  LEU   A N   1 
ATOM   244  C  CA  . LEU   A 1 18  ? 10.222  0.950   -12.525 1.00 36.12  ?  27  LEU   A CA  1 
ATOM   245  C  C   . LEU   A 1 18  ? 8.838   0.436   -12.903 1.00 37.63  ?  27  LEU   A C   1 
ATOM   246  O  O   . LEU   A 1 18  ? 8.577   0.348   -14.083 1.00 38.66  ?  27  LEU   A O   1 
ATOM   247  C  CB  . LEU   A 1 18  ? 11.181  -0.227  -12.345 1.00 40.61  ?  27  LEU   A CB  1 
ATOM   248  C  CG  . LEU   A 1 18  ? 12.597  0.140   -11.916 1.00 41.98  ?  27  LEU   A CG  1 
ATOM   249  C  CD1 . LEU   A 1 18  ? 13.462  -1.103  -11.821 1.00 42.32  ?  27  LEU   A CD1 1 
ATOM   250  C  CD2 . LEU   A 1 18  ? 13.197  1.136   -12.894 1.00 44.23  ?  27  LEU   A CD2 1 
ATOM   251  N  N   . VAL   A 1 19  ? 8.008   0.031   -11.948 1.00 39.44  ?  28  VAL   A N   1 
ATOM   252  C  CA  . VAL   A 1 19  ? 6.636   -0.466  -12.261 1.00 38.87  ?  28  VAL   A CA  1 
ATOM   253  C  C   . VAL   A 1 19  ? 5.661   0.465   -11.534 1.00 40.53  ?  28  VAL   A C   1 
ATOM   254  O  O   . VAL   A 1 19  ? 5.565   0.399   -10.267 1.00 36.39  ?  28  VAL   A O   1 
ATOM   255  C  CB  . VAL   A 1 19  ? 6.462   -1.944  -11.873 1.00 39.82  ?  28  VAL   A CB  1 
ATOM   256  C  CG1 . VAL   A 1 19  ? 5.126   -2.524  -12.330 1.00 39.78  ?  28  VAL   A CG1 1 
ATOM   257  C  CG2 . VAL   A 1 19  ? 7.618   -2.778  -12.388 1.00 44.18  ?  28  VAL   A CG2 1 
ATOM   258  N  N   . ARG   A 1 20  ? 4.972   1.288   -12.319 1.00 38.62  ?  29  ARG   A N   1 
ATOM   259  C  CA  . ARG   A 1 20  ? 4.304   2.538   -11.875 1.00 42.28  ?  29  ARG   A CA  1 
ATOM   260  C  C   . ARG   A 1 20  ? 2.820   2.325   -11.561 1.00 45.39  ?  29  ARG   A C   1 
ATOM   261  O  O   . ARG   A 1 20  ? 2.151   3.331   -11.248 1.00 40.67  ?  29  ARG   A O   1 
ATOM   262  C  CB  . ARG   A 1 20  ? 4.527   3.584   -12.961 1.00 43.10  ?  29  ARG   A CB  1 
ATOM   263  C  CG  . ARG   A 1 20  ? 5.881   4.257   -12.824 1.00 48.24  ?  29  ARG   A CG  1 
ATOM   264  C  CD  . ARG   A 1 20  ? 6.286   5.008   -14.066 1.00 57.36  ?  29  ARG   A CD  1 
ATOM   265  N  NE  . ARG   A 1 20  ? 7.687   5.360   -13.916 1.00 69.16  ?  29  ARG   A NE  1 
ATOM   266  C  CZ  . ARG   A 1 20  ? 8.151   6.343   -13.165 1.00 60.37  ?  29  ARG   A CZ  1 
ATOM   267  N  NH1 . ARG   A 1 20  ? 7.313   7.113   -12.498 1.00 72.88  ?  29  ARG   A NH1 1 
ATOM   268  N  NH2 . ARG   A 1 20  ? 9.452   6.568   -13.123 1.00 57.63  ?  29  ARG   A NH2 1 
ATOM   269  N  N   . GLY   A 1 21  ? 2.350   1.072   -11.570 1.00 40.87  ?  30  GLY   A N   1 
ATOM   270  C  CA  . GLY   A 1 21  ? 0.986   0.719   -11.162 1.00 38.09  ?  30  GLY   A CA  1 
ATOM   271  C  C   . GLY   A 1 21  ? 0.836   -0.760  -10.946 1.00 39.79  ?  30  GLY   A C   1 
ATOM   272  O  O   . GLY   A 1 21  ? 1.747   -1.530  -11.311 1.00 41.28  ?  30  GLY   A O   1 
ATOM   273  N  N   . PHE   A 1 22  ? -0.307  -1.155  -10.389 1.00 39.80  ?  31  PHE   A N   1 
ATOM   274  C  CA  . PHE   A 1 22  ? -0.620  -2.558  -10.035 1.00 41.20  ?  31  PHE   A CA  1 
ATOM   275  C  C   . PHE   A 1 22  ? -1.458  -3.254  -11.123 1.00 42.08  ?  31  PHE   A C   1 
ATOM   276  O  O   . PHE   A 1 22  ? -1.577  -4.468  -11.119 1.00 47.34  ?  31  PHE   A O   1 
ATOM   277  C  CB  . PHE   A 1 22  ? -1.308  -2.552  -8.675  1.00 41.09  ?  31  PHE   A CB  1 
ATOM   278  C  CG  . PHE   A 1 22  ? -0.370  -2.393  -7.514  1.00 36.14  ?  31  PHE   A CG  1 
ATOM   279  C  CD1 . PHE   A 1 22  ? 0.615   -3.334  -7.266  1.00 40.98  ?  31  PHE   A CD1 1 
ATOM   280  C  CD2 . PHE   A 1 22  ? -0.514  -1.355  -6.629  1.00 36.64  ?  31  PHE   A CD2 1 
ATOM   281  C  CE1 . PHE   A 1 22  ? 1.455   -3.211  -6.169  1.00 38.78  ?  31  PHE   A CE1 1 
ATOM   282  C  CE2 . PHE   A 1 22  ? 0.333   -1.228  -5.537  1.00 38.05  ?  31  PHE   A CE2 1 
ATOM   283  C  CZ  . PHE   A 1 22  ? 1.315   -2.158  -5.312  1.00 37.14  ?  31  PHE   A CZ  1 
ATOM   284  N  N   . GLY   A 1 23  ? -2.066  -2.512  -12.040 1.00 44.44  ?  32  GLY   A N   1 
ATOM   285  C  CA  . GLY   A 1 23  ? -2.833  -3.130  -13.134 1.00 41.88  ?  32  GLY   A CA  1 
ATOM   286  C  C   . GLY   A 1 23  ? -3.835  -2.159  -13.719 1.00 41.37  ?  32  GLY   A C   1 
ATOM   287  O  O   . GLY   A 1 23  ? -3.557  -0.946  -13.711 1.00 38.82  ?  32  GLY   A O   1 
ATOM   288  N  N   . ASP   A 1 24  ? -4.960  -2.687  -14.186 1.00 43.29  ?  33  ASP   A N   1 
ATOM   289  C  CA  . ASP   A 1 24  ? -5.765  -2.047  -15.268 1.00 51.31  ?  33  ASP   A CA  1 
ATOM   290  C  C   . ASP   A 1 24  ? -7.199  -1.765  -14.812 1.00 48.50  ?  33  ASP   A C   1 
ATOM   291  O  O   . ASP   A 1 24  ? -7.853  -0.997  -15.509 1.00 55.17  ?  33  ASP   A O   1 
ATOM   292  C  CB  . ASP   A 1 24  ? -5.727  -2.915  -16.525 1.00 50.57  ?  33  ASP   A CB  1 
ATOM   293  C  CG  . ASP   A 1 24  ? -4.332  -3.002  -17.137 1.00 52.31  ?  33  ASP   A CG  1 
ATOM   294  O  OD1 . ASP   A 1 24  ? -3.464  -2.176  -16.790 1.00 54.18  ?  33  ASP   A OD1 1 
ATOM   295  O  OD2 . ASP   A 1 24  ? -4.118  -3.909  -17.930 1.00 51.89  ?  33  ASP   A OD2 1 
ATOM   296  N  N   . SER   A 1 25  ? -7.657  -2.341  -13.695 1.00 44.67  ?  34  SER   A N   1 
ATOM   297  C  CA  . SER   A 1 25  ? -9.014  -2.086  -13.133 1.00 50.94  ?  34  SER   A CA  1 
ATOM   298  C  C   . SER   A 1 25  ? -8.891  -1.703  -11.654 1.00 49.65  ?  34  SER   A C   1 
ATOM   299  O  O   . SER   A 1 25  ? -7.842  -1.978  -11.058 1.00 44.44  ?  34  SER   A O   1 
ATOM   300  C  CB  . SER   A 1 25  ? -9.906  -3.284  -13.338 1.00 46.07  ?  34  SER   A CB  1 
ATOM   301  O  OG  . SER   A 1 25  ? -9.566  -4.362  -12.468 1.00 47.38  ?  34  SER   A OG  1 
ATOM   302  N  N   . VAL   A 1 26  ? -9.890  -1.029  -11.089 1.00 49.04  ?  35  VAL   A N   1 
ATOM   303  C  CA  . VAL   A 1 26  ? -9.916  -0.720  -9.627  1.00 49.27  ?  35  VAL   A CA  1 
ATOM   304  C  C   . VAL   A 1 26  ? -9.759  -2.042  -8.868  1.00 50.22  ?  35  VAL   A C   1 
ATOM   305  O  O   . VAL   A 1 26  ? -8.902  -2.143  -7.944  1.00 43.20  ?  35  VAL   A O   1 
ATOM   306  C  CB  . VAL   A 1 26  ? -11.207 0.016   -9.228  1.00 55.78  ?  35  VAL   A CB  1 
ATOM   307  C  CG1 . VAL   A 1 26  ? -11.462 -0.051  -7.724  1.00 60.77  ?  35  VAL   A CG1 1 
ATOM   308  C  CG2 . VAL   A 1 26  ? -11.176 1.464   -9.704  1.00 56.62  ?  35  VAL   A CG2 1 
ATOM   309  N  N   . GLU   A 1 27  ? -10.542 -3.051  -9.237  1.00 44.92  ?  36  GLU   A N   1 
ATOM   310  C  CA  . GLU   A 1 27  ? -10.529 -4.329  -8.485  1.00 54.25  ?  36  GLU   A CA  1 
ATOM   311  C  C   . GLU   A 1 27  ? -9.152  -5.002  -8.595  1.00 52.72  ?  36  GLU   A C   1 
ATOM   312  O  O   . GLU   A 1 27  ? -8.757  -5.678  -7.630  1.00 45.09  ?  36  GLU   A O   1 
ATOM   313  C  CB  . GLU   A 1 27  ? -11.620 -5.258  -9.003  1.00 61.21  ?  36  GLU   A CB  1 
ATOM   314  C  CG  . GLU   A 1 27  ? -13.017 -4.720  -8.764  1.00 68.92  ?  36  GLU   A CG  1 
ATOM   315  C  CD  . GLU   A 1 27  ? -14.019 -5.339  -9.718  1.00 68.25  ?  36  GLU   A CD  1 
ATOM   316  O  OE1 . GLU   A 1 27  ? -13.913 -5.066  -10.924 1.00 74.13  ?  36  GLU   A OE1 1 
ATOM   317  O  OE2 . GLU   A 1 27  ? -14.848 -6.129  -9.257  1.00 73.79  ?  36  GLU   A OE2 1 
ATOM   318  N  N   . GLU   A 1 28  ? -8.462  -4.872  -9.742  1.00 48.67  ?  37  GLU   A N   1 
ATOM   319  C  CA  . GLU   A 1 28  ? -7.154  -5.536  -9.950  1.00 42.25  ?  37  GLU   A CA  1 
ATOM   320  C  C   . GLU   A 1 28  ? -6.098  -4.810  -9.130  1.00 35.43  ?  37  GLU   A C   1 
ATOM   321  O  O   . GLU   A 1 28  ? -5.361  -5.480  -8.401  1.00 34.95  ?  37  GLU   A O   1 
ATOM   322  C  CB  . GLU   A 1 28  ? -6.744  -5.591  -11.418 1.00 45.96  ?  37  GLU   A CB  1 
ATOM   323  C  CG  . GLU   A 1 28  ? -5.489  -6.423  -11.625 1.00 43.10  ?  37  GLU   A CG  1 
ATOM   324  C  CD  . GLU   A 1 28  ? -4.929  -6.450  -13.037 1.00 44.74  ?  37  GLU   A CD  1 
ATOM   325  O  OE1 . GLU   A 1 28  ? -5.296  -5.572  -13.907 1.00 40.26  ?  37  GLU   A OE1 1 
ATOM   326  O  OE2 . GLU   A 1 28  ? -4.172  -7.387  -13.284 1.00 44.03  ?  37  GLU   A OE2 1 
ATOM   327  N  N   . VAL   A 1 29  ? -6.070  -3.487  -9.180  1.00 36.42  ?  38  VAL   A N   1 
ATOM   328  C  CA  . VAL   A 1 29  ? -5.015  -2.710  -8.470  1.00 44.34  ?  38  VAL   A CA  1 
ATOM   329  C  C   . VAL   A 1 29  ? -5.102  -2.931  -6.948  1.00 47.89  ?  38  VAL   A C   1 
ATOM   330  O  O   . VAL   A 1 29  ? -4.028  -3.057  -6.354  1.00 42.72  ?  38  VAL   A O   1 
ATOM   331  C  CB  . VAL   A 1 29  ? -5.009  -1.227  -8.848  1.00 40.03  ?  38  VAL   A CB  1 
ATOM   332  C  CG1 . VAL   A 1 29  ? -4.757  -1.083  -10.346 1.00 40.63  ?  38  VAL   A CG1 1 
ATOM   333  C  CG2 . VAL   A 1 29  ? -6.262  -0.482  -8.391  1.00 34.93  ?  38  VAL   A CG2 1 
ATOM   334  N  N   . LEU   A 1 30  ? -6.308  -3.006  -6.360  1.00 47.50  ?  39  LEU   A N   1 
ATOM   335  C  CA  . LEU   A 1 30  ? -6.539  -3.270  -4.908  1.00 42.16  ?  39  LEU   A CA  1 
ATOM   336  C  C   . LEU   A 1 30  ? -6.136  -4.710  -4.557  1.00 45.48  ?  39  LEU   A C   1 
ATOM   337  O  O   . LEU   A 1 30  ? -5.555  -4.923  -3.481  1.00 43.44  ?  39  LEU   A O   1 
ATOM   338  C  CB  . LEU   A 1 30  ? -8.011  -3.029  -4.535  1.00 49.52  ?  39  LEU   A CB  1 
ATOM   339  C  CG  . LEU   A 1 30  ? -8.451  -1.567  -4.391  1.00 50.28  ?  39  LEU   A CG  1 
ATOM   340  C  CD1 . LEU   A 1 30  ? -9.970  -1.456  -4.352  1.00 52.33  ?  39  LEU   A CD1 1 
ATOM   341  C  CD2 . LEU   A 1 30  ? -7.844  -0.924  -3.144  1.00 50.91  ?  39  LEU   A CD2 1 
ATOM   342  N  N   A SER   A 1 31  ? -6.448  -5.671  -5.435  0.36 42.46  ?  40  SER   A N   1 
ATOM   343  N  N   B SER   A 1 31  ? -6.445  -5.667  -5.443  0.34 47.57  ?  40  SER   A N   1 
ATOM   344  N  N   C SER   A 1 31  ? -6.444  -5.671  -5.437  0.15 42.39  ?  40  SER   A N   1 
ATOM   345  N  N   D SER   A 1 31  ? -6.442  -5.666  -5.444  0.14 46.93  ?  40  SER   A N   1 
ATOM   346  C  CA  A SER   A 1 31  ? -6.035  -7.098  -5.302  0.36 40.75  ?  40  SER   A CA  1 
ATOM   347  C  CA  B SER   A 1 31  ? -6.053  -7.102  -5.330  0.34 48.93  ?  40  SER   A CA  1 
ATOM   348  C  CA  C SER   A 1 31  ? -6.037  -7.098  -5.304  0.15 40.91  ?  40  SER   A CA  1 
ATOM   349  C  CA  D SER   A 1 31  ? -6.054  -7.100  -5.331  0.14 48.03  ?  40  SER   A CA  1 
ATOM   350  C  C   A SER   A 1 31  ? -4.508  -7.205  -5.315  0.36 41.69  ?  40  SER   A C   1 
ATOM   351  C  C   B SER   A 1 31  ? -4.525  -7.231  -5.338  0.34 46.54  ?  40  SER   A C   1 
ATOM   352  C  C   C SER   A 1 31  ? -4.511  -7.207  -5.317  0.15 41.76  ?  40  SER   A C   1 
ATOM   353  C  C   D SER   A 1 31  ? -4.526  -7.231  -5.339  0.14 46.07  ?  40  SER   A C   1 
ATOM   354  O  O   A SER   A 1 31  ? -3.940  -7.807  -4.370  0.36 41.71  ?  40  SER   A O   1 
ATOM   355  O  O   B SER   A 1 31  ? -3.972  -7.863  -4.407  0.34 47.30  ?  40  SER   A O   1 
ATOM   356  O  O   C SER   A 1 31  ? -3.947  -7.806  -4.374  0.15 42.11  ?  40  SER   A O   1 
ATOM   357  O  O   D SER   A 1 31  ? -3.976  -7.864  -4.411  0.14 46.82  ?  40  SER   A O   1 
ATOM   358  C  CB  A SER   A 1 31  ? -6.608  -7.964  -6.388  0.36 37.05  ?  40  SER   A CB  1 
ATOM   359  C  CB  B SER   A 1 31  ? -6.656  -7.932  -6.437  0.34 50.31  ?  40  SER   A CB  1 
ATOM   360  C  CB  C SER   A 1 31  ? -6.620  -7.956  -6.392  0.15 38.20  ?  40  SER   A CB  1 
ATOM   361  C  CB  D SER   A 1 31  ? -6.660  -7.927  -6.437  0.14 49.68  ?  40  SER   A CB  1 
ATOM   362  O  OG  A SER   A 1 31  ? -6.237  -9.314  -6.175  0.36 32.99  ?  40  SER   A OG  1 
ATOM   363  O  OG  B SER   A 1 31  ? -8.076  -7.947  -6.349  0.34 58.50  ?  40  SER   A OG  1 
ATOM   364  O  OG  C SER   A 1 31  ? -6.251  -9.313  -6.198  0.15 35.17  ?  40  SER   A OG  1 
ATOM   365  O  OG  D SER   A 1 31  ? -8.076  -7.951  -6.338  0.14 55.03  ?  40  SER   A OG  1 
ATOM   366  N  N   . GLU   A 1 32  ? -3.880  -6.663  -6.361  1.00 41.99  ?  41  GLU   A N   1 
ATOM   367  C  CA  . GLU   A 1 32  ? -2.403  -6.736  -6.549  1.00 43.21  ?  41  GLU   A CA  1 
ATOM   368  C  C   . GLU   A 1 32  ? -1.706  -6.010  -5.389  1.00 39.98  ?  41  GLU   A C   1 
ATOM   369  O  O   . GLU   A 1 32  ? -0.744  -6.575  -4.831  1.00 44.29  ?  41  GLU   A O   1 
ATOM   370  C  CB  . GLU   A 1 32  ? -2.019  -6.171  -7.914  1.00 42.15  ?  41  GLU   A CB  1 
ATOM   371  C  CG  . GLU   A 1 32  ? -2.317  -7.132  -9.047  1.00 42.29  ?  41  GLU   A CG  1 
ATOM   372  C  CD  . GLU   A 1 32  ? -1.553  -8.440  -8.980  1.00 46.15  ?  41  GLU   A CD  1 
ATOM   373  O  OE1 . GLU   A 1 32  ? -0.470  -8.469  -8.416  1.00 51.36  ?  41  GLU   A OE1 1 
ATOM   374  O  OE2 . GLU   A 1 32  ? -2.045  -9.420  -9.517  1.00 57.96  ?  41  GLU   A OE2 1 
ATOM   375  N  N   . ALA   A 1 33  ? -2.198  -4.834  -5.024  1.00 37.95  ?  42  ALA   A N   1 
ATOM   376  C  CA  . ALA   A 1 33  ? -1.695  -4.031  -3.883  1.00 40.33  ?  42  ALA   A CA  1 
ATOM   377  C  C   . ALA   A 1 33  ? -1.649  -4.917  -2.632  1.00 41.52  ?  42  ALA   A C   1 
ATOM   378  O  O   . ALA   A 1 33  ? -0.617  -4.924  -1.911  1.00 39.77  ?  42  ALA   A O   1 
ATOM   379  C  CB  . ALA   A 1 33  ? -2.531  -2.779  -3.696  1.00 39.47  ?  42  ALA   A CB  1 
ATOM   380  N  N   A ARG   A 1 34  ? -2.766  -5.594  -2.345  0.36 42.42  ?  43  ARG   A N   1 
ATOM   381  N  N   B ARG   A 1 34  ? -2.766  -5.594  -2.345  0.34 42.46  ?  43  ARG   A N   1 
ATOM   382  N  N   C ARG   A 1 34  ? -2.677  -5.747  -2.432  0.15 43.11  ?  43  ARG   A N   1 
ATOM   383  N  N   D ARG   A 1 34  ? -2.677  -5.747  -2.432  0.14 43.13  ?  43  ARG   A N   1 
ATOM   384  C  CA  A ARG   A 1 34  ? -2.939  -6.445  -1.135  0.36 45.48  ?  43  ARG   A CA  1 
ATOM   385  C  CA  B ARG   A 1 34  ? -2.939  -6.446  -1.135  0.34 45.47  ?  43  ARG   A CA  1 
ATOM   386  C  CA  C ARG   A 1 34  ? -2.776  -6.670  -1.267  0.15 45.41  ?  43  ARG   A CA  1 
ATOM   387  C  CA  D ARG   A 1 34  ? -2.777  -6.670  -1.267  0.14 45.40  ?  43  ARG   A CA  1 
ATOM   388  C  C   A ARG   A 1 34  ? -1.944  -7.605  -1.198  0.36 45.77  ?  43  ARG   A C   1 
ATOM   389  C  C   B ARG   A 1 34  ? -1.943  -7.605  -1.198  0.34 45.78  ?  43  ARG   A C   1 
ATOM   390  C  C   C ARG   A 1 34  ? -1.767  -7.818  -1.413  0.15 46.12  ?  43  ARG   A C   1 
ATOM   391  C  C   D ARG   A 1 34  ? -1.767  -7.818  -1.413  0.14 46.11  ?  43  ARG   A C   1 
ATOM   392  O  O   A ARG   A 1 34  ? -1.322  -7.884  -0.159  0.36 42.32  ?  43  ARG   A O   1 
ATOM   393  O  O   B ARG   A 1 34  ? -1.322  -7.885  -0.159  0.34 42.41  ?  43  ARG   A O   1 
ATOM   394  O  O   C ARG   A 1 34  ? -1.093  -8.126  -0.411  0.15 45.00  ?  43  ARG   A O   1 
ATOM   395  O  O   D ARG   A 1 34  ? -1.094  -8.127  -0.411  0.14 45.05  ?  43  ARG   A O   1 
ATOM   396  C  CB  A ARG   A 1 34  ? -4.382  -6.945  -0.998  0.36 44.56  ?  43  ARG   A CB  1 
ATOM   397  C  CB  B ARG   A 1 34  ? -4.382  -6.945  -0.999  0.34 44.63  ?  43  ARG   A CB  1 
ATOM   398  C  CB  C ARG   A 1 34  ? -4.219  -7.159  -1.099  0.15 45.84  ?  43  ARG   A CB  1 
ATOM   399  C  CB  D ARG   A 1 34  ? -4.218  -7.158  -1.100  0.14 45.88  ?  43  ARG   A CB  1 
ATOM   400  C  CG  A ARG   A 1 34  ? -5.335  -5.885  -0.466  0.36 46.20  ?  43  ARG   A CG  1 
ATOM   401  C  CG  B ARG   A 1 34  ? -5.335  -5.885  -0.466  0.34 46.26  ?  43  ARG   A CG  1 
ATOM   402  C  CG  C ARG   A 1 34  ? -5.094  -6.163  -0.351  0.15 47.46  ?  43  ARG   A CG  1 
ATOM   403  C  CG  D ARG   A 1 34  ? -5.094  -6.164  -0.351  0.14 47.45  ?  43  ARG   A CG  1 
ATOM   404  C  CD  A ARG   A 1 34  ? -6.712  -6.418  -0.120  0.36 49.13  ?  43  ARG   A CD  1 
ATOM   405  C  CD  B ARG   A 1 34  ? -6.712  -6.418  -0.121  0.34 49.14  ?  43  ARG   A CD  1 
ATOM   406  C  CD  C ARG   A 1 34  ? -6.579  -6.379  -0.555  0.15 48.98  ?  43  ARG   A CD  1 
ATOM   407  C  CD  D ARG   A 1 34  ? -6.579  -6.380  -0.555  0.14 48.95  ?  43  ARG   A CD  1 
ATOM   408  N  NE  A ARG   A 1 34  ? -7.484  -5.404  0.587   0.36 50.37  ?  43  ARG   A NE  1 
ATOM   409  N  NE  B ARG   A 1 34  ? -7.485  -5.404  0.587   0.34 50.40  ?  43  ARG   A NE  1 
ATOM   410  N  NE  C ARG   A 1 34  ? -7.341  -5.896  0.591   0.15 50.14  ?  43  ARG   A NE  1 
ATOM   411  N  NE  D ARG   A 1 34  ? -7.342  -5.897  0.592   0.14 50.09  ?  43  ARG   A NE  1 
ATOM   412  C  CZ  A ARG   A 1 34  ? -8.340  -4.551  0.027   0.36 53.22  ?  43  ARG   A CZ  1 
ATOM   413  C  CZ  B ARG   A 1 34  ? -8.340  -4.551  0.027   0.34 53.21  ?  43  ARG   A CZ  1 
ATOM   414  C  CZ  C ARG   A 1 34  ? -8.286  -4.957  0.565   0.15 50.93  ?  43  ARG   A CZ  1 
ATOM   415  C  CZ  D ARG   A 1 34  ? -8.287  -4.957  0.564   0.14 50.89  ?  43  ARG   A CZ  1 
ATOM   416  N  NH1 A ARG   A 1 34  ? -8.578  -4.576  -1.275  0.36 55.90  ?  43  ARG   A NH1 1 
ATOM   417  N  NH1 B ARG   A 1 34  ? -8.576  -4.575  -1.274  0.34 55.82  ?  43  ARG   A NH1 1 
ATOM   418  N  NH1 C ARG   A 1 34  ? -8.639  -4.368  -0.567  0.15 51.07  1  43  ARG   A NH1 1 
ATOM   419  N  NH1 D ARG   A 1 34  ? -8.638  -4.368  -0.568  0.14 51.04  1  43  ARG   A NH1 1 
ATOM   420  N  NH2 A ARG   A 1 34  ? -8.963  -3.663  0.781   0.36 56.18  ?  43  ARG   A NH2 1 
ATOM   421  N  NH2 B ARG   A 1 34  ? -8.964  -3.664  0.782   0.34 56.10  ?  43  ARG   A NH2 1 
ATOM   422  N  NH2 C ARG   A 1 34  ? -8.897  -4.616  1.688   0.15 52.36  ?  43  ARG   A NH2 1 
ATOM   423  N  NH2 D ARG   A 1 34  ? -8.897  -4.615  1.687   0.14 52.26  ?  43  ARG   A NH2 1 
ATOM   424  N  N   A GLN   A 1 35  ? -1.794  -8.230  -2.370  0.36 47.52  ?  44  GLN   A N   1 
ATOM   425  N  N   B GLN   A 1 35  ? -1.794  -8.230  -2.371  0.34 47.56  ?  44  GLN   A N   1 
ATOM   426  N  N   C GLN   A 1 35  ? -1.657  -8.417  -2.604  0.15 47.29  ?  44  GLN   A N   1 
ATOM   427  N  N   D GLN   A 1 35  ? -1.656  -8.416  -2.605  0.14 47.29  ?  44  GLN   A N   1 
ATOM   428  C  CA  A GLN   A 1 35  ? -0.841  -9.353  -2.588  0.36 48.32  ?  44  GLN   A CA  1 
ATOM   429  C  CA  B GLN   A 1 35  ? -0.840  -9.353  -2.588  0.34 48.41  ?  44  GLN   A CA  1 
ATOM   430  C  CA  C GLN   A 1 35  ? -0.691  -9.512  -2.907  0.15 47.21  ?  44  GLN   A CA  1 
ATOM   431  C  CA  D GLN   A 1 35  ? -0.691  -9.512  -2.907  0.14 47.27  ?  44  GLN   A CA  1 
ATOM   432  C  C   A GLN   A 1 35  ? 0.587   -8.868  -2.292  0.36 49.09  ?  44  GLN   A C   1 
ATOM   433  C  C   B GLN   A 1 35  ? 0.588   -8.869  -2.292  0.34 49.08  ?  44  GLN   A C   1 
ATOM   434  C  C   C GLN   A 1 35  ? 0.744   -9.031  -2.636  0.15 46.20  ?  44  GLN   A C   1 
ATOM   435  C  C   D GLN   A 1 35  ? 0.744   -9.031  -2.636  0.14 46.17  ?  44  GLN   A C   1 
ATOM   436  O  O   A GLN   A 1 35  ? 1.279   -9.542  -1.498  0.36 47.91  ?  44  GLN   A O   1 
ATOM   437  O  O   B GLN   A 1 35  ? 1.279   -9.542  -1.498  0.34 47.94  ?  44  GLN   A O   1 
ATOM   438  O  O   C GLN   A 1 35  ? 1.522   -9.802  -2.031  0.15 45.68  ?  44  GLN   A O   1 
ATOM   439  O  O   D GLN   A 1 35  ? 1.521   -9.803  -2.032  0.14 45.69  ?  44  GLN   A O   1 
ATOM   440  C  CB  A GLN   A 1 35  ? -0.968  -9.904  -4.008  0.36 53.12  ?  44  GLN   A CB  1 
ATOM   441  C  CB  B GLN   A 1 35  ? -0.967  -9.903  -4.009  0.34 53.17  ?  44  GLN   A CB  1 
ATOM   442  C  CB  C GLN   A 1 35  ? -0.830  -9.968  -4.360  0.15 51.92  ?  44  GLN   A CB  1 
ATOM   443  C  CB  D GLN   A 1 35  ? -0.830  -9.968  -4.361  0.14 51.87  ?  44  GLN   A CB  1 
ATOM   444  C  CG  A GLN   A 1 35  ? -0.300  -11.256 -4.202  0.36 59.94  ?  44  GLN   A CG  1 
ATOM   445  C  CG  B GLN   A 1 35  ? -0.300  -11.256 -4.203  0.34 59.88  ?  44  GLN   A CG  1 
ATOM   446  C  CG  C GLN   A 1 35  ? -0.257  -11.353 -4.632  0.15 55.70  ?  44  GLN   A CG  1 
ATOM   447  C  CG  D GLN   A 1 35  ? -0.258  -11.353 -4.632  0.14 55.60  ?  44  GLN   A CG  1 
ATOM   448  C  CD  A GLN   A 1 35  ? -0.920  -12.312 -3.318  0.36 67.55  ?  44  GLN   A CD  1 
ATOM   449  C  CD  B GLN   A 1 35  ? -0.920  -12.312 -3.319  0.34 67.34  ?  44  GLN   A CD  1 
ATOM   450  C  CD  C GLN   A 1 35  ? -0.987  -12.439 -3.878  0.15 59.88  ?  44  GLN   A CD  1 
ATOM   451  C  CD  D GLN   A 1 35  ? -0.987  -12.438 -3.876  0.14 59.68  ?  44  GLN   A CD  1 
ATOM   452  O  OE1 A GLN   A 1 35  ? -2.128  -12.551 -3.363  0.36 72.18  ?  44  GLN   A OE1 1 
ATOM   453  O  OE1 B GLN   A 1 35  ? -2.128  -12.551 -3.364  0.34 71.98  ?  44  GLN   A OE1 1 
ATOM   454  O  OE1 C GLN   A 1 35  ? -2.216  -12.448 -3.799  0.15 62.28  ?  44  GLN   A OE1 1 
ATOM   455  O  OE1 D GLN   A 1 35  ? -2.216  -12.447 -3.796  0.14 62.08  ?  44  GLN   A OE1 1 
ATOM   456  N  NE2 A GLN   A 1 35  ? -0.099  -12.945 -2.490  0.36 67.39  ?  44  GLN   A NE2 1 
ATOM   457  N  NE2 B GLN   A 1 35  ? -0.100  -12.946 -2.491  0.34 67.28  ?  44  GLN   A NE2 1 
ATOM   458  N  NE2 C GLN   A 1 35  ? -0.231  -13.372 -3.319  0.15 61.74  ?  44  GLN   A NE2 1 
ATOM   459  N  NE2 D GLN   A 1 35  ? -0.231  -13.372 -3.318  0.14 61.52  ?  44  GLN   A NE2 1 
ATOM   460  N  N   A HIS   A 1 36  ? 1.009   -7.740  -2.882  0.36 44.33  ?  45  HIS   A N   1 
ATOM   461  N  N   B HIS   A 1 36  ? 1.010   -7.741  -2.883  0.34 44.44  ?  45  HIS   A N   1 
ATOM   462  N  N   C HIS   A 1 36  ? 1.081   -7.810  -3.068  0.15 42.00  ?  45  HIS   A N   1 
ATOM   463  N  N   D HIS   A 1 36  ? 1.081   -7.811  -3.069  0.14 42.06  ?  45  HIS   A N   1 
ATOM   464  C  CA  A HIS   A 1 36  ? 2.386   -7.186  -2.743  0.36 44.59  ?  45  HIS   A CA  1 
ATOM   465  C  CA  B HIS   A 1 36  ? 2.387   -7.186  -2.744  0.34 44.68  ?  45  HIS   A CA  1 
ATOM   466  C  CA  C HIS   A 1 36  ? 2.444   -7.219  -2.952  0.15 40.15  ?  45  HIS   A CA  1 
ATOM   467  C  CA  D HIS   A 1 36  ? 2.443   -7.219  -2.953  0.14 40.22  ?  45  HIS   A CA  1 
ATOM   468  C  C   A HIS   A 1 36  ? 2.624   -6.783  -1.278  0.36 45.02  ?  45  HIS   A C   1 
ATOM   469  C  C   B HIS   A 1 36  ? 2.625   -6.783  -1.278  0.34 45.13  ?  45  HIS   A C   1 
ATOM   470  C  C   C HIS   A 1 36  ? 2.740   -6.864  -1.487  0.15 38.55  ?  45  HIS   A C   1 
ATOM   471  C  C   D HIS   A 1 36  ? 2.741   -6.864  -1.488  0.14 38.62  ?  45  HIS   A C   1 
ATOM   472  O  O   A HIS   A 1 36  ? 3.738   -7.003  -0.762  0.36 44.55  ?  45  HIS   A O   1 
ATOM   473  O  O   B HIS   A 1 36  ? 3.739   -7.003  -0.764  0.34 44.66  ?  45  HIS   A O   1 
ATOM   474  O  O   C HIS   A 1 36  ? 3.866   -7.140  -1.035  0.15 40.16  ?  45  HIS   A O   1 
ATOM   475  O  O   D HIS   A 1 36  ? 3.867   -7.140  -1.037  0.14 40.17  ?  45  HIS   A O   1 
ATOM   476  C  CB  A HIS   A 1 36  ? 2.612   -6.024  -3.728  0.36 43.00  ?  45  HIS   A CB  1 
ATOM   477  C  CB  B HIS   A 1 36  ? 2.612   -6.023  -3.728  0.34 43.13  ?  45  HIS   A CB  1 
ATOM   478  C  CB  C HIS   A 1 36  ? 2.600   -6.019  -3.901  0.15 39.84  ?  45  HIS   A CB  1 
ATOM   479  C  CB  D HIS   A 1 36  ? 2.600   -6.019  -3.901  0.14 39.92  ?  45  HIS   A CB  1 
ATOM   480  C  CG  A HIS   A 1 36  ? 2.880   -6.452  -5.132  0.36 45.32  ?  45  HIS   A CG  1 
ATOM   481  C  CG  B HIS   A 1 36  ? 2.880   -6.452  -5.132  0.34 45.38  ?  45  HIS   A CG  1 
ATOM   482  C  CG  C HIS   A 1 36  ? 2.928   -6.396  -5.308  0.15 41.48  ?  45  HIS   A CG  1 
ATOM   483  C  CG  D HIS   A 1 36  ? 2.928   -6.396  -5.308  0.14 41.49  ?  45  HIS   A CG  1 
ATOM   484  N  ND1 A HIS   A 1 36  ? 1.871   -6.844  -5.996  0.36 48.16  ?  45  HIS   A ND1 1 
ATOM   485  N  ND1 B HIS   A 1 36  ? 1.871   -6.844  -5.996  0.34 48.15  ?  45  HIS   A ND1 1 
ATOM   486  N  ND1 C HIS   A 1 36  ? 1.968   -6.837  -6.201  0.15 43.06  ?  45  HIS   A ND1 1 
ATOM   487  N  ND1 D HIS   A 1 36  ? 1.968   -6.837  -6.202  0.14 43.00  ?  45  HIS   A ND1 1 
ATOM   488  C  CD2 A HIS   A 1 36  ? 4.030   -6.539  -5.837  0.36 46.28  ?  45  HIS   A CD2 1 
ATOM   489  C  CD2 B HIS   A 1 36  ? 4.030   -6.538  -5.837  0.34 46.31  ?  45  HIS   A CD2 1 
ATOM   490  C  CD2 C HIS   A 1 36  ? 4.098   -6.396  -5.984  0.15 42.03  ?  45  HIS   A CD2 1 
ATOM   491  C  CD2 D HIS   A 1 36  ? 4.098   -6.396  -5.984  0.14 42.02  ?  45  HIS   A CD2 1 
ATOM   492  C  CE1 A HIS   A 1 36  ? 2.395   -7.162  -7.168  0.36 48.16  ?  45  HIS   A CE1 1 
ATOM   493  C  CE1 B HIS   A 1 36  ? 2.395   -7.162  -7.168  0.34 48.15  ?  45  HIS   A CE1 1 
ATOM   494  C  CE1 C HIS   A 1 36  ? 2.537   -7.095  -7.365  0.15 42.62  ?  45  HIS   A CE1 1 
ATOM   495  C  CE1 D HIS   A 1 36  ? 2.537   -7.095  -7.365  0.14 42.60  ?  45  HIS   A CE1 1 
ATOM   496  N  NE2 A HIS   A 1 36  ? 3.716   -6.976  -7.097  0.36 46.84  ?  45  HIS   A NE2 1 
ATOM   497  N  NE2 B HIS   A 1 36  ? 3.716   -6.976  -7.097  0.34 46.87  ?  45  HIS   A NE2 1 
ATOM   498  N  NE2 C HIS   A 1 36  ? 3.841   -6.828  -7.257  0.15 42.32  ?  45  HIS   A NE2 1 
ATOM   499  N  NE2 D HIS   A 1 36  ? 3.842   -6.829  -7.257  0.14 42.31  ?  45  HIS   A NE2 1 
ATOM   500  N  N   A LEU   A 1 37  ? 1.613   -6.220  -0.615  0.36 48.79  ?  46  LEU   A N   1 
ATOM   501  N  N   B LEU   A 1 37  ? 1.613   -6.220  -0.615  0.34 48.88  ?  46  LEU   A N   1 
ATOM   502  N  N   C LEU   A 1 37  ? 1.773   -6.285  -0.766  0.15 36.58  ?  46  LEU   A N   1 
ATOM   503  N  N   D LEU   A 1 37  ? 1.774   -6.285  -0.766  0.14 36.67  ?  46  LEU   A N   1 
ATOM   504  C  CA  A LEU   A 1 37  ? 1.701   -5.846  0.824   0.36 53.98  ?  46  LEU   A CA  1 
ATOM   505  C  CA  B LEU   A 1 37  ? 1.702   -5.845  0.824   0.34 54.01  ?  46  LEU   A CA  1 
ATOM   506  C  CA  C LEU   A 1 37  ? 1.955   -5.849  0.649   0.15 36.81  ?  46  LEU   A CA  1 
ATOM   507  C  CA  D LEU   A 1 37  ? 1.956   -5.847  0.649   0.14 36.83  ?  46  LEU   A CA  1 
ATOM   508  C  C   A LEU   A 1 37  ? 1.979   -7.108  1.643   0.36 58.56  ?  46  LEU   A C   1 
ATOM   509  C  C   B LEU   A 1 37  ? 1.980   -7.108  1.644   0.34 58.63  ?  46  LEU   A C   1 
ATOM   510  C  C   C LEU   A 1 37  ? 2.546   -7.007  1.464   0.15 36.29  ?  46  LEU   A C   1 
ATOM   511  C  C   D LEU   A 1 37  ? 2.549   -7.004  1.464   0.14 36.34  ?  46  LEU   A C   1 
ATOM   512  O  O   A LEU   A 1 37  ? 2.918   -7.102  2.449   0.36 63.59  ?  46  LEU   A O   1 
ATOM   513  O  O   B LEU   A 1 37  ? 2.921   -7.101  2.449   0.34 63.55  ?  46  LEU   A O   1 
ATOM   514  O  O   C LEU   A 1 37  ? 3.037   -6.754  2.583   0.15 40.68  ?  46  LEU   A O   1 
ATOM   515  O  O   D LEU   A 1 37  ? 3.032   -6.749  2.587   0.14 40.61  ?  46  LEU   A O   1 
ATOM   516  C  CB  A LEU   A 1 37  ? 0.406   -5.157  1.258   0.36 53.57  ?  46  LEU   A CB  1 
ATOM   517  C  CB  B LEU   A 1 37  ? 0.406   -5.157  1.258   0.34 53.57  ?  46  LEU   A CB  1 
ATOM   518  C  CB  C LEU   A 1 37  ? 0.612   -5.378  1.215   0.15 35.89  ?  46  LEU   A CB  1 
ATOM   519  C  CB  D LEU   A 1 37  ? 0.612   -5.377  1.213   0.14 35.91  ?  46  LEU   A CB  1 
ATOM   520  C  CG  A LEU   A 1 37  ? 0.260   -3.707  0.793   0.36 52.06  ?  46  LEU   A CG  1 
ATOM   521  C  CG  B LEU   A 1 37  ? 0.260   -3.707  0.793   0.34 52.09  ?  46  LEU   A CG  1 
ATOM   522  C  CG  C LEU   A 1 37  ? 0.282   -3.916  0.920   0.15 35.35  ?  46  LEU   A CG  1 
ATOM   523  C  CG  D LEU   A 1 37  ? 0.282   -3.915  0.920   0.14 35.38  ?  46  LEU   A CG  1 
ATOM   524  C  CD1 A LEU   A 1 37  ? -1.184  -3.243  0.901   0.36 51.52  ?  46  LEU   A CD1 1 
ATOM   525  C  CD1 B LEU   A 1 37  ? -1.184  -3.244  0.901   0.34 51.55  ?  46  LEU   A CD1 1 
ATOM   526  C  CD1 C LEU   A 1 37  ? -1.198  -3.639  1.113   0.15 34.81  ?  46  LEU   A CD1 1 
ATOM   527  C  CD1 D LEU   A 1 37  ? -1.199  -3.639  1.114   0.14 34.86  ?  46  LEU   A CD1 1 
ATOM   528  C  CD2 A LEU   A 1 37  ? 1.185   -2.782  1.573   0.36 52.09  ?  46  LEU   A CD2 1 
ATOM   529  C  CD2 B LEU   A 1 37  ? 1.184   -2.782  1.573   0.34 52.11  ?  46  LEU   A CD2 1 
ATOM   530  C  CD2 C LEU   A 1 37  ? 1.123   -2.987  1.783   0.15 35.71  ?  46  LEU   A CD2 1 
ATOM   531  C  CD2 D LEU   A 1 37  ? 1.121   -2.986  1.785   0.14 35.72  ?  46  LEU   A CD2 1 
ATOM   532  N  N   A LYS   A 1 38  ? 1.207   -8.164  1.406   0.36 71.60  ?  47  LYS   A N   1 
ATOM   533  N  N   B LYS   A 1 38  ? 1.208   -8.164  1.407   0.34 71.40  ?  47  LYS   A N   1 
ATOM   534  N  N   C LYS   A 1 38  ? 1.134   -8.553  1.330   0.15 13.39  ?  47  LYS   A N   1 
ATOM   535  N  N   D LYS   A 1 38  ? 1.132   -8.555  1.329   0.14 13.39  ?  47  LYS   A N   1 
ATOM   536  C  CA  A LYS   A 1 38  ? 1.392   -9.484  2.060   0.36 75.12  ?  47  LYS   A CA  1 
ATOM   537  C  CA  B LYS   A 1 38  ? 1.393   -9.484  2.060   0.34 74.95  ?  47  LYS   A CA  1 
ATOM   538  C  CA  C LYS   A 1 38  ? 1.473   -9.711  2.175   0.15 13.14  ?  47  LYS   A CA  1 
ATOM   539  C  CA  D LYS   A 1 38  ? 1.471   -9.712  2.175   0.14 13.15  ?  47  LYS   A CA  1 
ATOM   540  C  C   A LYS   A 1 38  ? 2.820   -9.981  1.783   0.36 72.28  ?  47  LYS   A C   1 
ATOM   541  C  C   B LYS   A 1 38  ? 2.820   -9.982  1.784   0.34 72.18  ?  47  LYS   A C   1 
ATOM   542  C  C   C LYS   A 1 38  ? 2.809   -10.318 1.740   0.15 13.70  ?  47  LYS   A C   1 
ATOM   543  C  C   D LYS   A 1 38  ? 2.809   -10.318 1.742   0.14 13.71  ?  47  LYS   A C   1 
ATOM   544  O  O   A LYS   A 1 38  ? 3.492   -10.359 2.761   0.36 82.74  ?  47  LYS   A O   1 
ATOM   545  O  O   B LYS   A 1 38  ? 3.492   -10.362 2.761   0.34 82.36  ?  47  LYS   A O   1 
ATOM   546  O  O   C LYS   A 1 38  ? 3.540   -10.850 2.598   0.15 14.58  ?  47  LYS   A O   1 
ATOM   547  O  O   D LYS   A 1 38  ? 3.540   -10.848 2.600   0.14 14.60  ?  47  LYS   A O   1 
ATOM   548  C  CB  A LYS   A 1 38  ? 0.298   -10.445 1.584   0.36 80.62  ?  47  LYS   A CB  1 
ATOM   549  C  CB  B LYS   A 1 38  ? 0.298   -10.445 1.585   0.34 80.43  ?  47  LYS   A CB  1 
ATOM   550  C  CB  C LYS   A 1 38  ? 0.364   -10.715 2.054   0.15 13.14  ?  47  LYS   A CB  1 
ATOM   551  C  CB  D LYS   A 1 38  ? 0.363   -10.717 2.054   0.14 13.13  ?  47  LYS   A CB  1 
ATOM   552  C  CG  A LYS   A 1 38  ? 0.356   -11.854 2.158   0.36 81.98  ?  47  LYS   A CG  1 
ATOM   553  C  CG  B LYS   A 1 38  ? 0.357   -11.854 2.158   0.34 81.88  ?  47  LYS   A CG  1 
ATOM   554  C  CD  A LYS   A 1 38  ? 0.127   -12.911 1.107   0.36 84.02  ?  47  LYS   A CD  1 
ATOM   555  C  CD  B LYS   A 1 38  ? 0.127   -12.911 1.107   0.34 83.95  ?  47  LYS   A CD  1 
ATOM   556  C  CE  A LYS   A 1 38  ? 0.392   -14.315 1.599   0.36 88.32  ?  47  LYS   A CE  1 
ATOM   557  C  CE  B LYS   A 1 38  ? 0.393   -14.316 1.599   0.34 88.15  ?  47  LYS   A CE  1 
ATOM   558  N  NZ  A LYS   A 1 38  ? -0.844  -14.949 2.109   0.36 89.08  ?  47  LYS   A NZ  1 
ATOM   559  N  NZ  B LYS   A 1 38  ? -0.844  -14.950 2.108   0.34 88.93  ?  47  LYS   A NZ  1 
ATOM   560  N  N   A ASP   A 1 39  ? 3.284   -9.931  0.526   0.36 61.92  ?  48  ASP   A N   1 
ATOM   561  N  N   B ASP   A 1 39  ? 3.283   -9.931  0.527   0.34 62.04  ?  48  ASP   A N   1 
ATOM   562  N  N   C ASP   A 1 39  ? 3.517   -9.944  0.006   0.15 33.16  ?  48  ASP   A N   1 
ATOM   563  N  N   D ASP   A 1 39  ? 3.518   -9.943  0.005   0.14 33.30  ?  48  ASP   A N   1 
ATOM   564  C  CA  A ASP   A 1 39  ? 4.564   -10.548 0.069   0.36 60.26  ?  48  ASP   A CA  1 
ATOM   565  C  CA  B ASP   A 1 39  ? 4.564   -10.548 0.069   0.34 60.30  ?  48  ASP   A CA  1 
ATOM   566  C  CA  C ASP   A 1 39  ? 4.826   -10.585 -0.301  0.15 36.13  ?  48  ASP   A CA  1 
ATOM   567  C  CA  D ASP   A 1 39  ? 4.826   -10.585 -0.301  0.14 36.17  ?  48  ASP   A CA  1 
ATOM   568  C  C   A ASP   A 1 39  ? 5.771   -9.641  0.358   0.36 55.16  ?  48  ASP   A C   1 
ATOM   569  C  C   B ASP   A 1 39  ? 5.771   -9.641  0.358   0.34 55.24  ?  48  ASP   A C   1 
ATOM   570  C  C   C ASP   A 1 39  ? 5.977   -9.714  0.219   0.15 35.89  ?  48  ASP   A C   1 
ATOM   571  C  C   D ASP   A 1 39  ? 5.978   -9.714  0.218   0.14 35.97  ?  48  ASP   A C   1 
ATOM   572  O  O   A ASP   A 1 39  ? 6.903   -10.078 0.080   0.36 53.53  ?  48  ASP   A O   1 
ATOM   573  O  O   B ASP   A 1 39  ? 6.903   -10.078 0.080   0.34 53.62  ?  48  ASP   A O   1 
ATOM   574  O  O   C ASP   A 1 39  ? 7.140   -10.123 0.054   0.15 36.01  ?  48  ASP   A O   1 
ATOM   575  O  O   D ASP   A 1 39  ? 7.141   -10.124 0.055   0.14 36.08  ?  48  ASP   A O   1 
ATOM   576  C  CB  A ASP   A 1 39  ? 4.526   -10.874 -1.428  0.36 62.37  ?  48  ASP   A CB  1 
ATOM   577  C  CB  B ASP   A 1 39  ? 4.526   -10.873 -1.428  0.34 62.36  ?  48  ASP   A CB  1 
ATOM   578  C  CB  C ASP   A 1 39  ? 4.977   -10.819 -1.806  0.15 37.26  ?  48  ASP   A CB  1 
ATOM   579  C  CB  D ASP   A 1 39  ? 4.977   -10.819 -1.807  0.14 37.27  ?  48  ASP   A CB  1 
ATOM   580  C  CG  A ASP   A 1 39  ? 3.415   -11.837 -1.825  0.36 64.02  ?  48  ASP   A CG  1 
ATOM   581  C  CG  B ASP   A 1 39  ? 3.415   -11.837 -1.826  0.34 63.99  ?  48  ASP   A CG  1 
ATOM   582  C  CG  C ASP   A 1 39  ? 4.133   -11.964 -2.342  0.15 39.10  ?  48  ASP   A CG  1 
ATOM   583  C  CG  D ASP   A 1 39  ? 4.131   -11.964 -2.343  0.14 39.05  ?  48  ASP   A CG  1 
ATOM   584  O  OD1 A ASP   A 1 39  ? 2.944   -12.587 -0.948  0.36 62.70  ?  48  ASP   A OD1 1 
ATOM   585  O  OD1 B ASP   A 1 39  ? 2.945   -12.588 -0.949  0.34 62.75  ?  48  ASP   A OD1 1 
ATOM   586  O  OD1 C ASP   A 1 39  ? 3.981   -12.968 -1.623  0.15 40.79  ?  48  ASP   A OD1 1 
ATOM   587  O  OD1 D ASP   A 1 39  ? 3.979   -12.968 -1.622  0.14 40.69  ?  48  ASP   A OD1 1 
ATOM   588  O  OD2 A ASP   A 1 39  ? 3.015   -11.819 -3.010  0.36 66.32  ?  48  ASP   A OD2 1 
ATOM   589  O  OD2 B ASP   A 1 39  ? 3.015   -11.819 -3.011  0.34 66.28  ?  48  ASP   A OD2 1 
ATOM   590  O  OD2 C ASP   A 1 39  ? 3.624   -11.836 -3.476  0.15 40.59  -1 48  ASP   A OD2 1 
ATOM   591  O  OD2 D ASP   A 1 39  ? 3.624   -11.837 -3.477  0.14 40.51  -1 48  ASP   A OD2 1 
ATOM   592  N  N   A GLY   A 1 40  ? 5.550   -8.424  0.866   0.36 54.80  ?  49  GLY   A N   1 
ATOM   593  N  N   B GLY   A 1 40  ? 5.550   -8.424  0.866   0.34 54.76  ?  49  GLY   A N   1 
ATOM   594  N  N   C GLY   A 1 40  ? 5.674   -8.556  0.813   0.15 38.70  ?  49  GLY   A N   1 
ATOM   595  N  N   D GLY   A 1 40  ? 5.674   -8.556  0.813   0.14 38.71  ?  49  GLY   A N   1 
ATOM   596  C  CA  A GLY   A 1 40  ? 6.626   -7.461  1.185   0.36 52.90  ?  49  GLY   A CA  1 
ATOM   597  C  CA  B GLY   A 1 40  ? 6.626   -7.462  1.185   0.34 52.85  ?  49  GLY   A CA  1 
ATOM   598  C  CA  C GLY   A 1 40  ? 6.678   -7.532  1.161   0.15 40.82  ?  49  GLY   A CA  1 
ATOM   599  C  CA  D GLY   A 1 40  ? 6.678   -7.532  1.161   0.14 40.80  ?  49  GLY   A CA  1 
ATOM   600  C  C   A GLY   A 1 40  ? 7.326   -6.965  -0.071  0.36 49.79  ?  49  GLY   A C   1 
ATOM   601  C  C   B GLY   A 1 40  ? 7.326   -6.965  -0.071  0.34 49.76  ?  49  GLY   A C   1 
ATOM   602  C  C   C GLY   A 1 40  ? 7.350   -6.991  -0.090  0.15 42.42  ?  49  GLY   A C   1 
ATOM   603  C  C   D GLY   A 1 40  ? 7.350   -6.991  -0.090  0.14 42.41  ?  49  GLY   A C   1 
ATOM   604  O  O   A GLY   A 1 40  ? 8.560   -6.791  -0.038  0.36 50.15  ?  49  GLY   A O   1 
ATOM   605  O  O   B GLY   A 1 40  ? 8.560   -6.791  -0.037  0.34 50.15  ?  49  GLY   A O   1 
ATOM   606  O  O   C GLY   A 1 40  ? 8.587   -6.828  -0.076  0.15 42.99  ?  49  GLY   A O   1 
ATOM   607  O  O   D GLY   A 1 40  ? 8.588   -6.827  -0.075  0.14 42.97  ?  49  GLY   A O   1 
ATOM   608  N  N   . THR   A 1 41  ? 6.563   -6.749  -1.143  1.00 43.58  ?  50  THR   A N   1 
ATOM   609  C  CA  . THR   A 1 41  ? 7.064   -6.241  -2.449  1.00 44.43  ?  50  THR   A CA  1 
ATOM   610  C  C   . THR   A 1 41  ? 6.232   -5.014  -2.843  1.00 39.56  ?  50  THR   A C   1 
ATOM   611  O  O   . THR   A 1 41  ? 6.041   -4.759  -4.037  1.00 39.95  ?  50  THR   A O   1 
ATOM   612  C  CB  . THR   A 1 41  ? 7.024   -7.356  -3.494  1.00 46.50  ?  50  THR   A CB  1 
ATOM   613  O  OG1 . THR   A 1 41  ? 5.665   -7.782  -3.552  1.00 45.86  ?  50  THR   A OG1 1 
ATOM   614  C  CG2 . THR   A 1 41  ? 7.945   -8.517  -3.166  1.00 47.83  ?  50  THR   A CG2 1 
ATOM   615  N  N   . CYS   A 1 42  ? 5.832   -4.231  -1.853  1.00 37.75  ?  51  CYS   A N   1 
ATOM   616  C  CA  . CYS   A 1 42  ? 5.014   -3.012  -2.040  1.00 37.50  ?  51  CYS   A CA  1 
ATOM   617  C  C   . CYS   A 1 42  ? 5.807   -1.798  -1.557  1.00 38.70  ?  51  CYS   A C   1 
ATOM   618  O  O   . CYS   A 1 42  ? 6.312   -1.811  -0.403  1.00 36.50  ?  51  CYS   A O   1 
ATOM   619  C  CB  . CYS   A 1 42  ? 3.716   -3.101  -1.247  1.00 38.88  ?  51  CYS   A CB  1 
ATOM   620  S  SG  . CYS   A 1 42  ? 2.531   -1.815  -1.726  1.00 39.86  ?  51  CYS   A SG  1 
ATOM   621  N  N   . GLY   A 1 43  ? 5.917   -0.779  -2.405  1.00 40.46  ?  52  GLY   A N   1 
ATOM   622  C  CA  . GLY   A 1 43  ? 6.531   0.513   -2.041  1.00 40.59  ?  52  GLY   A CA  1 
ATOM   623  C  C   . GLY   A 1 43  ? 5.459   1.584   -1.918  1.00 36.64  ?  52  GLY   A C   1 
ATOM   624  O  O   . GLY   A 1 43  ? 4.279   1.312   -2.238  1.00 39.32  ?  52  GLY   A O   1 
ATOM   625  N  N   . LEU   A 1 44  ? 5.857   2.738   -1.423  1.00 36.88  ?  53  LEU   A N   1 
ATOM   626  C  CA  . LEU   A 1 44  ? 4.986   3.901   -1.114  1.00 42.09  ?  53  LEU   A CA  1 
ATOM   627  C  C   . LEU   A 1 44  ? 5.649   5.130   -1.733  1.00 37.95  ?  53  LEU   A C   1 
ATOM   628  O  O   . LEU   A 1 44  ? 6.842   5.358   -1.475  1.00 34.14  ?  53  LEU   A O   1 
ATOM   629  C  CB  . LEU   A 1 44  ? 4.883   4.052   0.414   1.00 44.34  ?  53  LEU   A CB  1 
ATOM   630  C  CG  . LEU   A 1 44  ? 4.050   5.234   0.939   1.00 44.53  ?  53  LEU   A CG  1 
ATOM   631  C  CD1 . LEU   A 1 44  ? 2.586   5.076   0.586   1.00 47.24  ?  53  LEU   A CD1 1 
ATOM   632  C  CD2 . LEU   A 1 44  ? 4.176   5.365   2.450   1.00 49.53  ?  53  LEU   A CD2 1 
ATOM   633  N  N   . VAL   A 1 45  ? 4.902   5.879   -2.523  1.00 38.94  ?  54  VAL   A N   1 
ATOM   634  C  CA  . VAL   A 1 45  ? 5.365   7.167   -3.096  1.00 40.08  ?  54  VAL   A CA  1 
ATOM   635  C  C   . VAL   A 1 45  ? 4.513   8.260   -2.456  1.00 38.69  ?  54  VAL   A C   1 
ATOM   636  O  O   . VAL   A 1 45  ? 3.283   8.199   -2.535  1.00 36.38  ?  54  VAL   A O   1 
ATOM   637  C  CB  . VAL   A 1 45  ? 5.274   7.203   -4.630  1.00 39.44  ?  54  VAL   A CB  1 
ATOM   638  C  CG1 . VAL   A 1 45  ? 5.825   8.510   -5.175  1.00 38.41  ?  54  VAL   A CG1 1 
ATOM   639  C  CG2 . VAL   A 1 45  ? 5.987   6.033   -5.284  1.00 39.27  ?  54  VAL   A CG2 1 
ATOM   640  N  N   . GLU   A 1 46  ? 5.169   9.244   -1.868  1.00 39.25  ?  55  GLU   A N   1 
ATOM   641  C  CA  . GLU   A 1 46  ? 4.496   10.378  -1.197  1.00 42.40  ?  55  GLU   A CA  1 
ATOM   642  C  C   . GLU   A 1 46  ? 3.939   11.320  -2.274  1.00 46.97  ?  55  GLU   A C   1 
ATOM   643  O  O   . GLU   A 1 46  ? 4.623   11.574  -3.305  1.00 43.20  ?  55  GLU   A O   1 
ATOM   644  C  CB  . GLU   A 1 46  ? 5.485   10.985  -0.205  1.00 46.88  ?  55  GLU   A CB  1 
ATOM   645  C  CG  . GLU   A 1 46  ? 5.818   10.008  0.912   1.00 45.68  ?  55  GLU   A CG  1 
ATOM   646  C  CD  . GLU   A 1 46  ? 6.633   10.569  2.057   1.00 53.57  ?  55  GLU   A CD  1 
ATOM   647  O  OE1 . GLU   A 1 46  ? 7.360   11.574  1.869   1.00 58.98  ?  55  GLU   A OE1 1 
ATOM   648  O  OE2 . GLU   A 1 46  ? 6.514   10.014  3.151   1.00 59.70  ?  55  GLU   A OE2 1 
ATOM   649  N  N   . VAL   A 1 47  ? 2.697   11.761  -2.095  1.00 51.29  ?  56  VAL   A N   1 
ATOM   650  C  CA  . VAL   A 1 47  ? 1.976   12.521  -3.154  1.00 59.86  ?  56  VAL   A CA  1 
ATOM   651  C  C   . VAL   A 1 47  ? 2.373   13.991  -3.022  1.00 65.96  ?  56  VAL   A C   1 
ATOM   652  O  O   . VAL   A 1 47  ? 2.146   14.564  -1.967  1.00 61.28  ?  56  VAL   A O   1 
ATOM   653  C  CB  . VAL   A 1 47  ? 0.449   12.334  -3.120  1.00 58.70  ?  56  VAL   A CB  1 
ATOM   654  C  CG1 . VAL   A 1 47  ? -0.228  13.279  -4.098  1.00 60.76  ?  56  VAL   A CG1 1 
ATOM   655  C  CG2 . VAL   A 1 47  ? 0.040   10.890  -3.413  1.00 56.60  ?  56  VAL   A CG2 1 
ATOM   656  N  N   . GLU   A 1 48  ? 2.970   14.550  -4.069  1.00 67.34  ?  57  GLU   A N   1 
ATOM   657  C  CA  . GLU   A 1 48  ? 3.271   15.992  -4.187  1.00 68.28  ?  57  GLU   A CA  1 
ATOM   658  C  C   . GLU   A 1 48  ? 2.864   16.450  -5.585  1.00 69.35  ?  57  GLU   A C   1 
ATOM   659  O  O   . GLU   A 1 48  ? 2.409   15.601  -6.399  1.00 56.06  ?  57  GLU   A O   1 
ATOM   660  C  CB  . GLU   A 1 48  ? 4.752   16.235  -3.908  1.00 77.44  ?  57  GLU   A CB  1 
ATOM   661  C  CG  . GLU   A 1 48  ? 5.109   16.063  -2.447  1.00 86.78  ?  57  GLU   A CG  1 
ATOM   662  C  CD  . GLU   A 1 48  ? 6.269   16.931  -1.999  1.00 96.70  ?  57  GLU   A CD  1 
ATOM   663  O  OE1 . GLU   A 1 48  ? 7.240   17.047  -2.774  1.00 105.24 ?  57  GLU   A OE1 1 
ATOM   664  O  OE2 . GLU   A 1 48  ? 6.174   17.518  -0.901  1.00 89.75  ?  57  GLU   A OE2 1 
ATOM   665  N  N   . LYS   A 1 49  ? 3.003   17.751  -5.827  1.00 73.62  ?  58  LYS   A N   1 
ATOM   666  C  CA  . LYS   A 1 49  ? 2.744   18.386  -7.137  1.00 77.49  ?  58  LYS   A CA  1 
ATOM   667  C  C   . LYS   A 1 49  ? 3.514   17.600  -8.198  1.00 64.01  ?  58  LYS   A C   1 
ATOM   668  O  O   . LYS   A 1 49  ? 4.740   17.590  -8.117  1.00 70.78  ?  58  LYS   A O   1 
ATOM   669  C  CB  . LYS   A 1 49  ? 3.150   19.862  -7.095  1.00 84.27  ?  58  LYS   A CB  1 
ATOM   670  C  CG  . LYS   A 1 49  ? 2.217   20.755  -6.288  1.00 91.07  ?  58  LYS   A CG  1 
ATOM   671  C  CD  . LYS   A 1 49  ? 0.768   20.663  -6.736  1.00 103.47 ?  58  LYS   A CD  1 
ATOM   672  C  CE  . LYS   A 1 49  ? -0.141  21.674  -6.067  1.00 110.36 ?  58  LYS   A CE  1 
ATOM   673  N  NZ  . LYS   A 1 49  ? -0.242  21.434  -4.607  1.00 114.58 ?  58  LYS   A NZ  1 
ATOM   674  N  N   . GLY   A 1 50  ? 2.789   16.930  -9.100  1.00 63.21  ?  59  GLY   A N   1 
ATOM   675  C  CA  . GLY   A 1 50  ? 3.325   16.339  -10.341 1.00 63.99  ?  59  GLY   A CA  1 
ATOM   676  C  C   . GLY   A 1 50  ? 3.640   14.869  -10.179 1.00 66.31  ?  59  GLY   A C   1 
ATOM   677  O  O   . GLY   A 1 50  ? 3.985   14.213  -11.196 1.00 66.17  ?  59  GLY   A O   1 
ATOM   678  N  N   . VAL   A 1 51  ? 3.503   14.343  -8.958  1.00 60.90  ?  60  VAL   A N   1 
ATOM   679  C  CA  . VAL   A 1 51  ? 3.789   12.908  -8.691  1.00 53.29  ?  60  VAL   A CA  1 
ATOM   680  C  C   . VAL   A 1 51  ? 2.761   12.042  -9.407  1.00 49.79  ?  60  VAL   A C   1 
ATOM   681  O  O   . VAL   A 1 51  ? 3.185   11.130  -10.166 1.00 51.11  ?  60  VAL   A O   1 
ATOM   682  C  CB  . VAL   A 1 51  ? 3.847   12.603  -7.190  1.00 51.01  ?  60  VAL   A CB  1 
ATOM   683  C  CG1 . VAL   A 1 51  ? 3.846   11.106  -6.936  1.00 53.09  ?  60  VAL   A CG1 1 
ATOM   684  C  CG2 . VAL   A 1 51  ? 5.050   13.279  -6.571  1.00 46.42  ?  60  VAL   A CG2 1 
ATOM   685  N  N   . LEU   A 1 52  ? 1.469   12.284  -9.189  1.00 42.52  ?  61  LEU   A N   1 
ATOM   686  C  CA  . LEU   A 1 52  ? 0.415   11.352  -9.685  1.00 41.71  ?  61  LEU   A CA  1 
ATOM   687  C  C   . LEU   A 1 52  ? 0.437   11.202  -11.197 1.00 41.15  ?  61  LEU   A C   1 
ATOM   688  O  O   . LEU   A 1 52  ? 0.304   10.087  -11.709 1.00 48.07  ?  61  LEU   A O   1 
ATOM   689  C  CB  . LEU   A 1 52  ? -0.963  11.796  -9.182  1.00 43.78  ?  61  LEU   A CB  1 
ATOM   690  C  CG  . LEU   A 1 52  ? -1.275  11.424  -7.733  1.00 48.02  ?  61  LEU   A CG  1 
ATOM   691  C  CD1 . LEU   A 1 52  ? -2.640  11.942  -7.310  1.00 48.83  ?  61  LEU   A CD1 1 
ATOM   692  C  CD2 . LEU   A 1 52  ? -1.227  9.911   -7.541  1.00 51.91  ?  61  LEU   A CD2 1 
ATOM   693  N  N   . PRO   A 1 53  ? 0.590   12.282  -12.003 1.00 49.40  ?  62  PRO   A N   1 
ATOM   694  C  CA  . PRO   A 1 53  ? 0.644   12.112  -13.461 1.00 46.71  ?  62  PRO   A CA  1 
ATOM   695  C  C   . PRO   A 1 53  ? 1.852   11.297  -13.981 1.00 48.95  ?  62  PRO   A C   1 
ATOM   696  O  O   . PRO   A 1 53  ? 1.802   10.845  -15.113 1.00 51.38  ?  62  PRO   A O   1 
ATOM   697  C  CB  . PRO   A 1 53  ? 0.680   13.540  -13.998 1.00 44.84  ?  62  PRO   A CB  1 
ATOM   698  C  CG  . PRO   A 1 53  ? 0.280   14.425  -12.854 1.00 44.56  ?  62  PRO   A CG  1 
ATOM   699  C  CD  . PRO   A 1 53  ? 0.707   13.691  -11.595 1.00 48.70  ?  62  PRO   A CD  1 
ATOM   700  N  N   . GLN   A 1 54  ? 2.890   11.100  -13.158 1.00 44.88  ?  63  GLN   A N   1 
ATOM   701  C  CA  . GLN   A 1 54  ? 4.053   10.225  -13.468 1.00 45.28  ?  63  GLN   A CA  1 
ATOM   702  C  C   . GLN   A 1 54  ? 3.760   8.757   -13.117 1.00 49.75  ?  63  GLN   A C   1 
ATOM   703  O  O   . GLN   A 1 54  ? 4.614   7.895   -13.411 1.00 50.04  ?  63  GLN   A O   1 
ATOM   704  C  CB  . GLN   A 1 54  ? 5.265   10.717  -12.689 1.00 44.12  ?  63  GLN   A CB  1 
ATOM   705  C  CG  . GLN   A 1 54  ? 5.674   12.112  -13.102 1.00 47.31  ?  63  GLN   A CG  1 
ATOM   706  C  CD  . GLN   A 1 54  ? 7.005   12.473  -12.512 1.00 53.50  ?  63  GLN   A CD  1 
ATOM   707  O  OE1 . GLN   A 1 54  ? 8.031   11.935  -12.929 1.00 56.52  ?  63  GLN   A OE1 1 
ATOM   708  N  NE2 . GLN   A 1 54  ? 6.986   13.369  -11.536 1.00 48.00  ?  63  GLN   A NE2 1 
ATOM   709  N  N   . LEU   A 1 55  ? 2.622   8.477   -12.478 1.00 45.46  ?  64  LEU   A N   1 
ATOM   710  C  CA  . LEU   A 1 55  ? 2.195   7.109   -12.112 1.00 49.06  ?  64  LEU   A CA  1 
ATOM   711  C  C   . LEU   A 1 55  ? 1.009   6.713   -12.977 1.00 47.78  ?  64  LEU   A C   1 
ATOM   712  O  O   . LEU   A 1 55  ? 0.440   7.611   -13.624 1.00 54.08  ?  64  LEU   A O   1 
ATOM   713  C  CB  . LEU   A 1 55  ? 1.861   7.070   -10.619 1.00 51.52  ?  64  LEU   A CB  1 
ATOM   714  C  CG  . LEU   A 1 55  ? 3.057   7.377   -9.712  1.00 50.98  ?  64  LEU   A CG  1 
ATOM   715  C  CD1 . LEU   A 1 55  ? 2.633   7.448   -8.263  1.00 50.98  ?  64  LEU   A CD1 1 
ATOM   716  C  CD2 . LEU   A 1 55  ? 4.154   6.347   -9.897  1.00 51.99  ?  64  LEU   A CD2 1 
ATOM   717  N  N   . GLU   A 1 56  ? 0.688   5.419   -12.986 1.00 45.25  ?  65  GLU   A N   1 
ATOM   718  C  CA  . GLU   A 1 56  ? -0.370  4.817   -13.828 1.00 47.43  ?  65  GLU   A CA  1 
ATOM   719  C  C   . GLU   A 1 56  ? -1.658  4.629   -13.015 1.00 48.73  ?  65  GLU   A C   1 
ATOM   720  O  O   . GLU   A 1 56  ? -1.604  4.178   -11.853 1.00 53.01  ?  65  GLU   A O   1 
ATOM   721  C  CB  . GLU   A 1 56  ? 0.128   3.492   -14.399 1.00 47.74  ?  65  GLU   A CB  1 
ATOM   722  C  CG  . GLU   A 1 56  ? 1.270   3.656   -15.387 1.00 51.11  ?  65  GLU   A CG  1 
ATOM   723  C  CD  . GLU   A 1 56  ? 1.860   2.349   -15.901 1.00 58.79  ?  65  GLU   A CD  1 
ATOM   724  O  OE1 . GLU   A 1 56  ? 1.506   1.298   -15.351 1.00 65.47  ?  65  GLU   A OE1 1 
ATOM   725  O  OE2 . GLU   A 1 56  ? 2.677   2.383   -16.853 1.00 65.40  ?  65  GLU   A OE2 1 
ATOM   726  N  N   . GLN   A 1 57  ? -2.783  4.936   -13.641 1.00 49.45  ?  66  GLN   A N   1 
ATOM   727  C  CA  . GLN   A 1 57  ? -4.149  4.686   -13.113 1.00 52.03  ?  66  GLN   A CA  1 
ATOM   728  C  C   . GLN   A 1 57  ? -4.557  3.265   -13.483 1.00 47.05  ?  66  GLN   A C   1 
ATOM   729  O  O   . GLN   A 1 57  ? -4.031  2.705   -14.427 1.00 47.38  ?  66  GLN   A O   1 
ATOM   730  C  CB  . GLN   A 1 57  ? -5.152  5.686   -13.693 1.00 50.36  ?  66  GLN   A CB  1 
ATOM   731  C  CG  . GLN   A 1 57  ? -4.826  7.133   -13.374 1.00 53.87  ?  66  GLN   A CG  1 
ATOM   732  C  CD  . GLN   A 1 57  ? -5.997  8.075   -13.528 1.00 62.87  ?  66  GLN   A CD  1 
ATOM   733  O  OE1 . GLN   A 1 57  ? -7.152  7.744   -13.243 1.00 56.57  ?  66  GLN   A OE1 1 
ATOM   734  N  NE2 . GLN   A 1 57  ? -5.693  9.289   -13.957 1.00 75.52  ?  66  GLN   A NE2 1 
ATOM   735  N  N   . PRO   A 1 58  ? -5.453  2.601   -12.714 1.00 48.93  ?  67  PRO   A N   1 
ATOM   736  C  CA  . PRO   A 1 58  ? -5.928  3.119   -11.424 1.00 46.71  ?  67  PRO   A CA  1 
ATOM   737  C  C   . PRO   A 1 58  ? -4.827  3.241   -10.352 1.00 45.44  ?  67  PRO   A C   1 
ATOM   738  O  O   . PRO   A 1 58  ? -3.897  2.398   -10.313 1.00 41.90  ?  67  PRO   A O   1 
ATOM   739  C  CB  . PRO   A 1 58  ? -6.976  2.090   -10.962 1.00 44.83  ?  67  PRO   A CB  1 
ATOM   740  C  CG  . PRO   A 1 58  ? -7.330  1.304   -12.215 1.00 49.16  ?  67  PRO   A CG  1 
ATOM   741  C  CD  . PRO   A 1 58  ? -6.082  1.322   -13.072 1.00 47.67  ?  67  PRO   A CD  1 
ATOM   742  N  N   . TYR   A 1 59  ? -4.952  4.264   -9.504  1.00 39.23  ?  68  TYR   A N   1 
ATOM   743  C  CA  . TYR   A 1 59  ? -4.076  4.503   -8.332  1.00 45.87  ?  68  TYR   A CA  1 
ATOM   744  C  C   . TYR   A 1 59  ? -4.586  3.728   -7.111  1.00 48.32  ?  68  TYR   A C   1 
ATOM   745  O  O   . TYR   A 1 59  ? -5.820  3.585   -6.965  1.00 44.25  ?  68  TYR   A O   1 
ATOM   746  C  CB  . TYR   A 1 59  ? -4.045  5.977   -7.943  1.00 47.67  ?  68  TYR   A CB  1 
ATOM   747  C  CG  . TYR   A 1 59  ? -3.647  6.933   -9.036  1.00 55.88  ?  68  TYR   A CG  1 
ATOM   748  C  CD1 . TYR   A 1 59  ? -2.520  6.715   -9.821  1.00 59.15  ?  68  TYR   A CD1 1 
ATOM   749  C  CD2 . TYR   A 1 59  ? -4.368  8.104   -9.234  1.00 60.12  ?  68  TYR   A CD2 1 
ATOM   750  C  CE1 . TYR   A 1 59  ? -2.143  7.623   -10.798 1.00 59.88  ?  68  TYR   A CE1 1 
ATOM   751  C  CE2 . TYR   A 1 59  ? -4.006  9.019   -10.206 1.00 59.47  ?  68  TYR   A CE2 1 
ATOM   752  C  CZ  . TYR   A 1 59  ? -2.889  8.777   -10.986 1.00 60.20  ?  68  TYR   A CZ  1 
ATOM   753  O  OH  . TYR   A 1 59  ? -2.537  9.692   -11.918 1.00 53.51  ?  68  TYR   A OH  1 
ATOM   754  N  N   . VAL   A 1 60  ? -3.671  3.266   -6.251  1.00 41.49  ?  69  VAL   A N   1 
ATOM   755  C  CA  . VAL   A 1 60  ? -4.024  2.711   -4.915  1.00 40.73  ?  69  VAL   A CA  1 
ATOM   756  C  C   . VAL   A 1 60  ? -3.397  3.606   -3.870  1.00 46.51  ?  69  VAL   A C   1 
ATOM   757  O  O   . VAL   A 1 60  ? -2.149  3.639   -3.824  1.00 45.11  ?  69  VAL   A O   1 
ATOM   758  C  CB  . VAL   A 1 60  ? -3.531  1.282   -4.696  1.00 39.96  ?  69  VAL   A CB  1 
ATOM   759  C  CG1 . VAL   A 1 60  ? -3.814  0.862   -3.270  1.00 39.90  ?  69  VAL   A CG1 1 
ATOM   760  C  CG2 . VAL   A 1 60  ? -4.144  0.327   -5.691  1.00 42.28  ?  69  VAL   A CG2 1 
ATOM   761  N  N   . PHE   A 1 61  ? -4.229  4.270   -3.057  1.00 41.86  ?  70  PHE   A N   1 
ATOM   762  C  CA  . PHE   A 1 61  ? -3.763  5.134   -1.951  1.00 44.09  ?  70  PHE   A CA  1 
ATOM   763  C  C   . PHE   A 1 61  ? -3.806  4.317   -0.661  1.00 42.48  ?  70  PHE   A C   1 
ATOM   764  O  O   . PHE   A 1 61  ? -4.724  3.487   -0.495  1.00 42.91  ?  70  PHE   A O   1 
ATOM   765  C  CB  . PHE   A 1 61  ? -4.588  6.423   -1.863  1.00 45.67  ?  70  PHE   A CB  1 
ATOM   766  C  CG  . PHE   A 1 61  ? -4.547  7.296   -3.091  1.00 44.84  ?  70  PHE   A CG  1 
ATOM   767  C  CD1 . PHE   A 1 61  ? -3.440  8.085   -3.368  1.00 51.06  ?  70  PHE   A CD1 1 
ATOM   768  C  CD2 . PHE   A 1 61  ? -5.614  7.344   -3.967  1.00 46.69  ?  70  PHE   A CD2 1 
ATOM   769  C  CE1 . PHE   A 1 61  ? -3.411  8.902   -4.489  1.00 50.43  ?  70  PHE   A CE1 1 
ATOM   770  C  CE2 . PHE   A 1 61  ? -5.587  8.161   -5.094  1.00 48.62  ?  70  PHE   A CE2 1 
ATOM   771  C  CZ  . PHE   A 1 61  ? -4.488  8.939   -5.354  1.00 50.13  ?  70  PHE   A CZ  1 
ATOM   772  N  N   . ILE   A 1 62  ? -2.865  4.575   0.240   1.00 40.45  ?  71  ILE   A N   1 
ATOM   773  C  CA  . ILE   A 1 62  ? -3.095  4.321   1.687   1.00 47.15  ?  71  ILE   A CA  1 
ATOM   774  C  C   . ILE   A 1 62  ? -3.516  5.657   2.304   1.00 48.68  ?  71  ILE   A C   1 
ATOM   775  O  O   . ILE   A 1 62  ? -2.836  6.682   2.055   1.00 49.70  ?  71  ILE   A O   1 
ATOM   776  C  CB  . ILE   A 1 62  ? -1.900  3.679   2.416   1.00 48.48  ?  71  ILE   A CB  1 
ATOM   777  C  CG1 . ILE   A 1 62  ? -0.571  4.351   2.071   1.00 57.10  ?  71  ILE   A CG1 1 
ATOM   778  C  CG2 . ILE   A 1 62  ? -1.858  2.194   2.163   1.00 51.52  ?  71  ILE   A CG2 1 
ATOM   779  C  CD1 . ILE   A 1 62  ? 0.475   4.183   3.162   1.00 58.34  ?  71  ILE   A CD1 1 
ATOM   780  N  N   . LYS   A 1 63  ? -4.629  5.626   3.043   1.00 48.00  ?  72  LYS   A N   1 
ATOM   781  C  CA  . LYS   A 1 63  ? -5.233  6.784   3.738   1.00 45.40  ?  72  LYS   A CA  1 
ATOM   782  C  C   . LYS   A 1 63  ? -5.352  6.487   5.236   1.00 45.89  ?  72  LYS   A C   1 
ATOM   783  O  O   . LYS   A 1 63  ? -5.623  5.332   5.598   1.00 48.14  ?  72  LYS   A O   1 
ATOM   784  C  CB  . LYS   A 1 63  ? -6.584  7.087   3.106   1.00 50.39  ?  72  LYS   A CB  1 
ATOM   785  C  CG  . LYS   A 1 63  ? -6.475  7.650   1.700   1.00 56.00  ?  72  LYS   A CG  1 
ATOM   786  C  CD  . LYS   A 1 63  ? -7.802  7.887   1.019   1.00 61.09  ?  72  LYS   A CD  1 
ATOM   787  C  CE  . LYS   A 1 63  ? -7.694  8.909   -0.090  1.00 65.12  ?  72  LYS   A CE  1 
ATOM   788  N  NZ  . LYS   A 1 63  ? -7.188  10.205  0.427   1.00 65.82  ?  72  LYS   A NZ  1 
ATOM   789  N  N   . ARG   A 1 64  ? -5.162  7.505   6.075   1.00 50.43  ?  73  ARG   A N   1 
ATOM   790  C  CA  . ARG   A 1 64  ? -5.253  7.371   7.552   1.00 53.14  ?  73  ARG   A CA  1 
ATOM   791  C  C   . ARG   A 1 64  ? -6.701  6.999   7.909   1.00 52.50  ?  73  ARG   A C   1 
ATOM   792  O  O   . ARG   A 1 64  ? -7.619  7.717   7.472   1.00 52.54  ?  73  ARG   A O   1 
ATOM   793  C  CB  . ARG   A 1 64  ? -4.797  8.674   8.202   1.00 59.90  ?  73  ARG   A CB  1 
ATOM   794  C  CG  . ARG   A 1 64  ? -4.379  8.505   9.650   1.00 68.40  ?  73  ARG   A CG  1 
ATOM   795  C  CD  . ARG   A 1 64  ? -4.374  9.799   10.423  1.00 67.71  ?  73  ARG   A CD  1 
ATOM   796  N  NE  . ARG   A 1 64  ? -3.464  9.679   11.549  1.00 80.30  ?  73  ARG   A NE  1 
ATOM   797  C  CZ  . ARG   A 1 64  ? -2.174  9.989   11.519  1.00 86.87  ?  73  ARG   A CZ  1 
ATOM   798  N  NH1 . ARG   A 1 64  ? -1.621  10.458  10.408  1.00 86.34  ?  73  ARG   A NH1 1 
ATOM   799  N  NH2 . ARG   A 1 64  ? -1.439  9.832   12.607  1.00 86.43  ?  73  ARG   A NH2 1 
ATOM   800  N  N   . SER   A 1 65  ? -6.907  5.888   8.628   1.00 51.31  ?  74  SER   A N   1 
ATOM   801  C  CA  . SER   A 1 65  ? -8.247  5.331   8.963   1.00 60.33  ?  74  SER   A CA  1 
ATOM   802  C  C   . SER   A 1 65  ? -8.650  5.693   10.401  1.00 63.75  ?  74  SER   A C   1 
ATOM   803  O  O   . SER   A 1 65  ? -9.814  5.438   10.747  1.00 64.43  ?  74  SER   A O   1 
ATOM   804  C  CB  . SER   A 1 65  ? -8.296  3.829   8.736   1.00 57.17  ?  74  SER   A CB  1 
ATOM   805  O  OG  . SER   A 1 65  ? -7.343  3.129   9.531   1.00 55.41  ?  74  SER   A OG  1 
ATOM   806  N  N   . ASP   A 1 66  ? -7.736  6.277   11.183  1.00 74.04  ?  75  ASP   A N   1 
ATOM   807  C  CA  . ASP   A 1 66  ? -7.825  6.466   12.659  1.00 80.58  ?  75  ASP   A CA  1 
ATOM   808  C  C   . ASP   A 1 66  ? -6.826  7.574   13.050  1.00 84.74  ?  75  ASP   A C   1 
ATOM   809  O  O   . ASP   A 1 66  ? -5.827  7.715   12.327  1.00 86.46  ?  75  ASP   A O   1 
ATOM   810  C  CB  . ASP   A 1 66  ? -7.545  5.120   13.340  1.00 86.97  ?  75  ASP   A CB  1 
ATOM   811  C  CG  . ASP   A 1 66  ? -7.897  5.013   14.814  1.00 85.64  ?  75  ASP   A CG  1 
ATOM   812  O  OD1 . ASP   A 1 66  ? -7.324  5.779   15.614  1.00 81.28  ?  75  ASP   A OD1 1 
ATOM   813  O  OD2 . ASP   A 1 66  ? -8.724  4.132   15.153  1.00 93.09  ?  75  ASP   A OD2 1 
ATOM   814  N  N   . ALA   A 1 67  ? -7.084  8.327   14.136  1.00 90.57  ?  76  ALA   A N   1 
ATOM   815  C  CA  . ALA   A 1 67  ? -6.253  9.463   14.630  1.00 87.79  ?  76  ALA   A CA  1 
ATOM   816  C  C   . ALA   A 1 67  ? -5.521  9.103   15.931  1.00 76.69  ?  76  ALA   A C   1 
ATOM   817  O  O   . ALA   A 1 67  ? -6.213  8.761   16.893  1.00 71.77  ?  76  ALA   A O   1 
ATOM   818  C  CB  . ALA   A 1 67  ? -7.105  10.689  14.845  1.00 83.94  ?  76  ALA   A CB  1 
ATOM   819  N  N   . ALA   A 1 70  ? -2.133  5.416   16.612  1.00 73.45  ?  79  ALA   A N   1 
ATOM   820  C  CA  . ALA   A 1 70  ? -0.880  5.049   15.911  1.00 73.36  ?  79  ALA   A CA  1 
ATOM   821  C  C   . ALA   A 1 70  ? -0.153  3.966   16.704  1.00 90.21  ?  79  ALA   A C   1 
ATOM   822  O  O   . ALA   A 1 70  ? 0.943   4.182   17.230  1.00 88.80  ?  79  ALA   A O   1 
ATOM   823  C  CB  . ALA   A 1 70  ? -0.014  6.271   15.711  1.00 67.61  ?  79  ALA   A CB  1 
ATOM   824  N  N   . PRO   A 1 71  ? -0.746  2.760   16.829  1.00 89.43  ?  80  PRO   A N   1 
ATOM   825  C  CA  . PRO   A 1 71  ? -0.180  1.726   17.686  1.00 88.68  ?  80  PRO   A CA  1 
ATOM   826  C  C   . PRO   A 1 71  ? 1.287   1.456   17.345  1.00 93.46  ?  80  PRO   A C   1 
ATOM   827  O  O   . PRO   A 1 71  ? 1.564   1.075   16.225  1.00 106.52 ?  80  PRO   A O   1 
ATOM   828  C  CB  . PRO   A 1 71  ? -1.053  0.502   17.394  1.00 98.52  ?  80  PRO   A CB  1 
ATOM   829  C  CG  . PRO   A 1 71  ? -2.374  1.103   16.979  1.00 102.55 ?  80  PRO   A CG  1 
ATOM   830  C  CD  . PRO   A 1 71  ? -1.997  2.335   16.182  1.00 95.15  ?  80  PRO   A CD  1 
ATOM   831  N  N   . HIS   A 1 72  ? 2.177   1.685   18.311  1.00 92.24  ?  81  HIS   A N   1 
ATOM   832  C  CA  . HIS   A 1 72  ? 3.595   1.230   18.302  1.00 93.46  ?  81  HIS   A CA  1 
ATOM   833  C  C   . HIS   A 1 72  ? 4.413   2.027   17.268  1.00 86.44  ?  81  HIS   A C   1 
ATOM   834  O  O   . HIS   A 1 72  ? 5.475   1.518   16.847  1.00 79.46  ?  81  HIS   A O   1 
ATOM   835  C  CB  . HIS   A 1 72  ? 3.663   -0.296  18.061  1.00 109.95 ?  81  HIS   A CB  1 
ATOM   836  C  CG  . HIS   A 1 72  ? 2.668   -1.124  18.820  1.00 124.12 ?  81  HIS   A CG  1 
ATOM   837  N  ND1 . HIS   A 1 72  ? 2.875   -1.541  20.129  1.00 135.04 ?  81  HIS   A ND1 1 
ATOM   838  C  CD2 . HIS   A 1 72  ? 1.471   -1.643  18.458  1.00 125.41 ?  81  HIS   A CD2 1 
ATOM   839  C  CE1 . HIS   A 1 72  ? 1.845   -2.262  20.536  1.00 133.86 ?  81  HIS   A CE1 1 
ATOM   840  N  NE2 . HIS   A 1 72  ? 0.972   -2.341  19.528  1.00 130.15 ?  81  HIS   A NE2 1 
ATOM   841  N  N   . GLY   A 1 73  ? 3.960   3.234   16.896  1.00 90.62  ?  82  GLY   A N   1 
ATOM   842  C  CA  . GLY   A 1 73  ? 4.558   4.090   15.845  1.00 81.91  ?  82  GLY   A CA  1 
ATOM   843  C  C   . GLY   A 1 73  ? 3.824   3.990   14.510  1.00 79.92  ?  82  GLY   A C   1 
ATOM   844  O  O   . GLY   A 1 73  ? 3.888   4.947   13.723  1.00 79.38  ?  82  GLY   A O   1 
ATOM   845  N  N   . HIS   A 1 74  ? 3.110   2.885   14.279  1.00 69.03  ?  83  HIS   A N   1 
ATOM   846  C  CA  . HIS   A 1 74  ? 2.439   2.537   13.003  1.00 61.66  ?  83  HIS   A CA  1 
ATOM   847  C  C   . HIS   A 1 74  ? 1.096   3.261   12.867  1.00 64.21  ?  83  HIS   A C   1 
ATOM   848  O  O   . HIS   A 1 74  ? 0.147   2.910   13.616  1.00 57.73  ?  83  HIS   A O   1 
ATOM   849  C  CB  . HIS   A 1 74  ? 2.216   1.036   12.929  1.00 62.67  ?  83  HIS   A CB  1 
ATOM   850  C  CG  . HIS   A 1 74  ? 3.466   0.238   12.971  1.00 64.77  ?  83  HIS   A CG  1 
ATOM   851  N  ND1 . HIS   A 1 74  ? 3.846   -0.578  11.925  1.00 70.01  ?  83  HIS   A ND1 1 
ATOM   852  C  CD2 . HIS   A 1 74  ? 4.395   0.090   13.936  1.00 68.79  ?  83  HIS   A CD2 1 
ATOM   853  C  CE1 . HIS   A 1 74  ? 4.969   -1.186  12.234  1.00 73.83  ?  83  HIS   A CE1 1 
ATOM   854  N  NE2 . HIS   A 1 74  ? 5.327   -0.792  13.461  1.00 76.11  ?  83  HIS   A NE2 1 
ATOM   855  N  N   . VAL   A 1 75  ? 1.018   4.205   11.927  1.00 58.34  ?  84  VAL   A N   1 
ATOM   856  C  CA  . VAL   A 1 75  ? -0.231  4.918   11.540  1.00 62.24  ?  84  VAL   A CA  1 
ATOM   857  C  C   . VAL   A 1 75  ? -1.198  3.895   10.950  1.00 53.35  ?  84  VAL   A C   1 
ATOM   858  O  O   . VAL   A 1 75  ? -0.812  3.142   10.043  1.00 49.26  ?  84  VAL   A O   1 
ATOM   859  C  CB  . VAL   A 1 75  ? 0.033   6.044   10.527  1.00 61.82  ?  84  VAL   A CB  1 
ATOM   860  C  CG1 . VAL   A 1 75  ? -1.267  6.685   10.077  1.00 67.73  ?  84  VAL   A CG1 1 
ATOM   861  C  CG2 . VAL   A 1 75  ? 0.971   7.085   11.094  1.00 66.17  ?  84  VAL   A CG2 1 
ATOM   862  N  N   . MET   A 1 76  ? -2.425  3.878   11.445  1.00 54.58  ?  85  MET   A N   1 
ATOM   863  C  CA  . MET   A 1 76  ? -3.478  2.976   10.919  1.00 55.68  ?  85  MET   A CA  1 
ATOM   864  C  C   . MET   A 1 76  ? -3.947  3.521   9.570   1.00 49.75  ?  85  MET   A C   1 
ATOM   865  O  O   . MET   A 1 76  ? -4.354  4.689   9.502   1.00 42.05  ?  85  MET   A O   1 
ATOM   866  C  CB  . MET   A 1 76  ? -4.671  2.898   11.874  1.00 60.01  ?  85  MET   A CB  1 
ATOM   867  C  CG  . MET   A 1 76  ? -4.395  2.014   13.080  1.00 71.10  ?  85  MET   A CG  1 
ATOM   868  S  SD  . MET   A 1 76  ? -5.880  1.286   13.801  1.00 70.43  ?  85  MET   A SD  1 
ATOM   869  C  CE  . MET   A 1 76  ? -6.885  1.001   12.347  1.00 73.97  ?  85  MET   A CE  1 
ATOM   870  N  N   . VAL   A 1 77  ? -3.904  2.686   8.540   1.00 43.84  ?  86  VAL   A N   1 
ATOM   871  C  CA  . VAL   A 1 77  ? -4.293  3.076   7.161   1.00 45.03  ?  86  VAL   A CA  1 
ATOM   872  C  C   . VAL   A 1 77  ? -5.237  2.015   6.601   1.00 42.81  ?  86  VAL   A C   1 
ATOM   873  O  O   . VAL   A 1 77  ? -5.292  0.913   7.163   1.00 42.30  ?  86  VAL   A O   1 
ATOM   874  C  CB  . VAL   A 1 77  ? -3.057  3.233   6.262   1.00 41.12  ?  86  VAL   A CB  1 
ATOM   875  C  CG1 . VAL   A 1 77  ? -2.160  4.354   6.735   1.00 42.22  ?  86  VAL   A CG1 1 
ATOM   876  C  CG2 . VAL   A 1 77  ? -2.283  1.923   6.166   1.00 46.46  ?  86  VAL   A CG2 1 
ATOM   877  N  N   . GLU   A 1 78  ? -5.940  2.383   5.530   1.00 45.08  ?  87  GLU   A N   1 
ATOM   878  C  CA  . GLU   A 1 78  ? -6.715  1.474   4.658   1.00 46.72  ?  87  GLU   A CA  1 
ATOM   879  C  C   . GLU   A 1 78  ? -6.474  1.867   3.191   1.00 43.56  ?  87  GLU   A C   1 
ATOM   880  O  O   . GLU   A 1 78  ? -5.905  2.965   2.962   1.00 39.82  ?  87  GLU   A O   1 
ATOM   881  C  CB  . GLU   A 1 78  ? -8.178  1.538   5.060   1.00 48.26  ?  87  GLU   A CB  1 
ATOM   882  C  CG  . GLU   A 1 78  ? -8.762  2.931   4.968   1.00 56.46  ?  87  GLU   A CG  1 
ATOM   883  C  CD  . GLU   A 1 78  ? -10.094 3.052   5.686   1.00 59.81  ?  87  GLU   A CD  1 
ATOM   884  O  OE1 . GLU   A 1 78  ? -10.747 2.015   5.856   1.00 64.98  ?  87  GLU   A OE1 1 
ATOM   885  O  OE2 . GLU   A 1 78  ? -10.432 4.166   6.117   1.00 63.57  ?  87  GLU   A OE2 1 
ATOM   886  N  N   . LEU   A 1 79  ? -6.850  0.982   2.263   1.00 44.31  ?  88  LEU   A N   1 
ATOM   887  C  CA  . LEU   A 1 79  ? -6.626  1.108   0.792   1.00 51.30  ?  88  LEU   A CA  1 
ATOM   888  C  C   . LEU   A 1 79  ? -7.849  1.752   0.134   1.00 46.83  ?  88  LEU   A C   1 
ATOM   889  O  O   . LEU   A 1 79  ? -8.963  1.309   0.400   1.00 50.79  ?  88  LEU   A O   1 
ATOM   890  C  CB  . LEU   A 1 79  ? -6.357  -0.277  0.195   1.00 45.23  ?  88  LEU   A CB  1 
ATOM   891  C  CG  . LEU   A 1 79  ? -5.101  -0.985  0.721   1.00 52.74  ?  88  LEU   A CG  1 
ATOM   892  C  CD1 . LEU   A 1 79  ? -4.861  -2.295  -0.003  1.00 57.92  ?  88  LEU   A CD1 1 
ATOM   893  C  CD2 . LEU   A 1 79  ? -3.854  -0.112  0.627   1.00 51.03  ?  88  LEU   A CD2 1 
ATOM   894  N  N   . VAL   A 1 80  ? -7.615  2.776   -0.675  1.00 47.18  ?  89  VAL   A N   1 
ATOM   895  C  CA  . VAL   A 1 80  ? -8.624  3.440   -1.544  1.00 48.56  ?  89  VAL   A CA  1 
ATOM   896  C  C   . VAL   A 1 80  ? -8.044  3.547   -2.961  1.00 50.32  ?  89  VAL   A C   1 
ATOM   897  O  O   . VAL   A 1 80  ? -6.917  4.066   -3.105  1.00 51.13  ?  89  VAL   A O   1 
ATOM   898  C  CB  . VAL   A 1 80  ? -8.947  4.823   -0.964  1.00 47.99  ?  89  VAL   A CB  1 
ATOM   899  C  CG1 . VAL   A 1 80  ? -9.868  5.625   -1.874  1.00 54.09  ?  89  VAL   A CG1 1 
ATOM   900  C  CG2 . VAL   A 1 80  ? -9.513  4.679   0.442   1.00 54.38  ?  89  VAL   A CG2 1 
ATOM   901  N  N   . ALA   A 1 81  ? -8.777  3.082   -3.970  1.00 49.58  ?  90  ALA   A N   1 
ATOM   902  C  CA  . ALA   A 1 81  ? -8.370  3.130   -5.390  1.00 50.13  ?  90  ALA   A CA  1 
ATOM   903  C  C   . ALA   A 1 81  ? -8.992  4.370   -6.045  1.00 55.02  ?  90  ALA   A C   1 
ATOM   904  O  O   . ALA   A 1 81  ? -10.048 4.843   -5.548  1.00 47.58  ?  90  ALA   A O   1 
ATOM   905  C  CB  . ALA   A 1 81  ? -8.756  1.852   -6.095  1.00 53.19  ?  90  ALA   A CB  1 
ATOM   906  N  N   . GLU   A 1 82  ? -8.349  4.915   -7.085  1.00 46.62  ?  91  GLU   A N   1 
ATOM   907  C  CA  . GLU   A 1 82  ? -8.903  6.054   -7.862  1.00 50.80  ?  91  GLU   A CA  1 
ATOM   908  C  C   . GLU   A 1 82  ? -8.701  5.776   -9.358  1.00 58.50  ?  91  GLU   A C   1 
ATOM   909  O  O   . GLU   A 1 82  ? -7.575  5.365   -9.755  1.00 48.25  ?  91  GLU   A O   1 
ATOM   910  C  CB  . GLU   A 1 82  ? -8.259  7.379   -7.441  1.00 50.56  ?  91  GLU   A CB  1 
ATOM   911  C  CG  . GLU   A 1 82  ? -8.708  8.575   -8.265  1.00 47.19  ?  91  GLU   A CG  1 
ATOM   912  C  CD  . GLU   A 1 82  ? -7.951  9.850   -7.931  1.00 50.67  ?  91  GLU   A CD  1 
ATOM   913  O  OE1 . GLU   A 1 82  ? -7.850  10.200  -6.724  1.00 43.01  ?  91  GLU   A OE1 1 
ATOM   914  O  OE2 . GLU   A 1 82  ? -7.452  10.491  -8.871  1.00 49.64  ?  91  GLU   A OE2 1 
ATOM   915  N  N   . LEU   A 1 83  ? -9.763  5.958   -10.148 1.00 54.28  ?  92  LEU   A N   1 
ATOM   916  C  CA  . LEU   A 1 83  ? -9.739  5.852   -11.633 1.00 51.87  ?  92  LEU   A CA  1 
ATOM   917  C  C   . LEU   A 1 83  ? -10.574 6.999   -12.199 1.00 57.07  ?  92  LEU   A C   1 
ATOM   918  O  O   . LEU   A 1 83  ? -11.800 7.032   -11.912 1.00 47.22  ?  92  LEU   A O   1 
ATOM   919  C  CB  . LEU   A 1 83  ? -10.296 4.500   -12.099 1.00 48.93  ?  92  LEU   A CB  1 
ATOM   920  C  CG  . LEU   A 1 83  ? -10.267 4.277   -13.616 1.00 49.97  ?  92  LEU   A CG  1 
ATOM   921  C  CD1 . LEU   A 1 83  ? -8.848  4.426   -14.167 1.00 47.64  ?  92  LEU   A CD1 1 
ATOM   922  C  CD2 . LEU   A 1 83  ? -10.854 2.921   -13.996 1.00 47.08  ?  92  LEU   A CD2 1 
ATOM   923  N  N   . GLU   A 1 84  ? -9.917  7.873   -12.963 1.00 54.52  ?  93  GLU   A N   1 
ATOM   924  C  CA  . GLU   A 1 84  ? -10.522 9.021   -13.687 1.00 64.14  ?  93  GLU   A CA  1 
ATOM   925  C  C   . GLU   A 1 84  ? -11.389 9.835   -12.723 1.00 68.22  ?  93  GLU   A C   1 
ATOM   926  O  O   . GLU   A 1 84  ? -12.536 10.178  -13.112 1.00 65.65  ?  93  GLU   A O   1 
ATOM   927  C  CB  . GLU   A 1 84  ? -11.254 8.526   -14.933 1.00 68.58  ?  93  GLU   A CB  1 
ATOM   928  C  CG  . GLU   A 1 84  ? -10.284 8.079   -16.009 1.00 76.57  ?  93  GLU   A CG  1 
ATOM   929  C  CD  . GLU   A 1 84  ? -10.832 7.025   -16.946 1.00 87.64  ?  93  GLU   A CD  1 
ATOM   930  O  OE1 . GLU   A 1 84  ? -11.737 6.274   -16.520 1.00 95.33  ?  93  GLU   A OE1 1 
ATOM   931  O  OE2 . GLU   A 1 84  ? -10.345 6.953   -18.090 1.00 78.49  ?  93  GLU   A OE2 1 
ATOM   932  N  N   . GLY   A 1 85  ? -10.830 10.159  -11.539 1.00 54.72  ?  94  GLY   A N   1 
ATOM   933  C  CA  . GLY   A 1 85  ? -11.411 11.135  -10.598 1.00 53.54  ?  94  GLY   A CA  1 
ATOM   934  C  C   . GLY   A 1 85  ? -12.386 10.509  -9.615  1.00 52.11  ?  94  GLY   A C   1 
ATOM   935  O  O   . GLY   A 1 85  ? -12.867 11.255  -8.723  1.00 50.50  ?  94  GLY   A O   1 
ATOM   936  N  N   . ILE   A 1 86  ? -12.654 9.200   -9.743  1.00 47.72  ?  95  ILE   A N   1 
ATOM   937  C  CA  . ILE   A 1 86  ? -13.584 8.466   -8.846  1.00 52.17  ?  95  ILE   A CA  1 
ATOM   938  C  C   . ILE   A 1 86  ? -12.792 7.548   -7.897  1.00 49.00  ?  95  ILE   A C   1 
ATOM   939  O  O   . ILE   A 1 86  ? -12.015 6.743   -8.380  1.00 48.20  ?  95  ILE   A O   1 
ATOM   940  C  CB  . ILE   A 1 86  ? -14.640 7.693   -9.649  1.00 55.56  ?  95  ILE   A CB  1 
ATOM   941  C  CG1 . ILE   A 1 86  ? -15.428 8.620   -10.580 1.00 58.12  ?  95  ILE   A CG1 1 
ATOM   942  C  CG2 . ILE   A 1 86  ? -15.586 6.950   -8.703  1.00 60.10  ?  95  ILE   A CG2 1 
ATOM   943  C  CD1 . ILE   A 1 86  ? -16.552 7.913   -11.321 1.00 52.96  ?  95  ILE   A CD1 1 
ATOM   944  N  N   . GLN   A 1 87  ? -13.048 7.644   -6.590  1.00 53.85  ?  96  GLN   A N   1 
ATOM   945  C  CA  . GLN   A 1 87  ? -12.398 6.839   -5.518  1.00 56.84  ?  96  GLN   A CA  1 
ATOM   946  C  C   . GLN   A 1 87  ? -13.376 5.747   -5.107  1.00 55.56  ?  96  GLN   A C   1 
ATOM   947  O  O   . GLN   A 1 87  ? -14.600 5.970   -5.160  1.00 62.53  ?  96  GLN   A O   1 
ATOM   948  C  CB  . GLN   A 1 87  ? -11.944 7.708   -4.346  1.00 57.10  ?  96  GLN   A CB  1 
ATOM   949  C  CG  . GLN   A 1 87  ? -10.821 8.650   -4.761  1.00 63.46  ?  96  GLN   A CG  1 
ATOM   950  C  CD  . GLN   A 1 87  ? -10.051 9.279   -3.629  1.00 63.08  ?  96  GLN   A CD  1 
ATOM   951  O  OE1 . GLN   A 1 87  ? -10.547 9.450   -2.520  1.00 64.36  ?  96  GLN   A OE1 1 
ATOM   952  N  NE2 . GLN   A 1 87  ? -8.825  9.682   -3.928  1.00 73.87  ?  96  GLN   A NE2 1 
ATOM   953  N  N   . TYR   A 1 88  ? -12.839 4.568   -4.838  1.00 55.99  ?  97  TYR   A N   1 
ATOM   954  C  CA  . TYR   A 1 88  ? -13.582 3.362   -4.412  1.00 52.48  ?  97  TYR   A CA  1 
ATOM   955  C  C   . TYR   A 1 88  ? -13.074 3.045   -3.008  1.00 62.21  ?  97  TYR   A C   1 
ATOM   956  O  O   . TYR   A 1 88  ? -11.959 2.481   -2.815  1.00 66.62  ?  97  TYR   A O   1 
ATOM   957  C  CB  . TYR   A 1 88  ? -13.434 2.295   -5.484  1.00 48.88  ?  97  TYR   A CB  1 
ATOM   958  C  CG  . TYR   A 1 88  ? -13.905 2.764   -6.838  1.00 54.58  ?  97  TYR   A CG  1 
ATOM   959  C  CD1 . TYR   A 1 88  ? -13.133 3.626   -7.603  1.00 54.28  ?  97  TYR   A CD1 1 
ATOM   960  C  CD2 . TYR   A 1 88  ? -15.140 2.389   -7.341  1.00 58.36  ?  97  TYR   A CD2 1 
ATOM   961  C  CE1 . TYR   A 1 88  ? -13.569 4.094   -8.830  1.00 56.15  ?  97  TYR   A CE1 1 
ATOM   962  C  CE2 . TYR   A 1 88  ? -15.584 2.834   -8.577  1.00 62.03  ?  97  TYR   A CE2 1 
ATOM   963  C  CZ  . TYR   A 1 88  ? -14.790 3.685   -9.328  1.00 58.92  ?  97  TYR   A CZ  1 
ATOM   964  O  OH  . TYR   A 1 88  ? -15.176 4.123   -10.558 1.00 62.04  ?  97  TYR   A OH  1 
ATOM   965  N  N   . GLY   A 1 89  ? -13.847 3.532   -2.048  1.00 59.31  ?  98  GLY   A N   1 
ATOM   966  C  CA  . GLY   A 1 89  ? -13.431 3.680   -0.652  1.00 63.19  ?  98  GLY   A CA  1 
ATOM   967  C  C   . GLY   A 1 89  ? -13.536 5.128   -0.229  1.00 58.84  ?  98  GLY   A C   1 
ATOM   968  O  O   . GLY   A 1 89  ? -13.626 6.021   -1.077  1.00 56.48  ?  98  GLY   A O   1 
ATOM   969  N  N   . ARG   A 1 90  ? -13.509 5.341   1.072   1.00 60.97  ?  99  ARG   A N   1 
ATOM   970  C  CA  . ARG   A 1 90  ? -13.681 6.651   1.723   1.00 55.37  ?  99  ARG   A CA  1 
ATOM   971  C  C   . ARG   A 1 90  ? -12.904 6.505   3.018   1.00 50.59  ?  99  ARG   A C   1 
ATOM   972  O  O   . ARG   A 1 90  ? -13.241 5.595   3.767   1.00 56.58  ?  99  ARG   A O   1 
ATOM   973  C  CB  . ARG   A 1 90  ? -15.188 6.889   1.890   1.00 62.83  ?  99  ARG   A CB  1 
ATOM   974  C  CG  . ARG   A 1 90  ? -15.609 7.634   3.147   1.00 55.80  ?  99  ARG   A CG  1 
ATOM   975  C  CD  . ARG   A 1 90  ? -17.108 7.881   3.188   1.00 52.13  ?  99  ARG   A CD  1 
ATOM   976  N  NE  . ARG   A 1 90  ? -17.243 9.295   3.453   1.00 55.06  ?  99  ARG   A NE  1 
ATOM   977  C  CZ  . ARG   A 1 90  ? -17.109 9.884   4.636   1.00 50.66  ?  99  ARG   A CZ  1 
ATOM   978  N  NH1 . ARG   A 1 90  ? -16.897 9.176   5.730   1.00 43.85  ?  99  ARG   A NH1 1 
ATOM   979  N  NH2 . ARG   A 1 90  ? -17.211 11.197  4.723   1.00 53.72  ?  99  ARG   A NH2 1 
ATOM   980  N  N   . SER   A 1 91  ? -11.881 7.322   3.241   1.00 56.32  ?  100 SER   A N   1 
ATOM   981  C  CA  . SER   A 1 91  ? -10.987 7.217   4.424   1.00 56.28  ?  100 SER   A CA  1 
ATOM   982  C  C   . SER   A 1 91  ? -10.439 8.615   4.730   1.00 59.30  ?  100 SER   A C   1 
ATOM   983  O  O   . SER   A 1 91  ? -10.970 9.577   4.145   1.00 55.33  ?  100 SER   A O   1 
ATOM   984  C  CB  . SER   A 1 91  ? -9.905  6.192   4.140   1.00 57.21  ?  100 SER   A CB  1 
ATOM   985  O  OG  . SER   A 1 91  ? -9.084  5.973   5.271   1.00 63.89  ?  100 SER   A OG  1 
ATOM   986  N  N   . GLY   A 1 92  ? -9.398  8.727   5.559   1.00 55.86  ?  101 GLY   A N   1 
ATOM   987  C  CA  . GLY   A 1 92  ? -8.786  10.016  5.934   1.00 54.43  ?  101 GLY   A CA  1 
ATOM   988  C  C   . GLY   A 1 92  ? -7.698  10.457  4.972   1.00 55.37  ?  101 GLY   A C   1 
ATOM   989  O  O   . GLY   A 1 92  ? -7.793  10.196  3.776   1.00 50.73  ?  101 GLY   A O   1 
ATOM   990  N  N   . GLU   A 1 93  ? -6.683  11.137  5.487   1.00 56.58  ?  102 GLU   A N   1 
ATOM   991  C  CA  . GLU   A 1 93  ? -5.672  11.791  4.637   1.00 60.17  ?  102 GLU   A CA  1 
ATOM   992  C  C   . GLU   A 1 93  ? -4.743  10.743  4.002   1.00 59.62  ?  102 GLU   A C   1 
ATOM   993  O  O   . GLU   A 1 93  ? -4.387  9.709   4.656   1.00 45.34  ?  102 GLU   A O   1 
ATOM   994  C  CB  . GLU   A 1 93  ? -4.898  12.819  5.454   1.00 64.56  ?  102 GLU   A CB  1 
ATOM   995  C  CG  . GLU   A 1 93  ? -4.116  13.768  4.576   1.00 75.29  ?  102 GLU   A CG  1 
ATOM   996  C  CD  . GLU   A 1 93  ? -3.088  14.570  5.342   1.00 86.04  ?  102 GLU   A CD  1 
ATOM   997  O  OE1 . GLU   A 1 93  ? -3.421  15.051  6.439   1.00 100.95 ?  102 GLU   A OE1 1 
ATOM   998  O  OE2 . GLU   A 1 93  ? -1.953  14.677  4.845   1.00 102.15 ?  102 GLU   A OE2 1 
ATOM   999  N  N   . THR   A 1 94  ? -4.310  11.046  2.779   1.00 53.90  ?  103 THR   A N   1 
ATOM   1000 C  CA  . THR   A 1 94  ? -3.382  10.220  1.978   1.00 50.77  ?  103 THR   A CA  1 
ATOM   1001 C  C   . THR   A 1 94  ? -2.020  10.189  2.662   1.00 49.10  ?  103 THR   A C   1 
ATOM   1002 O  O   . THR   A 1 94  ? -1.481  11.247  2.936   1.00 55.81  ?  103 THR   A O   1 
ATOM   1003 C  CB  . THR   A 1 94  ? -3.293  10.766  0.551   1.00 52.43  ?  103 THR   A CB  1 
ATOM   1004 O  OG1 . THR   A 1 94  ? -4.598  10.571  0.007   1.00 46.94  ?  103 THR   A OG1 1 
ATOM   1005 C  CG2 . THR   A 1 94  ? -2.222  10.096  -0.298  1.00 48.92  ?  103 THR   A CG2 1 
ATOM   1006 N  N   . LEU   A 1 95  ? -1.463  9.006   2.880   1.00 55.08  ?  104 LEU   A N   1 
ATOM   1007 C  CA  . LEU   A 1 95  ? -0.039  8.851   3.277   1.00 57.45  ?  104 LEU   A CA  1 
ATOM   1008 C  C   . LEU   A 1 95  ? 0.837   8.622   2.025   1.00 49.81  ?  104 LEU   A C   1 
ATOM   1009 O  O   . LEU   A 1 95  ? 2.055   8.815   2.105   1.00 53.22  ?  104 LEU   A O   1 
ATOM   1010 C  CB  . LEU   A 1 95  ? 0.071   7.703   4.294   1.00 60.87  ?  104 LEU   A CB  1 
ATOM   1011 C  CG  . LEU   A 1 95  ? -0.215  8.079   5.753   1.00 64.60  ?  104 LEU   A CG  1 
ATOM   1012 C  CD1 . LEU   A 1 95  ? -1.707  8.135   6.026   1.00 65.87  ?  104 LEU   A CD1 1 
ATOM   1013 C  CD2 . LEU   A 1 95  ? 0.446   7.085   6.700   1.00 68.44  ?  104 LEU   A CD2 1 
ATOM   1014 N  N   . GLY   A 1 96  ? 0.236   8.207   0.916   1.00 49.72  ?  105 GLY   A N   1 
ATOM   1015 C  CA  . GLY   A 1 96  ? 0.872   8.193   -0.412  1.00 45.89  ?  105 GLY   A CA  1 
ATOM   1016 C  C   . GLY   A 1 96  ? 0.223   7.171   -1.312  1.00 44.04  ?  105 GLY   A C   1 
ATOM   1017 O  O   . GLY   A 1 96  ? -0.864  6.654   -0.988  1.00 52.03  ?  105 GLY   A O   1 
ATOM   1018 N  N   . VAL   A 1 97  ? 0.885   6.864   -2.410  1.00 42.36  ?  106 VAL   A N   1 
ATOM   1019 C  CA  . VAL   A 1 97  ? 0.366   5.954   -3.459  1.00 42.02  ?  106 VAL   A CA  1 
ATOM   1020 C  C   . VAL   A 1 97  ? 1.235   4.701   -3.430  1.00 39.60  ?  106 VAL   A C   1 
ATOM   1021 O  O   . VAL   A 1 97  ? 2.459   4.809   -3.323  1.00 42.34  ?  106 VAL   A O   1 
ATOM   1022 C  CB  . VAL   A 1 97  ? 0.304   6.670   -4.818  1.00 47.05  ?  106 VAL   A CB  1 
ATOM   1023 C  CG1 . VAL   A 1 97  ? 1.620   7.350   -5.132  1.00 54.28  ?  106 VAL   A CG1 1 
ATOM   1024 C  CG2 . VAL   A 1 97  ? -0.139  5.746   -5.950  1.00 46.78  ?  106 VAL   A CG2 1 
ATOM   1025 N  N   . LEU   A 1 98  ? 0.607   3.537   -3.437  1.00 37.45  ?  107 LEU   A N   1 
ATOM   1026 C  CA  . LEU   A 1 98  ? 1.326   2.254   -3.391  1.00 39.58  ?  107 LEU   A CA  1 
ATOM   1027 C  C   . LEU   A 1 98  ? 1.710   1.875   -4.815  1.00 42.61  ?  107 LEU   A C   1 
ATOM   1028 O  O   . LEU   A 1 98  ? 0.897   2.122   -5.744  1.00 42.54  ?  107 LEU   A O   1 
ATOM   1029 C  CB  . LEU   A 1 98  ? 0.433   1.173   -2.787  1.00 43.53  ?  107 LEU   A CB  1 
ATOM   1030 C  CG  . LEU   A 1 98  ? -0.017  1.388   -1.346  1.00 46.17  ?  107 LEU   A CG  1 
ATOM   1031 C  CD1 . LEU   A 1 98  ? -0.799  0.172   -0.870  1.00 44.97  ?  107 LEU   A CD1 1 
ATOM   1032 C  CD2 . LEU   A 1 98  ? 1.166   1.659   -0.431  1.00 44.92  ?  107 LEU   A CD2 1 
ATOM   1033 N  N   . VAL   A 1 99  ? 2.875   1.230   -4.941  1.00 37.50  ?  108 VAL   A N   1 
ATOM   1034 C  CA  . VAL   A 1 99  ? 3.467   0.776   -6.229  1.00 37.16  ?  108 VAL   A CA  1 
ATOM   1035 C  C   . VAL   A 1 99  ? 4.177   -0.532  -5.941  1.00 35.58  ?  108 VAL   A C   1 
ATOM   1036 O  O   . VAL   A 1 99  ? 4.598   -0.774  -4.817  1.00 34.43  ?  108 VAL   A O   1 
ATOM   1037 C  CB  . VAL   A 1 99  ? 4.441   1.821   -6.822  1.00 36.71  ?  108 VAL   A CB  1 
ATOM   1038 C  CG1 . VAL   A 1 99  ? 3.736   3.029   -7.393  1.00 35.26  ?  108 VAL   A CG1 1 
ATOM   1039 C  CG2 . VAL   A 1 99  ? 5.474   2.292   -5.821  1.00 39.40  ?  108 VAL   A CG2 1 
ATOM   1040 N  N   . PRO   A 1 100 ? 4.348   -1.402  -6.940  1.00 35.27  ?  109 PRO   A N   1 
ATOM   1041 C  CA  . PRO   A 1 100 ? 5.252   -2.528  -6.790  1.00 37.11  ?  109 PRO   A CA  1 
ATOM   1042 C  C   . PRO   A 1 100 ? 6.659   -2.023  -6.433  1.00 42.61  ?  109 PRO   A C   1 
ATOM   1043 O  O   . PRO   A 1 100 ? 7.076   -0.966  -6.895  1.00 34.43  ?  109 PRO   A O   1 
ATOM   1044 C  CB  . PRO   A 1 100 ? 5.212   -3.239  -8.152  1.00 35.86  ?  109 PRO   A CB  1 
ATOM   1045 C  CG  . PRO   A 1 100 ? 3.909   -2.789  -8.774  1.00 36.33  ?  109 PRO   A CG  1 
ATOM   1046 C  CD  . PRO   A 1 100 ? 3.633   -1.410  -8.215  1.00 34.24  ?  109 PRO   A CD  1 
ATOM   1047 N  N   . HIS   A 1 101 ? 7.335   -2.789  -5.586  1.00 40.73  ?  110 HIS   A N   1 
ATOM   1048 C  CA  . HIS   A 1 101 ? 8.747   -2.591  -5.230  1.00 39.94  ?  110 HIS   A CA  1 
ATOM   1049 C  C   . HIS   A 1 101 ? 9.520   -3.758  -5.850  1.00 43.34  ?  110 HIS   A C   1 
ATOM   1050 O  O   . HIS   A 1 101 ? 9.200   -4.895  -5.522  1.00 34.82  ?  110 HIS   A O   1 
ATOM   1051 C  CB  . HIS   A 1 101 ? 8.916   -2.474  -3.717  1.00 38.70  ?  110 HIS   A CB  1 
ATOM   1052 C  CG  . HIS   A 1 101 ? 10.327  -2.189  -3.351  1.00 38.07  ?  110 HIS   A CG  1 
ATOM   1053 N  ND1 . HIS   A 1 101 ? 11.017  -2.940  -2.430  1.00 43.05  ?  110 HIS   A ND1 1 
ATOM   1054 C  CD2 . HIS   A 1 101 ? 11.192  -1.275  -3.820  1.00 37.73  ?  110 HIS   A CD2 1 
ATOM   1055 C  CE1 . HIS   A 1 101 ? 12.249  -2.486  -2.335  1.00 43.06  ?  110 HIS   A CE1 1 
ATOM   1056 N  NE2 . HIS   A 1 101 ? 12.374  -1.461  -3.166  1.00 36.50  ?  110 HIS   A NE2 1 
ATOM   1057 N  N   . VAL   A 1 102 ? 10.478  -3.450  -6.726  1.00 40.48  ?  111 VAL   A N   1 
ATOM   1058 C  CA  . VAL   A 1 102 ? 11.275  -4.458  -7.467  1.00 42.87  ?  111 VAL   A CA  1 
ATOM   1059 C  C   . VAL   A 1 102 ? 12.762  -4.225  -7.168  1.00 45.48  ?  111 VAL   A C   1 
ATOM   1060 O  O   . VAL   A 1 102 ? 13.585  -4.685  -7.952  1.00 50.39  ?  111 VAL   A O   1 
ATOM   1061 C  CB  . VAL   A 1 102 ? 10.953  -4.422  -8.970  1.00 41.11  ?  111 VAL   A CB  1 
ATOM   1062 C  CG1 . VAL   A 1 102 ? 9.511   -4.828  -9.224  1.00 43.60  ?  111 VAL   A CG1 1 
ATOM   1063 C  CG2 . VAL   A 1 102 ? 11.232  -3.075  -9.581  1.00 48.47  ?  111 VAL   A CG2 1 
ATOM   1064 N  N   . GLY   A 1 103 ? 13.078  -3.571  -6.048  1.00 46.20  ?  112 GLY   A N   1 
ATOM   1065 C  CA  . GLY   A 1 103 ? 14.456  -3.434  -5.526  1.00 43.16  ?  112 GLY   A CA  1 
ATOM   1066 C  C   . GLY   A 1 103 ? 15.001  -2.027  -5.589  1.00 37.44  ?  112 GLY   A C   1 
ATOM   1067 O  O   . GLY   A 1 103 ? 16.209  -1.841  -5.305  1.00 41.51  ?  112 GLY   A O   1 
ATOM   1068 N  N   . GLU   A 1 104 ? 14.169  -1.051  -5.938  1.00 36.89  ?  113 GLU   A N   1 
ATOM   1069 C  CA  . GLU   A 1 104 ? 14.532  0.384   -5.865  1.00 40.05  ?  113 GLU   A CA  1 
ATOM   1070 C  C   . GLU   A 1 104 ? 15.036  0.718   -4.463  1.00 39.90  ?  113 GLU   A C   1 
ATOM   1071 O  O   . GLU   A 1 104 ? 14.515  0.161   -3.482  1.00 38.44  ?  113 GLU   A O   1 
ATOM   1072 C  CB  . GLU   A 1 104 ? 13.346  1.270   -6.249  1.00 38.54  ?  113 GLU   A CB  1 
ATOM   1073 C  CG  . GLU   A 1 104 ? 12.886  0.998   -7.662  1.00 36.68  ?  113 GLU   A CG  1 
ATOM   1074 C  CD  . GLU   A 1 104 ? 11.726  0.030   -7.764  1.00 37.75  ?  113 GLU   A CD  1 
ATOM   1075 O  OE1 . GLU   A 1 104 ? 11.653  -0.884  -6.917  1.00 36.46  ?  113 GLU   A OE1 1 
ATOM   1076 O  OE2 . GLU   A 1 104 ? 10.886  0.226   -8.670  1.00 40.10  ?  113 GLU   A OE2 1 
ATOM   1077 N  N   . ILE   A 1 105 ? 16.042  1.590   -4.374  1.00 39.85  ?  114 ILE   A N   1 
ATOM   1078 C  CA  . ILE   A 1 105 ? 16.580  2.054   -3.073  1.00 39.95  ?  114 ILE   A CA  1 
ATOM   1079 C  C   . ILE   A 1 105 ? 15.576  3.071   -2.537  1.00 40.80  ?  114 ILE   A C   1 
ATOM   1080 O  O   . ILE   A 1 105 ? 15.240  4.018   -3.234  1.00 39.24  ?  114 ILE   A O   1 
ATOM   1081 C  CB  . ILE   A 1 105 ? 18.008  2.641   -3.252  1.00 43.75  ?  114 ILE   A CB  1 
ATOM   1082 C  CG1 . ILE   A 1 105 ? 18.960  1.644   -3.913  1.00 41.69  ?  114 ILE   A CG1 1 
ATOM   1083 C  CG2 . ILE   A 1 105 ? 18.576  3.131   -1.928  1.00 43.79  ?  114 ILE   A CG2 1 
ATOM   1084 C  CD1 . ILE   A 1 105 ? 19.061  0.315   -3.178  1.00 46.36  ?  114 ILE   A CD1 1 
ATOM   1085 N  N   . PRO   A 1 106 ? 15.024  2.897   -1.311  1.00 39.24  ?  115 PRO   A N   1 
ATOM   1086 C  CA  . PRO   A 1 106 ? 14.132  3.894   -0.740  1.00 38.83  ?  115 PRO   A CA  1 
ATOM   1087 C  C   . PRO   A 1 106 ? 14.875  5.094   -0.147  1.00 40.12  ?  115 PRO   A C   1 
ATOM   1088 O  O   . PRO   A 1 106 ? 16.101  5.001   0.083   1.00 39.47  ?  115 PRO   A O   1 
ATOM   1089 C  CB  . PRO   A 1 106 ? 13.385  3.081   0.337   1.00 42.42  ?  115 PRO   A CB  1 
ATOM   1090 C  CG  . PRO   A 1 106 ? 14.383  2.055   0.796   1.00 37.97  ?  115 PRO   A CG  1 
ATOM   1091 C  CD  . PRO   A 1 106 ? 15.204  1.739   -0.425  1.00 38.41  ?  115 PRO   A CD  1 
ATOM   1092 N  N   . VAL   A 1 107 ? 14.125  6.173   0.106   1.00 39.59  ?  116 VAL   A N   1 
ATOM   1093 C  CA  . VAL   A 1 107 ? 14.612  7.401   0.814   1.00 41.90  ?  116 VAL   A CA  1 
ATOM   1094 C  C   . VAL   A 1 107 ? 14.173  7.344   2.285   1.00 42.34  ?  116 VAL   A C   1 
ATOM   1095 O  O   . VAL   A 1 107 ? 14.735  8.106   3.128   1.00 37.58  ?  116 VAL   A O   1 
ATOM   1096 C  CB  . VAL   A 1 107 ? 14.113  8.682   0.130   1.00 42.82  ?  116 VAL   A CB  1 
ATOM   1097 C  CG1 . VAL   A 1 107 ? 14.709  8.833   -1.258  1.00 43.15  ?  116 VAL   A CG1 1 
ATOM   1098 C  CG2 . VAL   A 1 107 ? 12.601  8.730   0.088   1.00 37.90  ?  116 VAL   A CG2 1 
ATOM   1099 N  N   . ALA   A 1 108 ? 13.241  6.447   2.618   1.00 39.86  ?  117 ALA   A N   1 
ATOM   1100 C  CA  . ALA   A 1 108 ? 12.765  6.286   4.006   1.00 42.25  ?  117 ALA   A CA  1 
ATOM   1101 C  C   . ALA   A 1 108 ? 11.901  5.034   4.090   1.00 41.43  ?  117 ALA   A C   1 
ATOM   1102 O  O   . ALA   A 1 108 ? 11.681  4.380   3.057   1.00 40.02  ?  117 ALA   A O   1 
ATOM   1103 C  CB  . ALA   A 1 108 ? 11.983  7.524   4.430   1.00 45.17  ?  117 ALA   A CB  1 
ATOM   1104 N  N   . TYR   A 1 109 ? 11.387  4.770   5.285   1.00 42.11  ?  118 TYR   A N   1 
ATOM   1105 C  CA  . TYR   A 1 109 ? 10.463  3.656   5.588   1.00 44.16  ?  118 TYR   A CA  1 
ATOM   1106 C  C   . TYR   A 1 109 ? 9.292   4.217   6.360   1.00 45.78  ?  118 TYR   A C   1 
ATOM   1107 O  O   . TYR   A 1 109 ? 9.577   4.993   7.251   1.00 50.61  ?  118 TYR   A O   1 
ATOM   1108 C  CB  . TYR   A 1 109 ? 11.181  2.582   6.388   1.00 40.96  ?  118 TYR   A CB  1 
ATOM   1109 C  CG  . TYR   A 1 109 ? 12.037  1.724   5.511   1.00 40.49  ?  118 TYR   A CG  1 
ATOM   1110 C  CD1 . TYR   A 1 109 ? 11.500  0.628   4.874   1.00 41.93  ?  118 TYR   A CD1 1 
ATOM   1111 C  CD2 . TYR   A 1 109 ? 13.350  2.057   5.246   1.00 46.11  ?  118 TYR   A CD2 1 
ATOM   1112 C  CE1 . TYR   A 1 109 ? 12.249  -0.155  4.028   1.00 42.69  ?  118 TYR   A CE1 1 
ATOM   1113 C  CE2 . TYR   A 1 109 ? 14.124  1.271   4.408   1.00 46.71  ?  118 TYR   A CE2 1 
ATOM   1114 C  CZ  . TYR   A 1 109 ? 13.565  0.175   3.778   1.00 47.36  ?  118 TYR   A CZ  1 
ATOM   1115 O  OH  . TYR   A 1 109 ? 14.280  -0.608  2.916   1.00 53.05  ?  118 TYR   A OH  1 
ATOM   1116 N  N   . ARG   A 1 110 ? 8.068   3.858   5.965   1.00 49.11  ?  119 ARG   A N   1 
ATOM   1117 C  CA  . ARG   A 1 110 ? 6.800   4.318   6.574   1.00 49.51  ?  119 ARG   A CA  1 
ATOM   1118 C  C   . ARG   A 1 110 ? 6.165   3.126   7.277   1.00 48.21  ?  119 ARG   A C   1 
ATOM   1119 O  O   . ARG   A 1 110 ? 5.808   2.145   6.589   1.00 46.62  ?  119 ARG   A O   1 
ATOM   1120 C  CB  . ARG   A 1 110 ? 5.869   4.911   5.519   1.00 53.32  ?  119 ARG   A CB  1 
ATOM   1121 C  CG  . ARG   A 1 110 ? 4.731   5.728   6.108   1.00 59.82  ?  119 ARG   A CG  1 
ATOM   1122 C  CD  . ARG   A 1 110 ? 5.286   6.978   6.736   1.00 65.39  ?  119 ARG   A CD  1 
ATOM   1123 N  NE  . ARG   A 1 110 ? 4.403   7.483   7.756   1.00 67.03  ?  119 ARG   A NE  1 
ATOM   1124 C  CZ  . ARG   A 1 110 ? 3.651   8.560   7.633   1.00 78.38  ?  119 ARG   A CZ  1 
ATOM   1125 N  NH1 . ARG   A 1 110 ? 3.656   9.264   6.513   1.00 73.74  ?  119 ARG   A NH1 1 
ATOM   1126 N  NH2 . ARG   A 1 110 ? 2.887   8.925   8.648   1.00 89.02  ?  119 ARG   A NH2 1 
ATOM   1127 N  N   . LYS   A 1 111 ? 6.083   3.218   8.605   1.00 53.71  ?  120 LYS   A N   1 
ATOM   1128 C  CA  . LYS   A 1 111 ? 5.456   2.230   9.512   1.00 54.68  ?  120 LYS   A CA  1 
ATOM   1129 C  C   . LYS   A 1 111 ? 3.953   2.488   9.505   1.00 48.70  ?  120 LYS   A C   1 
ATOM   1130 O  O   . LYS   A 1 111 ? 3.521   3.635   9.706   1.00 47.04  ?  120 LYS   A O   1 
ATOM   1131 C  CB  . LYS   A 1 111 ? 6.067   2.336   10.911  1.00 61.66  ?  120 LYS   A CB  1 
ATOM   1132 C  CG  . LYS   A 1 111 ? 7.566   2.078   10.978  1.00 65.35  ?  120 LYS   A CG  1 
ATOM   1133 C  CD  . LYS   A 1 111 ? 8.135   2.141   12.384  1.00 71.26  ?  120 LYS   A CD  1 
ATOM   1134 C  CE  . LYS   A 1 111 ? 7.965   3.499   13.037  1.00 79.99  ?  120 LYS   A CE  1 
ATOM   1135 N  NZ  . LYS   A 1 111 ? 8.430   3.496   14.444  1.00 88.41  ?  120 LYS   A NZ  1 
ATOM   1136 N  N   . VAL   A 1 112 ? 3.186   1.465   9.177   1.00 46.86  ?  121 VAL   A N   1 
ATOM   1137 C  CA  . VAL   A 1 112 ? 1.704   1.576   9.093   1.00 45.65  ?  121 VAL   A CA  1 
ATOM   1138 C  C   . VAL   A 1 112 ? 1.141   0.312   9.703   1.00 45.24  ?  121 VAL   A C   1 
ATOM   1139 O  O   . VAL   A 1 112 ? 1.836   -0.726  9.655   1.00 48.87  ?  121 VAL   A O   1 
ATOM   1140 C  CB  . VAL   A 1 112 ? 1.204   1.735   7.657   1.00 43.59  ?  121 VAL   A CB  1 
ATOM   1141 C  CG1 . VAL   A 1 112 ? 1.817   2.946   6.983   1.00 45.29  ?  121 VAL   A CG1 1 
ATOM   1142 C  CG2 . VAL   A 1 112 ? 1.456   0.469   6.843   1.00 48.18  ?  121 VAL   A CG2 1 
ATOM   1143 N  N   . LEU   A 1 113 ? -0.045  0.450   10.271  1.00 45.56  ?  122 LEU   A N   1 
ATOM   1144 C  CA  . LEU   A 1 113 ? -0.938  -0.663  10.666  1.00 48.96  ?  122 LEU   A CA  1 
ATOM   1145 C  C   . LEU   A 1 113 ? -2.043  -0.719  9.618   1.00 46.67  ?  122 LEU   A C   1 
ATOM   1146 O  O   . LEU   A 1 113 ? -2.974  0.174   9.624   1.00 39.82  ?  122 LEU   A O   1 
ATOM   1147 C  CB  . LEU   A 1 113 ? -1.475  -0.360  12.070  1.00 54.75  ?  122 LEU   A CB  1 
ATOM   1148 C  CG  . LEU   A 1 113 ? -2.215  -1.487  12.793  1.00 58.74  ?  122 LEU   A CG  1 
ATOM   1149 C  CD1 . LEU   A 1 113 ? -1.386  -2.767  12.817  1.00 57.63  ?  122 LEU   A CD1 1 
ATOM   1150 C  CD2 . LEU   A 1 113 ? -2.569  -1.051  14.220  1.00 57.04  ?  122 LEU   A CD2 1 
ATOM   1151 N  N   A LEU   A 1 114 ? -1.953  -1.714  8.727   0.36 46.65  ?  123 LEU   A N   1 
ATOM   1152 N  N   B LEU   A 1 114 ? -1.953  -1.714  8.727   0.34 46.74  ?  123 LEU   A N   1 
ATOM   1153 N  N   C LEU   A 1 114 ? -1.999  -1.711  8.730   0.15 46.62  ?  123 LEU   A N   1 
ATOM   1154 N  N   D LEU   A 1 114 ? -2.000  -1.710  8.729   0.14 46.67  ?  123 LEU   A N   1 
ATOM   1155 C  CA  A LEU   A 1 114 ? -2.867  -1.890  7.565   0.36 49.86  ?  123 LEU   A CA  1 
ATOM   1156 C  CA  B LEU   A 1 114 ? -2.868  -1.889  7.564   0.34 49.96  ?  123 LEU   A CA  1 
ATOM   1157 C  CA  C LEU   A 1 114 ? -2.961  -1.791  7.601   0.15 48.27  ?  123 LEU   A CA  1 
ATOM   1158 C  CA  D LEU   A 1 114 ? -2.962  -1.790  7.600   0.14 48.31  ?  123 LEU   A CA  1 
ATOM   1159 C  C   A LEU   A 1 114 ? -4.065  -2.756  7.948   0.36 53.22  ?  123 LEU   A C   1 
ATOM   1160 C  C   B LEU   A 1 114 ? -4.066  -2.755  7.948   0.34 53.33  ?  123 LEU   A C   1 
ATOM   1161 C  C   C LEU   A 1 114 ? -4.172  -2.648  7.978   0.15 49.60  ?  123 LEU   A C   1 
ATOM   1162 C  C   D LEU   A 1 114 ? -4.173  -2.647  7.979   0.14 49.64  ?  123 LEU   A C   1 
ATOM   1163 O  O   A LEU   A 1 114 ? -3.848  -3.923  8.337   0.36 52.74  ?  123 LEU   A O   1 
ATOM   1164 O  O   B LEU   A 1 114 ? -3.849  -3.922  8.338   0.34 52.84  ?  123 LEU   A O   1 
ATOM   1165 O  O   C LEU   A 1 114 ? -3.974  -3.829  8.321   0.15 50.79  ?  123 LEU   A O   1 
ATOM   1166 O  O   D LEU   A 1 114 ? -3.974  -3.829  8.322   0.14 50.78  ?  123 LEU   A O   1 
ATOM   1167 C  CB  A LEU   A 1 114 ? -2.121  -2.549  6.401   0.36 51.86  ?  123 LEU   A CB  1 
ATOM   1168 C  CB  B LEU   A 1 114 ? -2.121  -2.549  6.401   0.34 51.88  ?  123 LEU   A CB  1 
ATOM   1169 C  CB  C LEU   A 1 114 ? -2.270  -2.374  6.368   0.15 48.91  ?  123 LEU   A CB  1 
ATOM   1170 C  CB  D LEU   A 1 114 ? -2.270  -2.374  6.368   0.14 48.92  ?  123 LEU   A CB  1 
ATOM   1171 C  CG  A LEU   A 1 114 ? -3.007  -2.950  5.217   0.36 52.30  ?  123 LEU   A CG  1 
ATOM   1172 C  CG  B LEU   A 1 114 ? -3.007  -2.951  5.217   0.34 52.32  ?  123 LEU   A CG  1 
ATOM   1173 C  CG  C LEU   A 1 114 ? -3.218  -2.648  5.204   0.15 49.35  ?  123 LEU   A CG  1 
ATOM   1174 C  CG  D LEU   A 1 114 ? -3.218  -2.649  5.204   0.14 49.34  ?  123 LEU   A CG  1 
ATOM   1175 C  CD1 A LEU   A 1 114 ? -3.369  -1.738  4.375   0.36 53.96  ?  123 LEU   A CD1 1 
ATOM   1176 C  CD1 B LEU   A 1 114 ? -3.369  -1.739  4.375   0.34 53.93  ?  123 LEU   A CD1 1 
ATOM   1177 C  CD1 C LEU   A 1 114 ? -3.462  -1.383  4.397   0.15 49.88  ?  123 LEU   A CD1 1 
ATOM   1178 C  CD1 D LEU   A 1 114 ? -3.462  -1.384  4.396   0.14 49.85  ?  123 LEU   A CD1 1 
ATOM   1179 C  CD2 A LEU   A 1 114 ? -2.340  -4.016  4.362   0.36 54.07  ?  123 LEU   A CD2 1 
ATOM   1180 C  CD2 B LEU   A 1 114 ? -2.338  -4.016  4.363   0.34 54.03  ?  123 LEU   A CD2 1 
ATOM   1181 C  CD2 C LEU   A 1 114 ? -2.695  -3.768  4.324   0.15 49.65  ?  123 LEU   A CD2 1 
ATOM   1182 C  CD2 D LEU   A 1 114 ? -2.695  -3.768  4.325   0.14 49.63  ?  123 LEU   A CD2 1 
ATOM   1183 N  N   A ARG   A 1 115 ? -5.275  -2.216  7.778   0.36 58.86  ?  124 ARG   A N   1 
ATOM   1184 N  N   B ARG   A 1 115 ? -5.275  -2.216  7.778   0.34 59.01  ?  124 ARG   A N   1 
ATOM   1185 N  N   C ARG   A 1 115 ? -5.373  -2.068  7.880   0.15 51.22  ?  124 ARG   A N   1 
ATOM   1186 N  N   D ARG   A 1 115 ? -5.373  -2.068  7.880   0.14 51.28  ?  124 ARG   A N   1 
ATOM   1187 C  CA  A ARG   A 1 115 ? -6.539  -2.997  7.761   0.36 67.81  ?  124 ARG   A CA  1 
ATOM   1188 C  CA  B ARG   A 1 115 ? -6.539  -2.997  7.762   0.34 67.90  ?  124 ARG   A CA  1 
ATOM   1189 C  CA  C ARG   A 1 115 ? -6.658  -2.805  7.731   0.15 53.46  ?  124 ARG   A CA  1 
ATOM   1190 C  CA  D ARG   A 1 115 ? -6.657  -2.804  7.732   0.14 53.48  ?  124 ARG   A CA  1 
ATOM   1191 C  C   A ARG   A 1 115 ? -6.520  -3.895  6.519   0.36 75.25  ?  124 ARG   A C   1 
ATOM   1192 C  C   B ARG   A 1 115 ? -6.520  -3.895  6.520   0.34 75.23  ?  124 ARG   A C   1 
ATOM   1193 C  C   C ARG   A 1 115 ? -6.568  -3.623  6.437   0.15 54.85  ?  124 ARG   A C   1 
ATOM   1194 C  C   D ARG   A 1 115 ? -6.569  -3.623  6.437   0.14 54.82  ?  124 ARG   A C   1 
ATOM   1195 O  O   A ARG   A 1 115 ? -6.607  -3.354  5.395   0.36 78.85  ?  124 ARG   A O   1 
ATOM   1196 O  O   B ARG   A 1 115 ? -6.609  -3.355  5.396   0.34 78.78  ?  124 ARG   A O   1 
ATOM   1197 O  O   C ARG   A 1 115 ? -6.659  -3.012  5.350   0.15 55.96  ?  124 ARG   A O   1 
ATOM   1198 O  O   D ARG   A 1 115 ? -6.663  -3.013  5.351   0.14 55.90  ?  124 ARG   A O   1 
ATOM   1199 C  CB  A ARG   A 1 115 ? -7.754  -2.064  7.763   0.36 71.41  ?  124 ARG   A CB  1 
ATOM   1200 C  CB  B ARG   A 1 115 ? -7.754  -2.064  7.763   0.34 71.47  ?  124 ARG   A CB  1 
ATOM   1201 C  CB  C ARG   A 1 115 ? -7.833  -1.820  7.686   0.15 54.49  ?  124 ARG   A CB  1 
ATOM   1202 C  CB  D ARG   A 1 115 ? -7.833  -1.820  7.686   0.14 54.51  ?  124 ARG   A CB  1 
ATOM   1203 C  CG  A ARG   A 1 115 ? -9.081  -2.771  8.006   0.36 76.06  ?  124 ARG   A CG  1 
ATOM   1204 C  CG  B ARG   A 1 115 ? -9.081  -2.770  8.007   0.34 76.07  ?  124 ARG   A CG  1 
ATOM   1205 C  CG  C ARG   A 1 115 ? -9.216  -2.459  7.623   0.15 55.79  ?  124 ARG   A CG  1 
ATOM   1206 C  CG  D ARG   A 1 115 ? -9.216  -2.458  7.623   0.14 55.78  ?  124 ARG   A CG  1 
ATOM   1207 C  CD  A ARG   A 1 115 ? -10.239 -1.793  8.079   0.36 81.64  ?  124 ARG   A CD  1 
ATOM   1208 C  CD  B ARG   A 1 115 ? -10.239 -1.792  8.080   0.34 81.56  ?  124 ARG   A CD  1 
ATOM   1209 C  CD  C ARG   A 1 115 ? -10.028 -2.169  8.875   0.15 56.85  ?  124 ARG   A CD  1 
ATOM   1210 C  CD  D ARG   A 1 115 ? -10.028 -2.168  8.876   0.14 56.82  ?  124 ARG   A CD  1 
ATOM   1211 N  NE  A ARG   A 1 115 ? -10.024 -0.807  9.134   0.36 87.22  ?  124 ARG   A NE  1 
ATOM   1212 N  NE  B ARG   A 1 115 ? -10.024 -0.806  9.134   0.34 87.05  ?  124 ARG   A NE  1 
ATOM   1213 N  NE  C ARG   A 1 115 ? -11.475 -2.338  8.763   0.15 57.21  ?  124 ARG   A NE  1 
ATOM   1214 N  NE  D ARG   A 1 115 ? -11.474 -2.338  8.763   0.14 57.20  ?  124 ARG   A NE  1 
ATOM   1215 C  CZ  A ARG   A 1 115 ? -10.552 0.415   9.176   0.36 90.04  ?  124 ARG   A CZ  1 
ATOM   1216 C  CZ  B ARG   A 1 115 ? -10.552 0.415   9.176   0.34 89.86  ?  124 ARG   A CZ  1 
ATOM   1217 C  CZ  C ARG   A 1 115 ? -12.314 -1.482  8.181   0.15 58.15  ?  124 ARG   A CZ  1 
ATOM   1218 C  CZ  D ARG   A 1 115 ? -12.313 -1.482  8.180   0.14 58.12  ?  124 ARG   A CZ  1 
ATOM   1219 N  NH1 A ARG   A 1 115 ? -11.352 0.841   8.210   0.36 86.58  ?  124 ARG   A NH1 1 
ATOM   1220 N  NH1 B ARG   A 1 115 ? -11.352 0.841   8.210   0.34 86.56  ?  124 ARG   A NH1 1 
ATOM   1221 N  NH1 C ARG   A 1 115 ? -11.865 -0.380  7.597   0.15 60.04  1  124 ARG   A NH1 1 
ATOM   1222 N  NH1 D ARG   A 1 115 ? -11.864 -0.380  7.598   0.14 59.92  1  124 ARG   A NH1 1 
ATOM   1223 N  NH2 A ARG   A 1 115 ? -10.270 1.210   10.198  0.36 89.53  ?  124 ARG   A NH2 1 
ATOM   1224 N  NH2 B ARG   A 1 115 ? -10.270 1.211   10.198  0.34 89.43  ?  124 ARG   A NH2 1 
ATOM   1225 N  NH2 C ARG   A 1 115 ? -13.609 -1.744  8.170   0.15 56.89  ?  124 ARG   A NH2 1 
ATOM   1226 N  NH2 D ARG   A 1 115 ? -13.609 -1.743  8.168   0.14 56.94  ?  124 ARG   A NH2 1 
ATOM   1227 N  N   A LYS   A 1 116 ? -6.362  -5.207  6.723   0.36 84.36  ?  125 LYS   A N   1 
ATOM   1228 N  N   B LYS   A 1 116 ? -6.363  -5.207  6.725   0.34 84.19  ?  125 LYS   A N   1 
ATOM   1229 N  N   C LYS   A 1 116 ? -6.358  -4.939  6.552   0.15 55.58  ?  125 LYS   A N   1 
ATOM   1230 N  N   D LYS   A 1 116 ? -6.357  -4.939  6.554   0.14 55.52  ?  125 LYS   A N   1 
ATOM   1231 C  CA  A LYS   A 1 116 ? -6.338  -6.254  5.673   0.36 84.48  ?  125 LYS   A CA  1 
ATOM   1232 C  CA  B LYS   A 1 116 ? -6.339  -6.253  5.674   0.34 84.43  ?  125 LYS   A CA  1 
ATOM   1233 C  CA  C LYS   A 1 116 ? -6.088  -5.872  5.430   0.15 54.13  ?  125 LYS   A CA  1 
ATOM   1234 C  CA  D LYS   A 1 116 ? -6.089  -5.872  5.431   0.14 54.16  ?  125 LYS   A CA  1 
ATOM   1235 C  C   A LYS   A 1 116 ? -7.765  -6.771  5.442   0.36 95.17  ?  125 LYS   A C   1 
ATOM   1236 C  C   B LYS   A 1 116 ? -7.765  -6.771  5.442   0.34 94.86  ?  125 LYS   A C   1 
ATOM   1237 C  C   C LYS   A 1 116 ? -7.251  -5.847  4.427   0.15 55.06  ?  125 LYS   A C   1 
ATOM   1238 C  C   D LYS   A 1 116 ? -7.252  -5.848  4.430   0.14 55.04  ?  125 LYS   A C   1 
ATOM   1239 O  O   A LYS   A 1 116 ? -8.650  -6.702  6.311   0.36 96.45  ?  125 LYS   A O   1 
ATOM   1240 O  O   B LYS   A 1 116 ? -8.648  -6.706  6.312   0.34 96.29  ?  125 LYS   A O   1 
ATOM   1241 O  O   C LYS   A 1 116 ? -8.382  -6.280  4.672   0.15 55.94  ?  125 LYS   A O   1 
ATOM   1242 O  O   D LYS   A 1 116 ? -8.382  -6.281  4.680   0.14 55.89  ?  125 LYS   A O   1 
ATOM   1243 C  CB  A LYS   A 1 116 ? -5.400  -7.369  6.077   0.36 79.59  ?  125 LYS   A CB  1 
ATOM   1244 C  CB  B LYS   A 1 116 ? -5.401  -7.369  6.076   0.34 79.74  ?  125 LYS   A CB  1 
ATOM   1245 C  CB  C LYS   A 1 116 ? -5.844  -7.266  5.962   0.15 53.53  ?  125 LYS   A CB  1 
ATOM   1246 C  CB  D LYS   A 1 116 ? -5.844  -7.266  5.963   0.14 53.59  ?  125 LYS   A CB  1 
HETATM 1247 O  O01 C A1CS4 B 2 .   ? -3.815  -12.824 5.523   0.15 45.47  ?  201 A1CS4 A O01 1 
HETATM 1248 O  O01 D A1CS4 B 2 .   ? -3.815  -12.825 5.525   0.14 45.42  ?  201 A1CS4 A O01 1 
HETATM 1249 B  B02 C A1CS4 B 2 .   ? -2.924  -12.436 4.583   0.15 43.52  ?  201 A1CS4 A B02 1 
HETATM 1250 B  B02 D A1CS4 B 2 .   ? -2.923  -12.436 4.583   0.14 43.56  ?  201 A1CS4 A B02 1 
HETATM 1251 C  C03 C A1CS4 B 2 .   ? -2.761  -10.955 4.229   0.15 42.24  ?  201 A1CS4 A C03 1 
HETATM 1252 C  C03 D A1CS4 B 2 .   ? -2.761  -10.956 4.229   0.14 42.34  ?  201 A1CS4 A C03 1 
HETATM 1253 C  C04 C A1CS4 B 2 .   ? -1.658  -10.211 4.655   0.15 42.51  ?  201 A1CS4 A C04 1 
HETATM 1254 C  C04 D A1CS4 B 2 .   ? -1.659  -10.211 4.654   0.14 42.60  ?  201 A1CS4 A C04 1 
HETATM 1255 C  C05 C A1CS4 B 2 .   ? -1.740  -8.865  4.195   0.15 43.23  ?  201 A1CS4 A C05 1 
HETATM 1256 C  C05 D A1CS4 B 2 .   ? -1.740  -8.863  4.194   0.14 43.31  ?  201 A1CS4 A C05 1 
HETATM 1257 C  C06 C A1CS4 B 2 .   ? -2.849  -8.578  3.447   0.15 44.42  ?  201 A1CS4 A C06 1 
HETATM 1258 C  C06 D A1CS4 B 2 .   ? -2.850  -8.577  3.447   0.14 44.42  ?  201 A1CS4 A C06 1 
HETATM 1259 S  S07 C A1CS4 B 2 .   ? -3.783  -9.982  3.328   0.15 42.99  ?  201 A1CS4 A S07 1 
HETATM 1260 S  S07 D A1CS4 B 2 .   ? -3.785  -9.982  3.328   0.14 43.04  ?  201 A1CS4 A S07 1 
HETATM 1261 C  C08 C A1CS4 B 2 .   ? -3.150  -7.251  2.865   0.15 43.42  ?  201 A1CS4 A C08 1 
HETATM 1262 C  C08 D A1CS4 B 2 .   ? -3.151  -7.252  2.864   0.14 43.45  ?  201 A1CS4 A C08 1 
HETATM 1263 BR BR9 C A1CS4 B 2 .   ? -0.450  -7.690  4.576   0.15 51.51  ?  201 A1CS4 A BR9 1 
HETATM 1264 BR BR9 D A1CS4 B 2 .   ? -0.449  -7.689  4.576   0.14 51.29  ?  201 A1CS4 A BR9 1 
HETATM 1265 O  O10 C A1CS4 B 2 .   ? -2.281  -13.503 3.972   0.15 45.02  ?  201 A1CS4 A O10 1 
HETATM 1266 O  O10 D A1CS4 B 2 .   ? -2.281  -13.505 3.973   0.14 44.99  ?  201 A1CS4 A O10 1 
HETATM 1267 O  O   . HOH   C 3 .   ? 4.662   -5.172  2.915   1.00 51.80  ?  301 HOH   A O   1 
HETATM 1268 O  O   . HOH   C 3 .   ? -13.460 5.351   -12.082 1.00 51.11  ?  302 HOH   A O   1 
HETATM 1269 O  O   . HOH   C 3 .   ? -6.202  12.471  -8.307  1.00 85.64  ?  303 HOH   A O   1 
HETATM 1270 O  O   . HOH   C 3 .   ? 0.610   14.504  -7.571  1.00 47.25  ?  304 HOH   A O   1 
HETATM 1271 O  O   . HOH   C 3 .   ? 14.258  11.799  -7.744  1.00 57.93  ?  305 HOH   A O   1 
HETATM 1272 O  O   . HOH   C 3 .   ? -1.430  9.123   -14.115 1.00 53.13  ?  306 HOH   A O   1 
HETATM 1273 O  O   . HOH   C 3 .   ? -12.748 -2.932  -11.390 1.00 79.03  ?  307 HOH   A O   1 
HETATM 1274 O  O   . HOH   C 3 .   ? 7.158   -2.813  10.747  1.00 59.03  ?  308 HOH   A O   1 
HETATM 1275 O  O   . HOH   C 3 .   ? -3.884  6.282   12.896  1.00 68.76  ?  309 HOH   A O   1 
HETATM 1276 O  O   . HOH   C 3 .   ? -9.094  9.281   13.001  0.50 92.88  ?  310 HOH   A O   1 
HETATM 1277 O  O   . HOH   C 3 .   ? 12.902  -2.590  2.270   0.50 75.79  ?  311 HOH   A O   1 
HETATM 1278 O  O   . HOH   C 3 .   ? -0.202  -0.176  -14.274 1.00 70.45  ?  312 HOH   A O   1 
HETATM 1279 O  O   . HOH   C 3 .   ? 17.514  5.235   -9.367  1.00 59.85  ?  313 HOH   A O   1 
HETATM 1280 O  O   . HOH   C 3 .   ? 8.838   9.951   -14.274 1.00 75.49  ?  314 HOH   A O   1 
HETATM 1281 O  O   . HOH   C 3 .   ? 7.379   19.053  0.726   1.00 54.87  ?  315 HOH   A O   1 
HETATM 1282 O  O   . HOH   C 3 .   ? 8.689   -11.499 -1.421  1.00 59.91  ?  316 HOH   A O   1 
HETATM 1283 O  O   . HOH   C 3 .   ? -6.379  12.051  -5.780  1.00 58.41  ?  317 HOH   A O   1 
HETATM 1284 O  O   . HOH   C 3 .   ? 4.037   6.068   10.287  1.00 74.61  ?  318 HOH   A O   1 
HETATM 1285 O  O   . HOH   C 3 .   ? 8.264   9.549   -2.299  1.00 41.62  ?  319 HOH   A O   1 
HETATM 1286 O  O   . HOH   C 3 .   ? 7.181   11.825  -3.521  1.00 52.40  ?  320 HOH   A O   1 
HETATM 1287 O  O   . HOH   C 3 .   ? -1.015  -3.742  20.487  1.00 81.24  ?  321 HOH   A O   1 
HETATM 1288 O  O   . HOH   C 3 .   ? 13.592  5.894   -4.618  1.00 43.83  ?  322 HOH   A O   1 
HETATM 1289 O  O   . HOH   C 3 .   ? 8.770   11.448  -5.264  1.00 55.95  ?  323 HOH   A O   1 
HETATM 1290 O  O   . HOH   C 3 .   ? -0.077  3.987   -9.720  1.00 36.24  ?  324 HOH   A O   1 
HETATM 1291 O  O   . HOH   C 3 .   ? 0.005   10.699  -17.028 1.00 61.57  ?  325 HOH   A O   1 
HETATM 1292 O  O   . HOH   C 3 .   ? -15.358 7.898   -1.758  1.00 69.38  ?  326 HOH   A O   1 
HETATM 1293 O  O   . HOH   C 3 .   ? -2.147  0.785   -9.154  1.00 36.39  ?  327 HOH   A O   1 
HETATM 1294 O  O   . HOH   C 3 .   ? 10.676  -2.743  5.087   1.00 134.45 ?  328 HOH   A O   1 
HETATM 1295 O  O   . HOH   C 3 .   ? -2.200  0.986   -12.506 1.00 43.00  ?  329 HOH   A O   1 
HETATM 1296 O  O   . HOH   C 3 .   ? -1.079  2.752   -7.404  1.00 33.70  ?  330 HOH   A O   1 
HETATM 1297 O  O   . HOH   C 3 .   ? 4.228   8.736   3.968   1.00 60.00  ?  331 HOH   A O   1 
HETATM 1298 O  O   . HOH   C 3 .   ? -8.037  -5.462  -14.361 1.00 53.61  ?  332 HOH   A O   1 
HETATM 1299 O  O   . HOH   C 3 .   ? -9.588  10.768  1.465   1.00 77.14  ?  333 HOH   A O   1 
HETATM 1300 O  O   . HOH   C 3 .   ? -11.484 12.137  -6.609  1.00 48.34  ?  334 HOH   A O   1 
HETATM 1301 O  O   . HOH   C 3 .   ? 8.399   -0.569  -9.368  1.00 36.26  ?  335 HOH   A O   1 
HETATM 1302 O  O   . HOH   C 3 .   ? -1.581  -7.373  -12.584 1.00 52.93  ?  336 HOH   A O   1 
HETATM 1303 O  O   . HOH   C 3 .   ? -7.904  9.648   -11.394 1.00 56.60  ?  337 HOH   A O   1 
HETATM 1304 O  O   . HOH   C 3 .   ? 18.022  6.823   -0.486  1.00 51.42  ?  338 HOH   A O   1 
HETATM 1305 O  O   . HOH   C 3 .   ? -11.186 1.880   1.838   1.00 87.72  ?  339 HOH   A O   1 
HETATM 1306 O  O   . HOH   C 3 .   ? -12.963 8.643   -1.332  1.00 46.39  ?  340 HOH   A O   1 
HETATM 1307 O  O   . HOH   C 3 .   ? -17.473 -5.428  -9.590  1.00 67.90  ?  341 HOH   A O   1 
HETATM 1308 O  O   . HOH   C 3 .   ? -7.863  -1.448  3.439   1.00 46.63  ?  342 HOH   A O   1 
HETATM 1309 O  O   . HOH   C 3 .   ? -11.830 0.080   -12.697 1.00 56.54  ?  343 HOH   A O   1 
HETATM 1310 O  O   A HOH   C 3 .   ? -14.851 10.338  -14.605 0.50 57.71  ?  344 HOH   A O   1 
HETATM 1311 O  O   B HOH   C 3 .   ? -14.851 10.338  -14.605 0.50 57.71  ?  344 HOH   A O   1 
HETATM 1312 O  O   . HOH   C 3 .   ? -4.188  -9.599  -11.581 1.00 57.58  ?  345 HOH   A O   1 
HETATM 1313 O  O   . HOH   C 3 .   ? 1.641   11.141  0.610   1.00 52.22  ?  346 HOH   A O   1 
HETATM 1314 O  O   . HOH   C 3 .   ? 7.551   -6.507  -7.104  1.00 63.78  ?  347 HOH   A O   1 
HETATM 1315 O  O   . HOH   C 3 .   ? 11.684  4.570   -13.832 1.00 56.46  ?  348 HOH   A O   1 
HETATM 1316 O  O   . HOH   C 3 .   ? 6.293   -4.118  1.208   1.00 42.01  ?  349 HOH   A O   1 
HETATM 1317 O  O   . HOH   C 3 .   ? 9.861   -9.762  0.716   1.00 72.72  ?  350 HOH   A O   1 
HETATM 1318 O  O   . HOH   C 3 .   ? -5.566  13.382  1.698   1.00 58.74  ?  351 HOH   A O   1 
HETATM 1319 O  O   . HOH   C 3 .   ? 10.793  -5.842  -1.618  1.00 59.95  ?  352 HOH   A O   1 
HETATM 1320 O  O   . HOH   C 3 .   ? -3.599  -14.589 -1.975  1.00 70.72  ?  353 HOH   A O   1 
HETATM 1321 O  O   . HOH   C 3 .   ? 18.287  -3.820  -5.438  1.00 49.60  ?  354 HOH   A O   1 
HETATM 1322 O  O   . HOH   C 3 .   ? 15.369  2.555   -9.809  1.00 55.93  ?  355 HOH   A O   1 
HETATM 1323 O  O   . HOH   C 3 .   ? 9.534   11.220  -0.048  1.00 53.34  ?  356 HOH   A O   1 
HETATM 1324 O  O   . HOH   C 3 .   ? 6.811   5.679   10.006  1.00 52.41  ?  357 HOH   A O   1 
HETATM 1325 O  O   . HOH   C 3 .   ? -11.982 9.492   1.266   1.00 50.38  ?  358 HOH   A O   1 
HETATM 1326 O  O   . HOH   C 3 .   ? 11.323  -6.456  -4.151  1.00 59.74  ?  359 HOH   A O   1 
HETATM 1327 O  O   A HOH   C 3 .   ? -10.363 -6.901  3.880   0.36 63.35  ?  360 HOH   A O   1 
HETATM 1328 O  O   B HOH   C 3 .   ? -10.364 -6.901  3.875   0.34 63.33  ?  360 HOH   A O   1 
HETATM 1329 O  O   . HOH   C 3 .   ? 7.954   3.102   17.469  1.00 63.88  ?  361 HOH   A O   1 
HETATM 1330 O  O   . HOH   C 3 .   ? -7.822  12.920  2.440   1.00 79.73  ?  362 HOH   A O   1 
HETATM 1331 O  O   . HOH   C 3 .   ? -9.069  12.980  -6.901  1.00 63.60  ?  363 HOH   A O   1 
HETATM 1332 O  O   . HOH   C 3 .   ? 0.820   -5.953  -9.845  1.00 46.72  ?  364 HOH   A O   1 
HETATM 1333 O  O   . HOH   C 3 .   ? 11.652  11.585  -8.039  1.00 46.54  ?  365 HOH   A O   1 
HETATM 1334 O  O   . HOH   C 3 .   ? 1.327   -10.784 -7.409  1.00 59.05  ?  366 HOH   A O   1 
HETATM 1335 O  O   . HOH   C 3 .   ? 8.197   -4.037  2.735   1.00 68.06  ?  367 HOH   A O   1 
HETATM 1336 O  O   . HOH   C 3 .   ? 16.837  2.978   -7.096  1.00 56.48  ?  368 HOH   A O   1 
HETATM 1337 O  O   . HOH   C 3 .   ? -10.292 3.491   17.833  1.00 64.50  ?  369 HOH   A O   1 
HETATM 1338 O  O   . HOH   C 3 .   ? 5.692   1.156   -15.433 1.00 56.12  ?  370 HOH   A O   1 
HETATM 1339 O  O   . HOH   C 3 .   ? 11.622  8.710   -14.429 1.00 75.09  ?  371 HOH   A O   1 
HETATM 1340 O  O   . HOH   C 3 .   ? 11.133  0.951   10.033  1.00 63.86  ?  372 HOH   A O   1 
HETATM 1341 O  O   . HOH   C 3 .   ? 3.663   -2.819  23.113  1.00 51.04  ?  373 HOH   A O   1 
HETATM 1342 O  O   . HOH   C 3 .   ? -14.498 1.106   -11.863 1.00 65.03  ?  374 HOH   A O   1 
HETATM 1343 O  O   A HOH   C 3 .   ? 12.106  7.175   8.184   0.50 76.46  ?  375 HOH   A O   1 
HETATM 1344 O  O   B HOH   C 3 .   ? 12.106  7.175   8.184   0.50 76.46  ?  375 HOH   A O   1 
HETATM 1345 O  O   A HOH   C 3 .   ? -3.406  -7.989  2.666   0.36 57.69  ?  376 HOH   A O   1 
HETATM 1346 O  O   B HOH   C 3 .   ? -3.407  -7.989  2.666   0.34 57.72  ?  376 HOH   A O   1 
HETATM 1347 O  O   . HOH   C 3 .   ? 3.349   -5.715  -10.615 1.00 92.35  ?  377 HOH   A O   1 
HETATM 1348 O  O   . HOH   C 3 .   ? -11.344 -0.064  -15.123 1.00 85.90  ?  378 HOH   A O   1 
HETATM 1349 O  O   . HOH   C 3 .   ? -1.088  16.661  -9.908  1.00 63.45  ?  379 HOH   A O   1 
HETATM 1350 O  O   . HOH   C 3 .   ? -12.289 5.809   14.284  0.50 78.96  ?  380 HOH   A O   1 
HETATM 1351 O  O   . HOH   C 3 .   ? 10.455  3.918   -16.508 1.00 76.95  ?  381 HOH   A O   1 
# 
